data_6A91
#
_entry.id   6A91
#
_cell.length_a   1
_cell.length_b   1
_cell.length_c   1
_cell.angle_alpha   90.00
_cell.angle_beta   90.00
_cell.angle_gamma   90.00
#
_symmetry.space_group_name_H-M   'P 1'
#
loop_
_entity.id
_entity.type
_entity.pdbx_description
1 polymer 'Sodium channel protein PaFPC1'
2 polymer Mu-diguetoxin-Dc1a
3 branched 2-acetamido-2-deoxy-beta-D-glucopyranose-(1-4)-2-acetamido-2-deoxy-beta-D-glucopyranose
4 non-polymer 2-acetamido-2-deoxy-beta-D-glucopyranose
5 non-polymer 1,2-DIACYL-SN-GLYCERO-3-PHOSPHOCHOLINE
6 non-polymer '[(3aS,4R,10aS)-2,6-diamino-10,10-dihydroxy-3a,4,9,10-tetrahydro-3H,8H-pyrrolo[1,2-c]purin-4-yl]methyl carbamate'
7 water water
#
loop_
_entity_poly.entity_id
_entity_poly.type
_entity_poly.pdbx_seq_one_letter_code
_entity_poly.pdbx_strand_id
1 'polypeptide(L)'
;MASWSHPQFEKGGGARGGSGGGSWSHPQFEKGFDYKDDDDKGTMADNSPLIREERQRLFRPYTRAMLTAPSAQPAKENGK
TEENKDNSRDKGRGANKDRDGSAHPDQALEQGSRLPARMRNIFPAELASTPLEDFDPFYKNKKTFVVVTKAGDIFRFSGE
KSLWMLDPFTPIRRVAISTMVQPIFSYFIMITILIHCIFMIMPATQTTYILELVFLSIYTIEVVVKVLARGFILHPFAYL
RDPWNWLDFLVTLIGYITLVVDLGHLYALRAFRVLRSWRTVTIVPGWRTIVDALSLSITSLKDLVLLLLFSLFVFAVLGL
QIYMGVLTQKCVKHFPADGSWGNFTDERWFNYTSNSSHWYIPDDWIEYPLCGNSSGAGMCPPGYTCLQGYGGNPNYGYTS
FDTFGWAFLSVFRLVTLDYWEDLYQLALRSAGPWHILFFIIVVFYGTFCFLNFILAVVVMSYTHMVKRADEEKAAERELK
KEKKAASVANNTANGQEQTTIEMNGDEAVVIDNNDQAARQQSDPETPAPSVTQRLTDFLCVWDCCVPWQKLQGAIGAVVL
SPFFELFIAVIIVLNITFMALDHHDMNIEFERILRTGNYIFTSIYIVEAVLKIIALSPKFYFKDSWNVFDFIIVVFAILE
LGLEGVQGLSVFRSFRLLRVFRLAKFWPTLNNFMSVMTKSYGAFVNVMYVMFLLLFIFAIIGMQLFGMNYIDNMERFPDG
DLPRWNFTDFLHSFMIVFRALCGEWIESMWDCMLVGDWSCIPFFVAVFFVGNLVILNLLIALLLNNYGSFCTSPTSDEED
SKDEDALAQIVRIFKRFKPNLNAVKLSPMKPDSEDIVESQEIQGNNIADAEDVLAGEFPPDCCCNAFYKCFPSRPARDSS
VQRMWSNIRRVCFLLAKNKYFQKFVTAVLVITSVLLALEDIYLPQRPVLVNITLYVDYVLTAFFVIEMIIMLFAVGFKKY
FTSKWYWLDFIVVVAYLLNFVLMCAGIEALQTLRLLRVFRLFRPLSKVNGMQVVTSTLVEAVPHIFNVILVGIFFWLVFA
IMGVQLFAGKFYKCVDENSTVLSHEITMDRNDCLHENYTWENSPMNFDHVGNAYLSLLQVATFKGWLQIMNDAIDSREVH
KQPIRETNIYMYLYFIFFIVFGSFFILKLFVCILIDIFRQQRRKAEGLSATDSRTQLIYRRAVMRTMSAKPVKRIPKPTC
HPQSLMYDISVNRKFEYTMMILIILNVAVMAIDHYGQSMEFSEVLDYLNLIFIIIFFVECVIKVSGLRHHYFKDPWNIID
FLYVVLAIAGLMLSDVIEKYFISPTLLRILRILRVGRLLRYFQSARGMRLLLLALRKALRTLFNVSFLLFVIMFVYAVFG
MEFFMHIRDAGAIDDVYNFKTFGQSIILLFQLATSAGWDGVYFAIANEEDCRAPDHELGYPGNCGSRALGIAYLVSYLII
TCLVVINMYAAVILDYVLEVYEDSKEGLTDDDYDMFFEVWQQFDPEATQYIRYDQLSELLEALQPPLQVQKPNKYKILSM
NIPICKDDHIFYKDVLEALVKDVFSRRGSPVEAGDVQAPNVDEAEYKPVSSTLQRQREEYCVRLIQNAWRKHKQQN
;
A
2 'polypeptide(L)' SAKDGDVEGPAGCKKYDVECDSGECCQKQYLWYKWRPLDCRCLKSGFFSSKCVCRDV B
#
# COMPACT_ATOMS: atom_id res chain seq x y z
N ASP A 90 -7.84 37.66 7.74
CA ASP A 90 -9.06 38.44 7.62
C ASP A 90 -9.91 38.34 8.88
N LYS A 91 -10.50 37.15 9.09
CA LYS A 91 -11.31 36.95 10.29
C LYS A 91 -10.44 36.87 11.53
N GLY A 92 -9.29 36.19 11.43
CA GLY A 92 -8.34 36.19 12.54
C GLY A 92 -7.57 37.49 12.63
N ARG A 93 -7.52 38.24 11.52
CA ARG A 93 -6.88 39.55 11.54
C ARG A 93 -7.73 40.56 12.31
N GLY A 94 -9.05 40.49 12.15
CA GLY A 94 -9.92 41.27 13.01
C GLY A 94 -9.97 40.71 14.42
N ALA A 95 -9.78 39.40 14.56
CA ALA A 95 -9.71 38.80 15.89
C ALA A 95 -8.39 39.11 16.56
N ASN A 96 -7.35 39.42 15.77
CA ASN A 96 -6.10 39.89 16.35
C ASN A 96 -6.27 41.26 16.97
N LYS A 97 -7.05 42.13 16.31
CA LYS A 97 -7.34 43.45 16.88
C LYS A 97 -8.41 43.35 17.95
N ASP A 98 -9.18 42.26 17.97
CA ASP A 98 -10.23 42.08 18.96
C ASP A 98 -9.65 41.86 20.35
N ARG A 99 -8.43 41.32 20.42
CA ARG A 99 -7.77 41.17 21.71
C ARG A 99 -7.19 42.48 22.20
N ASP A 100 -7.02 43.45 21.29
CA ASP A 100 -6.18 44.61 21.58
C ASP A 100 -6.88 45.60 22.53
N GLY A 101 -8.14 45.89 22.29
CA GLY A 101 -8.85 46.91 23.05
C GLY A 101 -9.58 46.32 24.24
N SER A 102 -8.93 46.37 25.41
CA SER A 102 -9.48 46.07 26.73
C SER A 102 -9.99 44.63 26.91
N ALA A 103 -9.70 43.74 25.97
CA ALA A 103 -10.14 42.35 26.09
C ALA A 103 -9.17 41.54 26.95
N HIS A 104 -7.94 41.40 26.48
CA HIS A 104 -6.96 40.54 27.15
C HIS A 104 -5.58 41.11 26.92
N PRO A 105 -5.04 41.83 27.90
CA PRO A 105 -3.74 42.49 27.71
C PRO A 105 -2.57 41.58 28.05
N ASP A 106 -1.46 41.75 27.34
CA ASP A 106 -0.29 40.93 27.57
C ASP A 106 0.42 41.33 28.86
N GLN A 107 1.35 40.48 29.28
CA GLN A 107 2.16 40.75 30.46
C GLN A 107 3.65 40.51 30.27
N ALA A 108 4.06 39.80 29.23
CA ALA A 108 5.48 39.54 28.96
C ALA A 108 5.67 39.32 27.46
N LEU A 109 6.92 39.14 27.06
CA LEU A 109 7.25 38.98 25.65
C LEU A 109 8.57 38.22 25.52
N GLU A 110 8.59 37.23 24.62
CA GLU A 110 9.77 36.40 24.41
C GLU A 110 9.91 36.17 22.90
N GLN A 111 10.82 36.92 22.28
CA GLN A 111 11.06 36.82 20.85
C GLN A 111 12.52 37.20 20.62
N GLY A 112 13.36 36.21 20.35
CA GLY A 112 14.78 36.44 20.20
C GLY A 112 15.44 36.88 21.48
N SER A 113 15.42 36.00 22.49
CA SER A 113 16.01 36.20 23.82
C SER A 113 15.42 37.44 24.51
N ARG A 114 14.12 37.36 24.76
CA ARG A 114 13.39 38.44 25.42
C ARG A 114 12.67 37.90 26.67
N LEU A 115 12.62 38.74 27.70
CA LEU A 115 11.96 38.40 28.96
C LEU A 115 11.33 39.66 29.52
N PRO A 116 10.24 40.12 28.92
CA PRO A 116 9.65 41.41 29.29
C PRO A 116 8.71 41.29 30.48
N ALA A 117 8.12 42.44 30.85
CA ALA A 117 7.21 42.51 31.98
C ALA A 117 6.26 43.68 31.73
N ARG A 118 5.05 43.38 31.27
CA ARG A 118 4.00 44.37 31.05
C ARG A 118 2.81 44.06 31.96
N MET A 119 1.77 44.88 31.84
CA MET A 119 0.58 44.72 32.67
C MET A 119 -0.65 45.11 31.84
N ARG A 120 -1.78 45.31 32.52
CA ARG A 120 -3.08 45.48 31.86
C ARG A 120 -3.51 46.94 31.75
N ASN A 121 -2.55 47.86 31.54
CA ASN A 121 -2.76 49.28 31.26
C ASN A 121 -3.47 50.04 32.39
N ILE A 122 -3.60 49.45 33.57
CA ILE A 122 -4.08 50.15 34.75
C ILE A 122 -2.85 50.51 35.58
N PHE A 123 -1.81 49.68 35.46
CA PHE A 123 -0.50 49.97 36.02
C PHE A 123 0.57 49.34 35.13
N PRO A 124 0.57 49.61 33.82
CA PRO A 124 1.57 49.01 32.94
C PRO A 124 2.92 49.69 33.09
N ALA A 125 3.95 49.04 32.55
CA ALA A 125 5.31 49.55 32.63
C ALA A 125 5.97 49.54 31.25
N GLU A 126 5.68 50.58 30.46
CA GLU A 126 6.47 51.03 29.31
C GLU A 126 6.66 49.94 28.25
N LEU A 127 5.54 49.49 27.68
CA LEU A 127 5.63 48.44 26.68
C LEU A 127 6.11 49.00 25.34
N ALA A 128 5.25 49.77 24.68
CA ALA A 128 5.59 50.37 23.39
C ALA A 128 4.35 50.94 22.70
N SER A 129 4.55 51.99 21.93
CA SER A 129 3.45 52.64 21.21
C SER A 129 3.92 53.18 19.87
N THR A 130 5.19 53.57 19.80
CA THR A 130 5.76 54.11 18.57
C THR A 130 7.11 54.78 18.83
N PRO A 131 8.10 53.97 19.18
CA PRO A 131 9.45 54.50 19.46
C PRO A 131 10.51 53.40 19.35
N LEU A 132 10.29 52.28 20.04
CA LEU A 132 11.24 51.16 20.00
C LEU A 132 12.35 51.34 21.04
N GLU A 133 11.96 51.76 22.24
CA GLU A 133 12.87 52.32 23.22
C GLU A 133 13.73 51.24 23.87
N ASP A 134 14.88 51.67 24.41
CA ASP A 134 15.80 50.78 25.09
C ASP A 134 16.42 51.41 26.33
N PHE A 135 15.97 52.61 26.73
CA PHE A 135 16.69 53.38 27.74
C PHE A 135 16.41 52.88 29.15
N ASP A 136 15.15 52.93 29.57
CA ASP A 136 14.77 52.67 30.96
C ASP A 136 14.93 51.19 31.33
N PRO A 137 14.12 50.30 30.77
CA PRO A 137 14.18 48.90 31.20
C PRO A 137 15.07 48.04 30.32
N PHE A 138 15.69 47.02 30.91
CA PHE A 138 16.33 45.97 30.11
C PHE A 138 15.29 45.11 29.43
N TYR A 139 14.08 45.03 30.01
CA TYR A 139 12.95 44.45 29.30
C TYR A 139 12.56 45.29 28.09
N LYS A 140 12.72 46.61 28.18
CA LYS A 140 12.58 47.47 27.00
C LYS A 140 13.79 47.37 26.10
N ASN A 141 14.99 47.22 26.67
CA ASN A 141 16.20 47.07 25.87
C ASN A 141 16.20 45.75 25.11
N LYS A 142 15.61 44.70 25.69
CA LYS A 142 15.40 43.47 24.93
C LYS A 142 14.28 43.64 23.91
N LYS A 143 13.33 44.53 24.19
CA LYS A 143 12.25 44.82 23.26
C LYS A 143 12.66 45.79 22.16
N THR A 144 13.86 46.37 22.23
CA THR A 144 14.35 47.18 21.12
C THR A 144 14.88 46.30 20.00
N PHE A 145 15.57 45.21 20.35
CA PHE A 145 15.89 44.18 19.36
C PHE A 145 14.65 43.38 19.00
N VAL A 146 13.63 43.37 19.88
CA VAL A 146 12.37 42.71 19.62
C VAL A 146 11.35 43.74 19.14
N VAL A 147 11.84 44.85 18.62
CA VAL A 147 10.99 45.78 17.90
C VAL A 147 10.88 45.42 16.43
N VAL A 148 11.89 44.73 15.89
CA VAL A 148 11.89 44.33 14.49
C VAL A 148 11.87 42.82 14.37
N THR A 149 12.43 42.13 15.37
CA THR A 149 12.54 40.67 15.29
C THR A 149 11.27 39.96 15.74
N LYS A 150 10.48 40.59 16.63
CA LYS A 150 9.23 39.97 17.06
C LYS A 150 8.20 39.97 15.94
N ALA A 151 8.14 41.06 15.17
CA ALA A 151 7.28 41.15 13.99
C ALA A 151 8.06 40.94 12.70
N GLY A 152 9.08 40.08 12.73
CA GLY A 152 9.97 39.87 11.62
C GLY A 152 9.33 39.21 10.41
N ASP A 153 8.88 37.97 10.56
CA ASP A 153 8.29 37.26 9.42
C ASP A 153 6.83 37.68 9.21
N ILE A 154 5.94 37.33 10.14
CA ILE A 154 4.62 37.96 10.14
C ILE A 154 4.27 38.51 11.53
N PHE A 155 3.95 37.61 12.47
CA PHE A 155 3.57 38.04 13.81
C PHE A 155 3.93 37.08 14.93
N ARG A 156 4.59 35.94 14.66
CA ARG A 156 4.53 34.78 15.55
C ARG A 156 5.84 34.49 16.27
N PHE A 157 6.65 35.50 16.55
CA PHE A 157 7.87 35.27 17.29
C PHE A 157 7.70 35.37 18.79
N SER A 158 6.64 36.04 19.26
CA SER A 158 6.46 36.34 20.67
C SER A 158 5.42 35.43 21.32
N GLY A 159 5.51 35.31 22.63
CA GLY A 159 4.54 34.57 23.41
C GLY A 159 4.26 35.22 24.74
N GLU A 160 2.99 35.53 25.02
CA GLU A 160 2.63 36.43 26.09
C GLU A 160 1.65 35.77 27.04
N LYS A 161 2.00 35.77 28.34
CA LYS A 161 1.11 35.28 29.40
C LYS A 161 0.00 36.28 29.63
N SER A 162 -0.99 36.30 28.74
CA SER A 162 -1.99 37.35 28.71
C SER A 162 -3.26 36.90 29.40
N LEU A 163 -3.67 37.64 30.44
CA LEU A 163 -4.90 37.35 31.14
C LEU A 163 -5.69 38.63 31.42
N TRP A 164 -5.08 39.78 31.11
CA TRP A 164 -5.56 41.12 31.46
C TRP A 164 -5.77 41.30 32.96
N MET A 165 -5.01 40.54 33.76
CA MET A 165 -5.12 40.62 35.20
C MET A 165 -6.49 40.19 35.68
N LEU A 166 -6.95 39.04 35.22
CA LEU A 166 -8.26 38.51 35.60
C LEU A 166 -8.34 38.28 37.11
N ASP A 167 -7.22 38.48 37.80
CA ASP A 167 -7.16 38.30 39.24
C ASP A 167 -6.02 39.09 39.86
N PRO A 168 -5.87 40.34 39.43
CA PRO A 168 -4.81 41.22 39.95
C PRO A 168 -3.43 40.58 39.78
N PHE A 169 -2.74 40.93 38.70
CA PHE A 169 -1.41 40.39 38.44
C PHE A 169 -0.29 41.33 38.86
N THR A 170 -0.19 41.63 40.17
CA THR A 170 1.10 41.93 40.78
C THR A 170 1.25 41.41 42.22
N PRO A 171 0.98 40.11 42.54
CA PRO A 171 1.69 39.50 43.67
C PRO A 171 2.96 38.78 43.21
N ILE A 172 3.39 37.81 44.03
CA ILE A 172 4.44 36.86 43.67
C ILE A 172 4.10 36.06 42.39
N ARG A 173 2.82 36.08 41.95
CA ARG A 173 2.41 35.62 40.63
C ARG A 173 3.24 36.24 39.51
N ARG A 174 3.69 37.48 39.67
CA ARG A 174 4.51 38.15 38.67
C ARG A 174 5.88 37.47 38.54
N VAL A 175 6.37 36.87 39.62
CA VAL A 175 7.67 36.20 39.57
C VAL A 175 7.57 34.89 38.79
N ALA A 176 6.45 34.18 38.95
CA ALA A 176 6.27 32.93 38.21
C ALA A 176 6.00 33.18 36.74
N ILE A 177 5.53 34.38 36.38
CA ILE A 177 5.51 34.79 34.98
C ILE A 177 6.92 34.96 34.46
N SER A 178 7.80 35.52 35.29
CA SER A 178 9.17 35.79 34.86
C SER A 178 9.98 34.50 34.74
N THR A 179 9.60 33.46 35.49
CA THR A 179 10.30 32.19 35.39
C THR A 179 9.80 31.39 34.19
N MET A 180 8.50 31.48 33.89
CA MET A 180 7.91 30.67 32.84
C MET A 180 8.34 31.13 31.46
N VAL A 181 8.70 32.41 31.32
CA VAL A 181 9.07 32.92 30.01
C VAL A 181 10.53 32.62 29.70
N GLN A 182 11.29 32.13 30.68
CA GLN A 182 12.71 31.83 30.50
C GLN A 182 12.90 30.68 29.54
N PRO A 183 13.94 30.73 28.69
CA PRO A 183 14.20 29.59 27.80
C PRO A 183 14.85 28.41 28.48
N ILE A 184 15.34 28.58 29.71
CA ILE A 184 15.95 27.46 30.43
C ILE A 184 14.89 26.58 31.07
N PHE A 185 13.69 27.13 31.32
CA PHE A 185 12.63 26.37 31.95
C PHE A 185 12.04 25.34 31.00
N SER A 186 11.69 25.76 29.78
CA SER A 186 11.19 24.82 28.78
C SER A 186 12.29 23.92 28.24
N TYR A 187 13.55 24.29 28.42
CA TYR A 187 14.66 23.41 28.10
C TYR A 187 14.91 22.41 29.22
N PHE A 188 14.40 22.66 30.41
CA PHE A 188 14.58 21.73 31.53
C PHE A 188 13.54 20.63 31.55
N ILE A 189 12.28 20.96 31.27
CA ILE A 189 11.23 19.96 31.21
C ILE A 189 11.45 19.01 30.04
N MET A 190 12.04 19.51 28.95
CA MET A 190 12.30 18.66 27.79
C MET A 190 13.41 17.65 28.09
N ILE A 191 14.35 18.01 28.96
CA ILE A 191 15.41 17.06 29.31
C ILE A 191 14.89 15.97 30.23
N THR A 192 14.05 16.31 31.21
CA THR A 192 13.52 15.30 32.11
C THR A 192 12.50 14.37 31.47
N ILE A 193 11.97 14.71 30.29
CA ILE A 193 11.16 13.75 29.55
C ILE A 193 12.03 12.78 28.78
N LEU A 194 13.12 13.26 28.17
CA LEU A 194 14.06 12.38 27.48
C LEU A 194 14.82 11.47 28.45
N ILE A 195 14.88 11.81 29.73
CA ILE A 195 15.43 10.90 30.73
C ILE A 195 14.39 9.87 31.14
N HIS A 196 13.16 10.31 31.38
CA HIS A 196 12.10 9.44 31.85
C HIS A 196 11.68 8.41 30.81
N CYS A 197 11.96 8.66 29.52
CA CYS A 197 11.75 7.63 28.51
C CYS A 197 12.79 6.53 28.61
N ILE A 198 14.00 6.84 29.06
CA ILE A 198 15.04 5.82 29.18
C ILE A 198 14.74 4.89 30.35
N PHE A 199 14.03 5.36 31.37
CA PHE A 199 13.70 4.54 32.52
C PHE A 199 12.41 3.75 32.33
N MET A 200 11.76 3.89 31.17
CA MET A 200 10.65 3.03 30.81
C MET A 200 11.15 1.78 30.09
N ILE A 201 12.19 1.92 29.26
CA ILE A 201 12.65 0.81 28.45
C ILE A 201 13.53 -0.16 29.23
N MET A 202 14.05 0.24 30.35
CA MET A 202 14.75 -0.73 31.17
C MET A 202 13.78 -1.39 32.15
N PRO A 203 13.98 -2.65 32.52
CA PRO A 203 13.07 -3.30 33.45
C PRO A 203 13.19 -2.75 34.86
N ALA A 204 12.13 -2.98 35.64
CA ALA A 204 11.97 -2.35 36.94
C ALA A 204 12.94 -2.96 37.96
N THR A 205 13.01 -2.31 39.12
CA THR A 205 13.95 -2.66 40.17
C THR A 205 13.41 -2.13 41.49
N GLN A 206 14.23 -2.23 42.54
CA GLN A 206 13.88 -1.67 43.84
C GLN A 206 14.02 -0.15 43.88
N THR A 207 14.67 0.45 42.89
CA THR A 207 14.84 1.89 42.83
C THR A 207 13.99 2.54 41.74
N THR A 208 13.00 1.82 41.22
CA THR A 208 12.07 2.44 40.27
C THR A 208 11.07 3.32 41.00
N TYR A 209 10.52 2.81 42.10
CA TYR A 209 9.53 3.57 42.88
C TYR A 209 10.15 4.78 43.55
N ILE A 210 11.45 4.74 43.86
CA ILE A 210 12.12 5.90 44.42
C ILE A 210 12.48 6.90 43.33
N LEU A 211 12.37 6.52 42.06
CA LEU A 211 12.71 7.37 40.94
C LEU A 211 11.51 7.74 40.08
N GLU A 212 10.44 6.95 40.12
CA GLU A 212 9.16 7.41 39.57
C GLU A 212 8.49 8.43 40.46
N LEU A 213 8.95 8.59 41.70
CA LEU A 213 8.36 9.57 42.60
C LEU A 213 8.97 10.95 42.39
N VAL A 214 10.23 11.04 41.97
CA VAL A 214 10.85 12.35 41.80
C VAL A 214 10.42 13.01 40.50
N PHE A 215 10.23 12.22 39.42
CA PHE A 215 9.78 12.79 38.16
C PHE A 215 8.32 13.17 38.19
N LEU A 216 7.53 12.53 39.06
CA LEU A 216 6.18 13.02 39.29
C LEU A 216 6.19 14.32 40.07
N SER A 217 7.23 14.54 40.88
CA SER A 217 7.33 15.78 41.64
C SER A 217 7.84 16.94 40.80
N ILE A 218 8.57 16.67 39.71
CA ILE A 218 8.96 17.75 38.80
C ILE A 218 7.77 18.22 37.99
N TYR A 219 7.03 17.29 37.40
CA TYR A 219 5.94 17.62 36.49
C TYR A 219 4.73 18.22 37.21
N THR A 220 4.66 18.09 38.52
CA THR A 220 3.62 18.76 39.29
C THR A 220 4.03 20.15 39.73
N ILE A 221 5.29 20.53 39.52
CA ILE A 221 5.71 21.90 39.77
C ILE A 221 5.42 22.79 38.56
N GLU A 222 5.65 22.31 37.34
CA GLU A 222 5.28 23.14 36.19
C GLU A 222 3.79 23.21 35.94
N VAL A 223 2.98 22.39 36.62
CA VAL A 223 1.54 22.58 36.51
C VAL A 223 1.04 23.53 37.59
N VAL A 224 1.85 23.79 38.62
CA VAL A 224 1.41 24.69 39.67
C VAL A 224 2.08 26.04 39.46
N VAL A 225 3.14 26.07 38.65
CA VAL A 225 3.73 27.35 38.25
C VAL A 225 2.96 27.95 37.08
N LYS A 226 2.65 27.14 36.07
CA LYS A 226 1.92 27.63 34.90
C LYS A 226 0.44 27.85 35.17
N VAL A 227 -0.05 27.69 36.38
CA VAL A 227 -1.38 28.15 36.77
C VAL A 227 -1.29 29.35 37.70
N LEU A 228 -0.37 29.33 38.66
CA LEU A 228 -0.15 30.47 39.51
C LEU A 228 0.66 31.57 38.83
N ALA A 229 0.95 31.44 37.53
CA ALA A 229 1.41 32.58 36.75
C ALA A 229 0.27 33.17 35.93
N ARG A 230 -0.62 32.30 35.45
CA ARG A 230 -1.84 32.60 34.70
C ARG A 230 -2.64 31.33 34.59
N GLY A 231 -3.95 31.40 34.79
CA GLY A 231 -4.71 30.20 34.47
C GLY A 231 -5.92 29.78 35.26
N PHE A 232 -6.98 29.51 34.53
CA PHE A 232 -8.24 28.92 34.98
C PHE A 232 -8.79 28.13 33.81
N ILE A 233 -10.08 27.80 33.86
CA ILE A 233 -10.86 27.50 32.67
C ILE A 233 -11.93 28.58 32.46
N LEU A 234 -11.74 29.74 33.07
CA LEU A 234 -12.81 30.72 33.26
C LEU A 234 -12.72 31.92 32.33
N HIS A 235 -11.67 32.00 31.52
CA HIS A 235 -11.44 33.16 30.67
C HIS A 235 -10.53 32.73 29.52
N PRO A 236 -10.46 33.50 28.44
CA PRO A 236 -9.54 33.13 27.35
C PRO A 236 -8.08 33.27 27.73
N PHE A 237 -7.26 32.48 27.02
CA PHE A 237 -5.81 32.32 27.17
C PHE A 237 -5.37 31.70 28.50
N ALA A 238 -6.31 31.19 29.29
CA ALA A 238 -6.03 30.95 30.70
C ALA A 238 -5.04 29.84 31.01
N TYR A 239 -5.46 28.57 30.99
CA TYR A 239 -4.49 27.48 31.02
C TYR A 239 -4.96 26.25 30.25
N LEU A 240 -6.27 26.03 30.19
CA LEU A 240 -6.79 24.84 29.54
C LEU A 240 -7.25 25.12 28.14
N ARG A 241 -6.78 26.22 27.54
CA ARG A 241 -7.16 26.51 26.16
C ARG A 241 -6.40 25.62 25.19
N ASP A 242 -5.07 25.69 25.21
CA ASP A 242 -4.31 24.90 24.24
C ASP A 242 -4.19 23.45 24.70
N PRO A 243 -4.09 22.51 23.75
CA PRO A 243 -4.03 21.10 24.14
C PRO A 243 -2.74 20.68 24.81
N TRP A 244 -1.66 21.46 24.67
CA TRP A 244 -0.38 21.05 25.24
C TRP A 244 -0.41 21.14 26.77
N ASN A 245 -0.99 22.20 27.32
CA ASN A 245 -1.19 22.24 28.76
C ASN A 245 -2.30 21.32 29.20
N TRP A 246 -3.18 20.92 28.29
CA TRP A 246 -4.23 19.94 28.53
C TRP A 246 -3.69 18.52 28.47
N LEU A 247 -2.42 18.35 28.10
CA LEU A 247 -1.71 17.07 28.12
C LEU A 247 -0.87 16.89 29.38
N ASP A 248 -0.38 17.99 29.97
CA ASP A 248 0.16 17.94 31.32
C ASP A 248 -0.89 17.47 32.31
N PHE A 249 -2.10 18.01 32.20
CA PHE A 249 -3.02 17.92 33.32
C PHE A 249 -3.68 16.54 33.40
N LEU A 250 -4.03 15.95 32.26
CA LEU A 250 -4.66 14.63 32.32
C LEU A 250 -3.66 13.54 32.64
N VAL A 251 -2.38 13.75 32.32
CA VAL A 251 -1.37 12.73 32.62
C VAL A 251 -0.86 12.88 34.06
N THR A 252 -0.84 14.09 34.60
CA THR A 252 -0.44 14.24 36.00
C THR A 252 -1.54 13.81 36.95
N LEU A 253 -2.81 13.94 36.55
CA LEU A 253 -3.89 13.33 37.34
C LEU A 253 -3.81 11.81 37.33
N ILE A 254 -3.31 11.22 36.25
CA ILE A 254 -3.07 9.78 36.22
C ILE A 254 -2.00 9.38 37.23
N GLY A 255 -0.94 10.18 37.32
CA GLY A 255 0.14 9.91 38.26
C GLY A 255 -0.25 10.02 39.72
N TYR A 256 -1.33 10.75 40.02
CA TYR A 256 -1.83 10.82 41.38
C TYR A 256 -2.98 9.87 41.65
N ILE A 257 -3.54 9.23 40.62
CA ILE A 257 -4.51 8.16 40.85
C ILE A 257 -3.78 6.86 41.16
N THR A 258 -2.75 6.54 40.39
CA THR A 258 -2.04 5.27 40.55
C THR A 258 -1.04 5.26 41.72
N LEU A 259 -1.14 6.21 42.65
CA LEU A 259 -0.27 6.25 43.81
C LEU A 259 -1.01 6.25 45.15
N VAL A 260 -2.34 6.15 45.15
CA VAL A 260 -3.05 6.33 46.42
C VAL A 260 -3.81 5.08 46.87
N VAL A 261 -4.81 4.63 46.10
CA VAL A 261 -5.67 3.54 46.57
C VAL A 261 -5.59 2.39 45.56
N ASP A 262 -5.41 2.72 44.29
CA ASP A 262 -5.57 1.75 43.22
C ASP A 262 -4.29 0.93 43.09
N LEU A 263 -4.37 -0.36 43.39
CA LEU A 263 -3.23 -1.28 43.30
C LEU A 263 -3.44 -2.35 42.25
N GLY A 264 -4.60 -3.00 42.23
CA GLY A 264 -4.89 -4.00 41.24
C GLY A 264 -6.00 -3.58 40.30
N HIS A 265 -6.94 -2.80 40.81
CA HIS A 265 -8.03 -2.28 40.01
C HIS A 265 -7.63 -0.91 39.45
N LEU A 266 -8.09 -0.65 38.22
CA LEU A 266 -7.71 0.52 37.41
C LEU A 266 -6.19 0.61 37.23
N TYR A 267 -5.54 -0.55 37.17
CA TYR A 267 -4.09 -0.62 37.03
C TYR A 267 -3.64 -0.37 35.61
N ALA A 268 -4.56 -0.43 34.63
CA ALA A 268 -4.23 -0.16 33.25
C ALA A 268 -3.99 1.32 32.96
N LEU A 269 -4.27 2.21 33.92
CA LEU A 269 -4.11 3.62 33.65
C LEU A 269 -2.66 4.09 33.73
N ARG A 270 -1.77 3.34 34.38
CA ARG A 270 -0.38 3.79 34.44
C ARG A 270 0.36 3.60 33.14
N ALA A 271 -0.25 2.94 32.15
CA ALA A 271 0.38 2.81 30.84
C ALA A 271 0.38 4.09 30.06
N PHE A 272 -0.48 5.06 30.42
CA PHE A 272 -0.69 6.25 29.64
C PHE A 272 0.13 7.43 30.12
N ARG A 273 1.11 7.20 30.98
CA ARG A 273 2.07 8.23 31.32
C ARG A 273 3.17 8.36 30.26
N VAL A 274 3.11 7.56 29.20
CA VAL A 274 4.01 7.67 28.07
C VAL A 274 3.51 8.72 27.09
N LEU A 275 2.23 9.10 27.18
CA LEU A 275 1.65 10.10 26.29
C LEU A 275 2.26 11.48 26.48
N ARG A 276 2.93 11.72 27.62
CA ARG A 276 3.63 12.98 27.84
C ARG A 276 4.80 13.13 26.90
N SER A 277 5.36 12.01 26.42
CA SER A 277 6.48 12.03 25.48
C SER A 277 6.09 12.47 24.09
N TRP A 278 4.87 12.90 23.83
CA TRP A 278 4.53 13.53 22.57
C TRP A 278 4.97 14.98 22.52
N ARG A 279 5.38 15.55 23.66
CA ARG A 279 5.86 16.92 23.69
C ARG A 279 7.17 17.07 22.93
N THR A 280 7.97 16.03 22.87
CA THR A 280 9.29 16.14 22.25
C THR A 280 9.25 16.09 20.73
N VAL A 281 8.08 16.25 20.10
CA VAL A 281 8.06 16.54 18.67
C VAL A 281 8.64 17.92 18.42
N THR A 282 8.45 18.85 19.36
CA THR A 282 8.88 20.23 19.24
C THR A 282 10.37 20.41 19.35
N ILE A 283 11.21 19.38 19.38
CA ILE A 283 12.65 19.58 19.45
C ILE A 283 13.29 19.56 18.06
N VAL A 284 12.65 18.95 17.07
CA VAL A 284 13.20 18.87 15.72
C VAL A 284 12.69 20.06 14.92
N PRO A 285 13.54 20.77 14.18
CA PRO A 285 13.09 22.00 13.52
C PRO A 285 12.18 21.72 12.34
N GLY A 286 11.18 22.59 12.18
CA GLY A 286 10.17 22.39 11.16
C GLY A 286 9.08 21.43 11.56
N TRP A 287 8.76 21.37 12.85
CA TRP A 287 7.76 20.41 13.31
C TRP A 287 6.35 20.87 13.05
N ARG A 288 6.15 22.13 12.65
CA ARG A 288 4.79 22.63 12.52
C ARG A 288 4.15 22.22 11.20
N THR A 289 4.95 21.98 10.17
CA THR A 289 4.39 21.67 8.87
C THR A 289 4.06 20.20 8.71
N ILE A 290 4.37 19.37 9.70
CA ILE A 290 4.01 17.97 9.68
C ILE A 290 2.93 17.65 10.72
N VAL A 291 3.02 18.24 11.90
CA VAL A 291 2.02 18.02 12.94
C VAL A 291 0.68 18.67 12.56
N ASP A 292 0.72 19.85 11.96
CA ASP A 292 -0.52 20.45 11.48
C ASP A 292 -1.06 19.71 10.28
N ALA A 293 -0.20 19.10 9.47
CA ALA A 293 -0.68 18.25 8.38
C ALA A 293 -1.18 16.91 8.90
N LEU A 294 -0.57 16.40 9.96
CA LEU A 294 -1.09 15.23 10.64
C LEU A 294 -2.40 15.53 11.36
N SER A 295 -2.62 16.78 11.75
CA SER A 295 -3.87 17.18 12.40
C SER A 295 -4.97 17.50 11.41
N LEU A 296 -4.62 18.06 10.26
CA LEU A 296 -5.62 18.33 9.22
C LEU A 296 -6.09 17.05 8.55
N SER A 297 -5.28 15.99 8.57
CA SER A 297 -5.68 14.73 7.95
C SER A 297 -6.74 14.03 8.78
N ILE A 298 -6.61 14.07 10.12
CA ILE A 298 -7.58 13.39 10.96
C ILE A 298 -8.90 14.13 10.98
N THR A 299 -8.87 15.46 10.93
CA THR A 299 -10.12 16.20 10.91
C THR A 299 -10.77 16.26 9.54
N SER A 300 -10.10 15.77 8.49
CA SER A 300 -10.70 15.73 7.17
C SER A 300 -11.22 14.35 6.79
N LEU A 301 -10.88 13.31 7.55
CA LEU A 301 -11.38 11.98 7.32
C LEU A 301 -12.66 11.67 8.09
N LYS A 302 -13.36 12.70 8.55
CA LYS A 302 -14.65 12.48 9.21
C LYS A 302 -15.68 12.00 8.20
N ASP A 303 -15.57 12.45 6.97
CA ASP A 303 -16.51 12.16 5.90
C ASP A 303 -16.23 10.84 5.21
N LEU A 304 -15.06 10.25 5.45
CA LEU A 304 -14.68 9.02 4.79
C LEU A 304 -14.84 7.82 5.70
N VAL A 305 -14.52 7.98 6.99
CA VAL A 305 -14.70 6.92 7.97
C VAL A 305 -16.16 6.57 8.11
N LEU A 306 -17.04 7.56 8.07
CA LEU A 306 -18.48 7.28 8.09
C LEU A 306 -18.96 6.67 6.78
N LEU A 307 -18.23 6.87 5.68
CA LEU A 307 -18.58 6.20 4.44
C LEU A 307 -17.97 4.81 4.36
N LEU A 308 -16.82 4.61 5.03
CA LEU A 308 -16.22 3.29 5.09
C LEU A 308 -16.85 2.42 6.16
N LEU A 309 -17.40 3.03 7.21
CA LEU A 309 -18.18 2.24 8.16
C LEU A 309 -19.51 1.80 7.59
N PHE A 310 -20.00 2.47 6.56
CA PHE A 310 -21.22 2.04 5.90
C PHE A 310 -20.97 0.92 4.91
N SER A 311 -19.84 0.96 4.20
CA SER A 311 -19.57 -0.06 3.21
C SER A 311 -19.05 -1.35 3.82
N LEU A 312 -18.41 -1.27 4.99
CA LEU A 312 -18.08 -2.50 5.70
C LEU A 312 -19.32 -3.13 6.29
N PHE A 313 -20.30 -2.32 6.69
CA PHE A 313 -21.53 -2.85 7.23
C PHE A 313 -22.34 -3.58 6.17
N VAL A 314 -22.36 -3.08 4.94
CA VAL A 314 -23.12 -3.73 3.89
C VAL A 314 -22.41 -4.97 3.37
N PHE A 315 -21.13 -5.15 3.70
CA PHE A 315 -20.36 -6.36 3.37
C PHE A 315 -20.33 -7.36 4.51
N ALA A 316 -20.33 -6.91 5.76
CA ALA A 316 -20.43 -7.83 6.88
C ALA A 316 -21.79 -8.50 6.92
N VAL A 317 -22.83 -7.80 6.50
CA VAL A 317 -24.14 -8.42 6.36
C VAL A 317 -24.16 -9.37 5.17
N LEU A 318 -23.57 -8.96 4.05
CA LEU A 318 -23.60 -9.78 2.84
C LEU A 318 -22.72 -11.01 2.98
N GLY A 319 -21.64 -10.93 3.74
CA GLY A 319 -20.84 -12.11 4.00
C GLY A 319 -21.42 -13.02 5.05
N LEU A 320 -22.20 -12.47 5.98
CA LEU A 320 -22.86 -13.29 6.98
C LEU A 320 -23.95 -14.17 6.40
N GLN A 321 -24.62 -13.71 5.34
CA GLN A 321 -25.74 -14.47 4.82
C GLN A 321 -25.29 -15.66 3.98
N ILE A 322 -24.14 -15.57 3.32
CA ILE A 322 -23.71 -16.60 2.39
C ILE A 322 -22.47 -17.34 2.87
N TYR A 323 -21.96 -17.05 4.06
CA TYR A 323 -20.82 -17.79 4.59
C TYR A 323 -20.98 -18.21 6.05
N MET A 324 -22.18 -18.14 6.62
CA MET A 324 -22.30 -18.55 8.02
C MET A 324 -22.29 -20.06 8.12
N GLY A 325 -21.44 -20.57 9.01
CA GLY A 325 -21.24 -21.99 9.15
C GLY A 325 -20.44 -22.66 8.06
N VAL A 326 -20.08 -21.95 6.99
CA VAL A 326 -19.35 -22.54 5.88
C VAL A 326 -17.93 -22.89 6.30
N LEU A 327 -17.32 -22.07 7.13
CA LEU A 327 -15.94 -22.28 7.53
C LEU A 327 -15.76 -23.33 8.63
N THR A 328 -16.78 -24.12 8.98
CA THR A 328 -16.61 -25.21 9.93
C THR A 328 -16.89 -26.56 9.29
N GLN A 329 -16.70 -26.69 7.98
CA GLN A 329 -17.01 -27.92 7.29
C GLN A 329 -15.80 -28.84 7.30
N LYS A 330 -15.93 -29.97 7.99
CA LYS A 330 -14.84 -30.93 8.09
C LYS A 330 -15.32 -32.34 7.73
N CYS A 331 -14.57 -33.01 6.86
CA CYS A 331 -14.92 -34.36 6.43
C CYS A 331 -14.94 -35.32 7.62
N VAL A 332 -16.07 -35.99 7.81
CA VAL A 332 -16.22 -36.94 8.91
C VAL A 332 -16.45 -38.36 8.38
N LYS A 333 -15.62 -39.29 8.84
CA LYS A 333 -15.74 -40.68 8.43
C LYS A 333 -17.16 -41.20 8.57
N HIS A 334 -17.55 -42.10 7.66
CA HIS A 334 -18.83 -42.79 7.73
C HIS A 334 -19.01 -43.53 9.04
N PHE A 335 -20.24 -43.67 9.46
CA PHE A 335 -20.58 -44.49 10.60
C PHE A 335 -20.34 -45.95 10.24
N PRO A 336 -19.67 -46.73 11.08
CA PRO A 336 -19.15 -48.05 10.68
C PRO A 336 -20.26 -49.06 10.44
N ALA A 337 -20.31 -49.59 9.24
CA ALA A 337 -21.24 -50.68 8.93
C ALA A 337 -20.77 -51.94 9.64
N ASP A 338 -21.63 -52.44 10.54
CA ASP A 338 -21.47 -53.73 11.22
C ASP A 338 -20.19 -53.79 12.05
N GLY A 339 -19.81 -52.65 12.63
CA GLY A 339 -18.58 -52.53 13.37
C GLY A 339 -18.80 -52.50 14.86
N SER A 340 -17.82 -51.97 15.57
CA SER A 340 -17.75 -52.01 17.02
C SER A 340 -18.56 -50.94 17.71
N TRP A 341 -19.49 -50.30 17.02
CA TRP A 341 -20.28 -49.23 17.61
C TRP A 341 -21.70 -49.74 17.78
N GLY A 342 -22.59 -48.87 18.23
CA GLY A 342 -23.98 -49.25 18.42
C GLY A 342 -24.71 -49.47 17.10
N ASN A 343 -25.90 -50.07 17.23
CA ASN A 343 -26.68 -50.41 16.03
C ASN A 343 -27.40 -49.19 15.48
N PHE A 344 -28.33 -48.65 16.25
CA PHE A 344 -29.31 -47.71 15.73
C PHE A 344 -28.69 -46.33 15.61
N THR A 345 -28.76 -45.75 14.42
CA THR A 345 -28.22 -44.42 14.19
C THR A 345 -29.15 -43.33 14.72
N ASP A 346 -29.45 -43.37 16.02
CA ASP A 346 -30.35 -42.41 16.64
C ASP A 346 -29.54 -41.32 17.36
N GLU A 347 -28.74 -41.72 18.35
CA GLU A 347 -27.84 -40.81 19.03
C GLU A 347 -26.41 -41.33 19.01
N ARG A 348 -26.17 -42.52 18.47
CA ARG A 348 -24.81 -42.98 18.26
C ARG A 348 -24.20 -42.34 17.03
N TRP A 349 -25.02 -41.87 16.09
CA TRP A 349 -24.49 -41.10 14.98
C TRP A 349 -23.98 -39.75 15.44
N PHE A 350 -24.48 -39.24 16.56
CA PHE A 350 -24.00 -38.00 17.13
C PHE A 350 -22.92 -38.22 18.18
N ASN A 351 -22.67 -39.45 18.59
CA ASN A 351 -21.48 -39.74 19.38
C ASN A 351 -20.32 -40.23 18.53
N TYR A 352 -20.59 -40.73 17.33
CA TYR A 352 -19.49 -41.16 16.46
C TYR A 352 -18.91 -39.96 15.75
N THR A 353 -19.72 -39.31 14.93
CA THR A 353 -19.46 -37.95 14.52
C THR A 353 -19.52 -37.07 15.77
N SER A 354 -18.77 -35.96 15.76
CA SER A 354 -18.47 -35.13 16.93
C SER A 354 -17.69 -35.92 17.98
N ASN A 355 -16.76 -36.73 17.52
CA ASN A 355 -15.65 -37.24 18.30
C ASN A 355 -14.40 -36.95 17.48
N SER A 356 -13.44 -36.26 18.07
CA SER A 356 -12.33 -35.66 17.34
C SER A 356 -11.39 -36.67 16.70
N SER A 357 -11.47 -37.94 17.06
CA SER A 357 -10.68 -38.95 16.37
C SER A 357 -11.34 -39.45 15.09
N HIS A 358 -12.46 -38.87 14.68
CA HIS A 358 -13.12 -39.29 13.46
C HIS A 358 -13.19 -38.16 12.43
N TRP A 359 -12.32 -37.18 12.56
CA TRP A 359 -12.10 -36.14 11.57
C TRP A 359 -10.76 -36.44 10.92
N TYR A 360 -10.43 -35.76 9.81
CA TYR A 360 -9.39 -36.31 8.96
C TYR A 360 -7.98 -36.05 9.49
N ILE A 361 -7.54 -34.78 9.51
CA ILE A 361 -6.24 -34.30 10.02
C ILE A 361 -5.07 -35.11 9.48
N PRO A 362 -4.58 -34.85 8.25
CA PRO A 362 -3.75 -35.83 7.55
C PRO A 362 -2.44 -36.28 8.19
N ASP A 363 -1.46 -35.39 8.39
CA ASP A 363 -0.12 -35.84 8.82
C ASP A 363 0.49 -34.73 9.67
N ASP A 364 0.24 -34.79 10.98
CA ASP A 364 0.74 -33.85 11.99
C ASP A 364 0.51 -32.39 11.61
N TRP A 365 -0.76 -32.05 11.40
CA TRP A 365 -1.15 -30.68 11.14
C TRP A 365 -1.82 -30.07 12.35
N ILE A 366 -1.91 -28.74 12.34
CA ILE A 366 -2.51 -28.03 13.47
C ILE A 366 -4.02 -27.93 13.28
N GLU A 367 -4.45 -27.32 12.19
CA GLU A 367 -5.85 -27.14 11.89
C GLU A 367 -6.35 -28.27 11.01
N TYR A 368 -7.67 -28.33 10.85
CA TYR A 368 -8.20 -29.50 10.20
C TYR A 368 -8.66 -29.09 8.81
N PRO A 369 -8.41 -29.89 7.78
CA PRO A 369 -8.69 -29.43 6.42
C PRO A 369 -10.17 -29.36 6.11
N LEU A 370 -10.54 -28.33 5.37
CA LEU A 370 -11.91 -28.07 4.98
C LEU A 370 -12.21 -28.75 3.66
N CYS A 371 -13.50 -28.96 3.40
CA CYS A 371 -13.93 -29.60 2.17
C CYS A 371 -15.30 -29.04 1.81
N GLY A 372 -15.83 -29.47 0.68
CA GLY A 372 -17.10 -28.93 0.23
C GLY A 372 -17.80 -29.90 -0.69
N ASN A 373 -19.14 -29.84 -0.70
CA ASN A 373 -19.94 -30.64 -1.61
C ASN A 373 -19.99 -30.08 -3.01
N SER A 374 -19.37 -28.93 -3.29
CA SER A 374 -19.44 -28.31 -4.61
C SER A 374 -18.50 -28.98 -5.60
N SER A 375 -18.29 -28.36 -6.75
CA SER A 375 -17.60 -29.04 -7.85
C SER A 375 -16.10 -28.78 -7.87
N GLY A 376 -15.67 -27.55 -7.67
CA GLY A 376 -14.25 -27.27 -7.69
C GLY A 376 -13.69 -27.17 -6.29
N ALA A 377 -14.54 -27.40 -5.29
CA ALA A 377 -14.13 -27.33 -3.91
C ALA A 377 -13.30 -28.55 -3.58
N GLY A 378 -12.52 -28.49 -2.51
CA GLY A 378 -11.70 -29.63 -2.13
C GLY A 378 -12.56 -30.75 -1.61
N MET A 379 -12.21 -31.99 -1.94
CA MET A 379 -12.99 -33.14 -1.50
C MET A 379 -12.30 -33.92 -0.37
N CYS A 380 -12.99 -34.94 0.14
CA CYS A 380 -12.46 -35.76 1.23
C CYS A 380 -11.95 -37.10 0.71
N PRO A 381 -11.02 -37.75 1.51
CA PRO A 381 -10.54 -39.05 0.98
C PRO A 381 -11.62 -40.10 0.75
N PRO A 382 -11.26 -41.35 0.45
CA PRO A 382 -12.31 -42.33 0.21
C PRO A 382 -12.80 -42.97 1.50
N GLY A 383 -14.11 -42.89 1.75
CA GLY A 383 -14.69 -43.46 2.95
C GLY A 383 -15.06 -42.41 3.98
N TYR A 384 -14.97 -41.14 3.56
CA TYR A 384 -15.29 -40.03 4.44
C TYR A 384 -16.45 -39.23 3.87
N THR A 385 -16.67 -38.05 4.40
CA THR A 385 -17.77 -37.21 3.93
C THR A 385 -17.74 -35.84 4.57
N CYS A 386 -18.15 -34.83 3.80
CA CYS A 386 -18.18 -33.46 4.31
C CYS A 386 -19.43 -33.21 5.13
N LEU A 387 -19.26 -32.56 6.27
CA LEU A 387 -20.38 -32.27 7.16
C LEU A 387 -20.19 -30.90 7.77
N GLN A 388 -21.29 -30.22 8.05
CA GLN A 388 -21.27 -28.85 8.53
C GLN A 388 -21.69 -28.82 9.99
N GLY A 389 -21.02 -27.99 10.78
CA GLY A 389 -21.14 -28.05 12.22
C GLY A 389 -19.88 -28.66 12.79
N TYR A 390 -20.00 -29.40 13.89
CA TYR A 390 -18.93 -30.21 14.48
C TYR A 390 -17.73 -29.33 14.86
N GLY A 391 -17.99 -28.54 15.89
CA GLY A 391 -17.30 -27.34 16.31
C GLY A 391 -15.80 -27.29 16.22
N GLY A 392 -15.31 -26.11 15.92
CA GLY A 392 -13.93 -25.92 15.55
C GLY A 392 -13.95 -25.02 14.34
N ASN A 393 -13.26 -23.91 14.43
CA ASN A 393 -13.32 -22.84 13.47
C ASN A 393 -11.86 -22.43 13.33
N PRO A 394 -11.39 -22.08 12.13
CA PRO A 394 -9.95 -21.89 11.94
C PRO A 394 -9.41 -20.70 12.70
N ASN A 395 -8.11 -20.81 13.02
CA ASN A 395 -7.31 -19.78 13.72
C ASN A 395 -7.89 -19.49 15.09
N TYR A 396 -7.98 -20.55 15.90
CA TYR A 396 -8.46 -20.59 17.28
C TYR A 396 -9.94 -20.26 17.43
N GLY A 397 -10.67 -20.11 16.33
CA GLY A 397 -12.06 -19.71 16.36
C GLY A 397 -12.29 -18.29 15.92
N TYR A 398 -11.26 -17.60 15.45
CA TYR A 398 -11.31 -16.17 15.20
C TYR A 398 -11.49 -15.83 13.73
N THR A 399 -11.45 -16.81 12.84
CA THR A 399 -11.67 -16.60 11.42
C THR A 399 -12.99 -17.26 11.07
N SER A 400 -14.02 -16.46 10.85
CA SER A 400 -15.34 -17.00 10.60
C SER A 400 -16.19 -15.95 9.93
N PHE A 401 -17.44 -16.31 9.68
CA PHE A 401 -18.46 -15.38 9.21
C PHE A 401 -19.80 -15.62 9.87
N ASP A 402 -19.84 -16.27 11.02
CA ASP A 402 -21.10 -16.78 11.55
C ASP A 402 -21.73 -15.89 12.60
N THR A 403 -21.15 -14.73 12.85
CA THR A 403 -21.73 -13.71 13.72
C THR A 403 -21.40 -12.38 13.08
N PHE A 404 -22.27 -11.38 13.26
CA PHE A 404 -22.00 -10.07 12.71
C PHE A 404 -20.75 -9.44 13.30
N GLY A 405 -20.42 -9.76 14.55
CA GLY A 405 -19.17 -9.28 15.12
C GLY A 405 -17.95 -9.87 14.44
N TRP A 406 -17.98 -11.17 14.17
CA TRP A 406 -16.83 -11.80 13.51
C TRP A 406 -16.85 -11.64 12.00
N ALA A 407 -18.00 -11.44 11.40
CA ALA A 407 -18.02 -11.11 9.99
C ALA A 407 -17.57 -9.70 9.72
N PHE A 408 -17.65 -8.83 10.72
CA PHE A 408 -17.14 -7.48 10.55
C PHE A 408 -15.64 -7.44 10.67
N LEU A 409 -15.03 -8.43 11.32
CA LEU A 409 -13.58 -8.48 11.43
C LEU A 409 -12.94 -9.15 10.22
N SER A 410 -13.59 -10.18 9.67
CA SER A 410 -13.03 -10.88 8.52
C SER A 410 -13.14 -10.07 7.25
N VAL A 411 -14.13 -9.18 7.16
CA VAL A 411 -14.21 -8.30 6.00
C VAL A 411 -13.19 -7.18 6.13
N PHE A 412 -12.88 -6.78 7.36
CA PHE A 412 -11.94 -5.67 7.56
C PHE A 412 -10.50 -6.07 7.26
N ARG A 413 -10.10 -7.32 7.55
CA ARG A 413 -8.78 -7.77 7.14
C ARG A 413 -8.68 -7.98 5.64
N LEU A 414 -9.80 -8.07 4.95
CA LEU A 414 -9.81 -8.24 3.51
C LEU A 414 -9.71 -6.90 2.81
N VAL A 415 -10.20 -5.84 3.44
CA VAL A 415 -9.95 -4.48 2.95
C VAL A 415 -8.52 -4.08 3.23
N THR A 416 -7.99 -4.53 4.37
CA THR A 416 -6.63 -4.23 4.76
C THR A 416 -5.60 -4.95 3.88
N LEU A 417 -5.93 -6.18 3.45
CA LEU A 417 -5.08 -7.15 2.74
C LEU A 417 -3.90 -7.64 3.56
N ASP A 418 -4.14 -8.09 4.78
CA ASP A 418 -3.10 -8.78 5.55
C ASP A 418 -3.47 -10.24 5.74
N TYR A 419 -2.65 -11.12 5.16
CA TYR A 419 -2.80 -12.57 5.26
C TYR A 419 -4.18 -12.99 4.76
N TRP A 420 -4.64 -12.32 3.71
CA TRP A 420 -6.00 -12.52 3.24
C TRP A 420 -6.11 -13.72 2.35
N GLU A 421 -5.00 -14.28 1.89
CA GLU A 421 -5.09 -15.49 1.10
C GLU A 421 -5.39 -16.70 1.96
N ASP A 422 -5.16 -16.64 3.26
CA ASP A 422 -5.61 -17.73 4.12
C ASP A 422 -7.12 -17.67 4.33
N LEU A 423 -7.73 -16.53 4.11
CA LEU A 423 -9.18 -16.40 4.09
C LEU A 423 -9.74 -16.65 2.70
N TYR A 424 -9.01 -16.20 1.67
CA TYR A 424 -9.37 -16.45 0.29
C TYR A 424 -9.35 -17.94 -0.02
N GLN A 425 -8.35 -18.65 0.46
CA GLN A 425 -8.24 -20.06 0.15
C GLN A 425 -9.12 -20.94 1.03
N LEU A 426 -9.56 -20.43 2.17
CA LEU A 426 -10.47 -21.19 3.02
C LEU A 426 -11.93 -20.99 2.67
N ALA A 427 -12.26 -19.99 1.87
CA ALA A 427 -13.63 -19.77 1.46
C ALA A 427 -13.92 -20.25 0.06
N LEU A 428 -12.89 -20.47 -0.75
CA LEU A 428 -13.07 -21.12 -2.02
C LEU A 428 -12.91 -22.62 -1.95
N ARG A 429 -12.31 -23.13 -0.88
CA ARG A 429 -12.23 -24.57 -0.69
C ARG A 429 -13.51 -25.12 -0.10
N SER A 430 -14.22 -24.33 0.71
CA SER A 430 -15.45 -24.79 1.35
C SER A 430 -16.69 -24.46 0.55
N ALA A 431 -16.68 -23.40 -0.24
CA ALA A 431 -17.85 -23.00 -0.99
C ALA A 431 -17.63 -23.07 -2.50
N GLY A 432 -16.49 -23.56 -2.94
CA GLY A 432 -16.27 -23.75 -4.35
C GLY A 432 -15.73 -22.51 -5.02
N PRO A 433 -15.23 -22.66 -6.25
CA PRO A 433 -14.42 -21.60 -6.85
C PRO A 433 -15.21 -20.43 -7.40
N TRP A 434 -16.53 -20.53 -7.52
CA TRP A 434 -17.31 -19.42 -8.06
C TRP A 434 -17.49 -18.28 -7.09
N HIS A 435 -17.05 -18.43 -5.85
CA HIS A 435 -17.08 -17.36 -4.87
C HIS A 435 -15.90 -16.41 -4.99
N ILE A 436 -15.12 -16.48 -6.06
CA ILE A 436 -14.14 -15.43 -6.34
C ILE A 436 -14.85 -14.12 -6.66
N LEU A 437 -16.10 -14.17 -7.13
CA LEU A 437 -16.87 -12.98 -7.43
C LEU A 437 -17.19 -12.17 -6.18
N PHE A 438 -17.21 -12.82 -5.00
CA PHE A 438 -17.31 -12.07 -3.77
C PHE A 438 -16.03 -11.29 -3.50
N PHE A 439 -14.89 -11.96 -3.63
CA PHE A 439 -13.61 -11.34 -3.28
C PHE A 439 -13.14 -10.32 -4.29
N ILE A 440 -13.61 -10.37 -5.53
CA ILE A 440 -13.26 -9.34 -6.49
C ILE A 440 -13.96 -8.03 -6.14
N ILE A 441 -15.21 -8.11 -5.67
CA ILE A 441 -15.97 -6.91 -5.33
C ILE A 441 -15.41 -6.25 -4.07
N VAL A 442 -15.09 -7.05 -3.06
CA VAL A 442 -14.62 -6.50 -1.80
C VAL A 442 -13.17 -6.00 -1.92
N VAL A 443 -12.39 -6.52 -2.85
CA VAL A 443 -11.08 -5.95 -3.10
C VAL A 443 -11.15 -4.72 -4.01
N PHE A 444 -12.04 -4.72 -5.01
CA PHE A 444 -12.16 -3.55 -5.87
C PHE A 444 -12.75 -2.36 -5.11
N TYR A 445 -13.95 -2.51 -4.55
CA TYR A 445 -14.54 -1.40 -3.85
C TYR A 445 -13.99 -1.20 -2.45
N GLY A 446 -13.15 -2.10 -1.96
CA GLY A 446 -12.66 -1.94 -0.61
C GLY A 446 -11.25 -1.40 -0.50
N THR A 447 -10.31 -1.94 -1.26
CA THR A 447 -8.92 -1.57 -1.09
C THR A 447 -8.32 -0.87 -2.29
N PHE A 448 -8.98 -0.86 -3.44
CA PHE A 448 -8.50 -0.08 -4.55
C PHE A 448 -9.21 1.26 -4.64
N CYS A 449 -10.42 1.36 -4.12
CA CYS A 449 -11.09 2.64 -4.00
C CYS A 449 -10.91 3.28 -2.63
N PHE A 450 -11.41 2.64 -1.58
CA PHE A 450 -11.52 3.31 -0.29
C PHE A 450 -10.23 3.37 0.50
N LEU A 451 -9.15 2.76 0.03
CA LEU A 451 -7.86 3.03 0.64
C LEU A 451 -7.01 3.94 -0.22
N ASN A 452 -7.52 4.35 -1.38
CA ASN A 452 -6.88 5.38 -2.18
C ASN A 452 -7.61 6.70 -2.11
N PHE A 453 -8.79 6.72 -1.50
CA PHE A 453 -9.35 8.00 -1.05
C PHE A 453 -8.65 8.50 0.20
N ILE A 454 -8.17 7.59 1.04
CA ILE A 454 -7.44 7.99 2.23
C ILE A 454 -6.07 8.53 1.85
N LEU A 455 -5.43 7.93 0.85
CA LEU A 455 -4.18 8.46 0.32
C LEU A 455 -4.39 9.85 -0.26
N ALA A 456 -5.53 10.09 -0.89
CA ALA A 456 -5.77 11.38 -1.53
C ALA A 456 -6.03 12.48 -0.51
N VAL A 457 -6.67 12.16 0.60
CA VAL A 457 -6.88 13.16 1.64
C VAL A 457 -5.57 13.52 2.31
N VAL A 458 -4.69 12.55 2.52
CA VAL A 458 -3.41 12.82 3.16
C VAL A 458 -2.48 13.60 2.23
N VAL A 459 -2.54 13.33 0.93
CA VAL A 459 -1.73 14.06 -0.04
C VAL A 459 -2.21 15.51 -0.15
N MET A 460 -3.52 15.73 -0.15
CA MET A 460 -4.01 17.10 -0.21
C MET A 460 -3.88 17.83 1.11
N SER A 461 -3.74 17.11 2.22
CA SER A 461 -3.53 17.78 3.49
C SER A 461 -2.08 18.15 3.69
N TYR A 462 -1.16 17.39 3.11
CA TYR A 462 0.25 17.75 3.21
C TYR A 462 0.59 18.89 2.27
N THR A 463 0.06 18.86 1.05
CA THR A 463 0.37 19.91 0.08
C THR A 463 -0.35 21.22 0.36
N HIS A 464 -1.31 21.24 1.28
CA HIS A 464 -1.88 22.50 1.70
C HIS A 464 -1.03 23.17 2.76
N MET A 465 -0.37 22.39 3.62
CA MET A 465 0.44 22.95 4.68
C MET A 465 1.89 23.15 4.27
N VAL A 466 2.29 22.70 3.09
CA VAL A 466 3.59 23.02 2.54
C VAL A 466 3.53 24.30 1.72
N LYS A 467 2.54 24.40 0.83
CA LYS A 467 2.33 25.61 0.04
C LYS A 467 1.94 26.80 0.92
N ARG A 468 1.33 26.56 2.07
CA ARG A 468 1.14 27.62 3.05
C ARG A 468 2.47 28.05 3.64
N ALA A 469 3.38 27.10 3.87
CA ALA A 469 4.67 27.40 4.49
C ALA A 469 5.72 27.87 3.50
N ASP A 470 5.33 28.21 2.26
CA ASP A 470 6.25 28.81 1.31
C ASP A 470 5.95 30.27 1.05
N GLU A 471 4.87 30.81 1.59
CA GLU A 471 4.75 32.25 1.65
C GLU A 471 5.72 32.83 2.68
N GLU A 472 6.05 32.06 3.72
CA GLU A 472 7.04 32.49 4.69
C GLU A 472 8.45 32.44 4.13
N LYS A 473 8.69 31.64 3.09
CA LYS A 473 9.95 31.68 2.38
C LYS A 473 10.00 32.80 1.35
N ALA A 474 8.86 33.40 1.02
CA ALA A 474 8.84 34.60 0.20
C ALA A 474 9.03 35.86 1.01
N ALA A 475 9.08 35.75 2.33
CA ALA A 475 9.33 36.89 3.21
C ALA A 475 10.74 36.94 3.76
N GLU A 476 11.36 35.78 4.00
CA GLU A 476 12.78 35.77 4.36
C GLU A 476 13.64 36.08 3.14
N ARG A 477 13.31 35.49 2.00
CA ARG A 477 14.07 35.77 0.77
C ARG A 477 13.78 37.16 0.24
N GLU A 478 12.52 37.58 0.27
CA GLU A 478 12.16 38.92 -0.18
C GLU A 478 11.39 39.68 0.89
N CYS A 545 60.40 25.16 -4.42
CA CYS A 545 59.52 26.17 -5.00
C CYS A 545 59.56 26.11 -6.52
N VAL A 546 60.74 26.33 -7.08
CA VAL A 546 60.93 26.31 -8.54
C VAL A 546 60.78 24.90 -9.10
N PRO A 547 61.33 23.81 -8.51
CA PRO A 547 60.89 22.48 -8.96
C PRO A 547 59.53 22.08 -8.43
N TRP A 548 59.04 22.73 -7.37
CA TRP A 548 57.72 22.39 -6.84
C TRP A 548 56.62 22.87 -7.78
N GLN A 549 56.71 24.11 -8.24
CA GLN A 549 55.76 24.62 -9.22
C GLN A 549 56.03 24.10 -10.62
N LYS A 550 57.18 23.47 -10.84
CA LYS A 550 57.47 22.84 -12.13
C LYS A 550 56.56 21.65 -12.38
N LEU A 551 56.61 20.66 -11.49
CA LEU A 551 55.81 19.44 -11.67
C LEU A 551 54.32 19.65 -11.45
N GLN A 552 53.92 20.74 -10.79
CA GLN A 552 52.50 20.96 -10.55
C GLN A 552 51.75 21.27 -11.84
N GLY A 553 52.44 21.86 -12.82
CA GLY A 553 51.86 21.97 -14.14
C GLY A 553 51.90 20.70 -14.95
N ALA A 554 52.73 19.73 -14.54
CA ALA A 554 52.81 18.44 -15.21
C ALA A 554 52.00 17.37 -14.51
N ILE A 555 51.97 17.36 -13.17
CA ILE A 555 51.07 16.46 -12.45
C ILE A 555 49.63 16.93 -12.59
N GLY A 556 49.41 18.24 -12.50
CA GLY A 556 48.09 18.79 -12.75
C GLY A 556 47.64 18.72 -14.19
N ALA A 557 48.53 18.35 -15.12
CA ALA A 557 48.15 18.18 -16.52
C ALA A 557 47.27 16.95 -16.71
N VAL A 558 47.48 15.91 -15.91
CA VAL A 558 46.68 14.70 -16.09
C VAL A 558 45.40 14.71 -15.25
N VAL A 559 45.43 15.28 -14.04
CA VAL A 559 44.18 15.40 -13.32
C VAL A 559 43.58 16.76 -13.70
N LEU A 560 43.09 16.84 -14.93
CA LEU A 560 42.22 17.92 -15.35
C LEU A 560 41.23 17.34 -16.36
N SER A 561 41.64 16.26 -17.00
CA SER A 561 40.96 15.78 -18.17
C SER A 561 39.85 14.80 -17.77
N PRO A 562 38.88 14.55 -18.64
CA PRO A 562 37.95 13.45 -18.37
C PRO A 562 38.57 12.08 -18.58
N PHE A 563 39.79 12.02 -19.14
CA PHE A 563 40.47 10.74 -19.31
C PHE A 563 40.89 10.14 -17.98
N PHE A 564 41.44 10.97 -17.08
CA PHE A 564 41.78 10.48 -15.75
C PHE A 564 40.54 10.31 -14.89
N GLU A 565 39.50 11.08 -15.17
CA GLU A 565 38.22 10.83 -14.50
C GLU A 565 37.54 9.58 -15.04
N LEU A 566 37.84 9.20 -16.28
CA LEU A 566 37.37 7.92 -16.79
C LEU A 566 38.10 6.76 -16.14
N PHE A 567 39.39 6.94 -15.87
CA PHE A 567 40.21 5.85 -15.35
C PHE A 567 39.82 5.47 -13.92
N ILE A 568 39.47 6.46 -13.10
CA ILE A 568 38.98 6.13 -11.77
C ILE A 568 37.56 5.57 -11.87
N ALA A 569 36.82 5.94 -12.90
CA ALA A 569 35.46 5.41 -13.06
C ALA A 569 35.45 3.98 -13.56
N VAL A 570 36.49 3.52 -14.26
CA VAL A 570 36.56 2.12 -14.64
C VAL A 570 36.91 1.26 -13.43
N ILE A 571 37.75 1.78 -12.54
CA ILE A 571 38.19 1.01 -11.39
C ILE A 571 37.09 0.86 -10.35
N ILE A 572 36.31 1.92 -10.13
CA ILE A 572 35.26 1.88 -9.12
C ILE A 572 34.14 0.94 -9.52
N VAL A 573 33.80 0.88 -10.82
CA VAL A 573 32.86 -0.13 -11.28
C VAL A 573 33.48 -1.51 -11.18
N LEU A 574 34.80 -1.59 -11.30
CA LEU A 574 35.46 -2.88 -11.17
C LEU A 574 35.69 -3.25 -9.72
N ASN A 575 35.82 -2.27 -8.83
CA ASN A 575 36.03 -2.54 -7.41
C ASN A 575 34.76 -3.01 -6.73
N ILE A 576 33.60 -2.48 -7.15
CA ILE A 576 32.33 -2.95 -6.64
C ILE A 576 32.09 -4.40 -7.06
N THR A 577 32.60 -4.78 -8.24
CA THR A 577 32.43 -6.15 -8.71
C THR A 577 33.22 -7.14 -7.86
N PHE A 578 34.41 -6.80 -7.41
CA PHE A 578 35.15 -7.71 -6.54
C PHE A 578 34.59 -7.76 -5.13
N MET A 579 33.83 -6.77 -4.69
CA MET A 579 33.12 -6.91 -3.44
C MET A 579 31.86 -7.75 -3.59
N ALA A 580 31.30 -7.83 -4.78
CA ALA A 580 30.05 -8.54 -5.00
C ALA A 580 30.25 -9.94 -5.55
N LEU A 581 31.48 -10.44 -5.56
CA LEU A 581 31.74 -11.80 -5.98
C LEU A 581 32.11 -12.74 -4.86
N ASP A 582 32.50 -12.25 -3.69
CA ASP A 582 32.87 -13.19 -2.66
C ASP A 582 31.62 -13.80 -2.02
N HIS A 583 31.80 -15.01 -1.51
CA HIS A 583 30.68 -15.80 -1.03
C HIS A 583 31.22 -16.84 -0.06
N HIS A 584 30.39 -17.81 0.27
CA HIS A 584 30.80 -18.88 1.15
C HIS A 584 31.20 -20.08 0.32
N ASP A 585 32.24 -20.80 0.79
CA ASP A 585 32.80 -22.00 0.14
C ASP A 585 33.30 -21.67 -1.27
N MET A 586 34.34 -20.86 -1.31
CA MET A 586 34.95 -20.42 -2.56
C MET A 586 36.37 -20.98 -2.67
N ASN A 587 36.80 -21.18 -3.92
CA ASN A 587 38.07 -21.83 -4.23
C ASN A 587 39.24 -21.00 -3.74
N ILE A 588 40.39 -21.65 -3.56
CA ILE A 588 41.54 -20.94 -3.02
C ILE A 588 42.25 -20.13 -4.11
N GLU A 589 42.13 -20.52 -5.38
CA GLU A 589 42.67 -19.68 -6.44
C GLU A 589 41.74 -18.51 -6.73
N PHE A 590 40.43 -18.74 -6.63
CA PHE A 590 39.46 -17.68 -6.86
C PHE A 590 39.47 -16.67 -5.74
N GLU A 591 39.79 -17.09 -4.52
CA GLU A 591 39.90 -16.17 -3.39
C GLU A 591 41.22 -15.41 -3.41
N ARG A 592 42.25 -15.99 -4.03
CA ARG A 592 43.55 -15.32 -4.11
C ARG A 592 43.48 -14.08 -5.00
N ILE A 593 42.62 -14.10 -6.02
CA ILE A 593 42.45 -12.94 -6.90
C ILE A 593 41.83 -11.78 -6.14
N LEU A 594 40.85 -12.06 -5.29
CA LEU A 594 40.15 -10.98 -4.60
C LEU A 594 41.01 -10.35 -3.50
N ARG A 595 41.95 -11.09 -2.92
CA ARG A 595 42.86 -10.48 -1.95
C ARG A 595 43.85 -9.56 -2.65
N THR A 596 44.46 -10.02 -3.73
CA THR A 596 45.45 -9.19 -4.40
C THR A 596 44.80 -8.07 -5.20
N GLY A 597 43.51 -8.18 -5.51
CA GLY A 597 42.81 -7.06 -6.08
C GLY A 597 42.56 -5.96 -5.08
N ASN A 598 42.47 -6.31 -3.80
CA ASN A 598 42.33 -5.30 -2.77
C ASN A 598 43.63 -4.53 -2.57
N TYR A 599 44.77 -5.20 -2.74
CA TYR A 599 46.05 -4.52 -2.59
C TYR A 599 46.31 -3.60 -3.77
N ILE A 600 45.71 -3.89 -4.92
CA ILE A 600 45.86 -3.02 -6.09
C ILE A 600 44.90 -1.85 -6.00
N PHE A 601 43.64 -2.11 -5.67
CA PHE A 601 42.62 -1.06 -5.68
C PHE A 601 42.84 -0.05 -4.56
N THR A 602 43.37 -0.48 -3.42
CA THR A 602 43.77 0.48 -2.40
C THR A 602 44.98 1.28 -2.84
N SER A 603 45.88 0.66 -3.59
CA SER A 603 47.08 1.36 -4.04
C SER A 603 46.78 2.43 -5.06
N ILE A 604 45.77 2.22 -5.92
CA ILE A 604 45.39 3.25 -6.88
C ILE A 604 44.71 4.42 -6.16
N TYR A 605 43.96 4.12 -5.10
CA TYR A 605 43.27 5.19 -4.37
C TYR A 605 44.25 6.04 -3.58
N ILE A 606 45.39 5.49 -3.21
CA ILE A 606 46.40 6.27 -2.49
C ILE A 606 47.20 7.12 -3.46
N VAL A 607 47.49 6.59 -4.64
CA VAL A 607 48.26 7.36 -5.60
C VAL A 607 47.43 8.56 -6.03
N GLU A 608 46.15 8.29 -6.30
CA GLU A 608 45.21 9.31 -6.75
C GLU A 608 44.96 10.45 -5.76
N ALA A 609 44.82 10.14 -4.48
CA ALA A 609 44.58 11.19 -3.51
C ALA A 609 45.78 12.10 -3.39
N VAL A 610 46.96 11.52 -3.29
CA VAL A 610 48.16 12.32 -3.16
C VAL A 610 48.35 13.17 -4.40
N LEU A 611 48.14 12.56 -5.57
CA LEU A 611 48.31 13.28 -6.83
C LEU A 611 47.36 14.45 -6.93
N LYS A 612 46.12 14.26 -6.46
CA LYS A 612 45.14 15.32 -6.50
C LYS A 612 45.52 16.43 -5.55
N ILE A 613 45.99 16.08 -4.36
CA ILE A 613 46.37 17.14 -3.42
C ILE A 613 47.54 17.96 -3.95
N ILE A 614 48.54 17.30 -4.53
CA ILE A 614 49.69 18.04 -5.03
C ILE A 614 49.35 18.98 -6.20
N ALA A 615 48.50 18.49 -7.08
CA ALA A 615 48.06 19.17 -8.30
C ALA A 615 47.26 20.41 -7.98
N LEU A 616 46.23 20.29 -7.15
CA LEU A 616 45.37 21.43 -6.90
C LEU A 616 46.01 22.38 -5.91
N SER A 617 46.03 21.97 -4.63
CA SER A 617 46.76 22.53 -3.49
C SER A 617 46.38 21.68 -2.29
N PRO A 618 47.16 21.65 -1.23
CA PRO A 618 46.71 20.96 -0.01
C PRO A 618 45.72 21.76 0.83
N LYS A 619 45.19 22.88 0.31
CA LYS A 619 44.18 23.64 1.02
C LYS A 619 42.93 23.93 0.19
N PHE A 620 43.00 23.90 -1.14
CA PHE A 620 41.80 23.92 -1.96
C PHE A 620 41.34 22.51 -2.31
N TYR A 621 42.06 21.49 -1.88
CA TYR A 621 41.60 20.12 -2.05
C TYR A 621 40.40 19.85 -1.16
N PHE A 622 40.43 20.34 0.07
CA PHE A 622 39.34 20.14 1.01
C PHE A 622 38.19 21.12 0.79
N LYS A 623 38.11 21.79 -0.36
CA LYS A 623 37.02 22.72 -0.61
C LYS A 623 35.71 21.99 -0.87
N ASP A 624 35.67 21.16 -1.92
CA ASP A 624 34.45 20.48 -2.29
C ASP A 624 34.23 19.24 -1.42
N SER A 625 33.04 18.66 -1.55
CA SER A 625 32.65 17.53 -0.73
C SER A 625 33.10 16.19 -1.30
N TRP A 626 33.42 16.12 -2.59
CA TRP A 626 33.85 14.84 -3.14
C TRP A 626 35.30 14.54 -2.79
N ASN A 627 36.18 15.53 -2.85
CA ASN A 627 37.57 15.27 -2.53
C ASN A 627 37.79 15.05 -1.04
N VAL A 628 36.89 15.53 -0.19
CA VAL A 628 37.00 15.23 1.23
C VAL A 628 36.33 13.90 1.56
N PHE A 629 35.37 13.45 0.74
CA PHE A 629 34.85 12.10 0.89
C PHE A 629 35.87 11.07 0.43
N ASP A 630 36.64 11.40 -0.60
CA ASP A 630 37.67 10.49 -1.10
C ASP A 630 38.80 10.33 -0.10
N PHE A 631 39.14 11.39 0.63
CA PHE A 631 40.28 11.32 1.54
C PHE A 631 39.95 10.48 2.77
N ILE A 632 38.69 10.43 3.17
CA ILE A 632 38.28 9.57 4.29
C ILE A 632 38.36 8.11 3.89
N ILE A 633 38.13 7.80 2.61
CA ILE A 633 38.28 6.43 2.11
C ILE A 633 39.73 5.99 2.17
N VAL A 634 40.66 6.90 1.86
CA VAL A 634 42.07 6.55 1.93
C VAL A 634 42.53 6.42 3.38
N VAL A 635 41.86 7.11 4.30
CA VAL A 635 42.15 6.93 5.73
C VAL A 635 41.71 5.55 6.21
N PHE A 636 40.46 5.18 5.92
CA PHE A 636 39.97 3.88 6.38
C PHE A 636 40.58 2.71 5.62
N ALA A 637 41.12 2.95 4.43
CA ALA A 637 41.75 1.84 3.72
C ALA A 637 43.19 1.61 4.16
N ILE A 638 43.90 2.67 4.57
CA ILE A 638 45.26 2.50 5.02
C ILE A 638 45.31 1.95 6.43
N LEU A 639 44.21 2.04 7.19
CA LEU A 639 44.12 1.34 8.45
C LEU A 639 43.88 -0.15 8.25
N GLU A 640 43.16 -0.51 7.17
CA GLU A 640 42.84 -1.90 6.88
C GLU A 640 44.09 -2.71 6.57
N LEU A 641 45.05 -2.11 5.86
CA LEU A 641 46.28 -2.83 5.54
C LEU A 641 47.25 -2.91 6.71
N GLY A 642 46.93 -2.27 7.84
CA GLY A 642 47.76 -2.37 9.02
C GLY A 642 47.09 -3.14 10.15
N LEU A 643 45.77 -3.10 10.20
CA LEU A 643 45.01 -3.76 11.25
C LEU A 643 44.58 -5.18 10.89
N GLU A 644 45.12 -5.75 9.82
CA GLU A 644 44.76 -7.13 9.51
C GLU A 644 45.60 -8.13 10.28
N GLY A 645 46.85 -7.77 10.62
CA GLY A 645 47.67 -8.60 11.48
C GLY A 645 47.26 -8.56 12.93
N VAL A 646 46.55 -7.51 13.35
CA VAL A 646 45.97 -7.46 14.68
C VAL A 646 44.88 -8.51 14.82
N GLN A 647 43.89 -8.46 13.91
CA GLN A 647 42.81 -9.45 13.75
C GLN A 647 41.99 -9.54 15.04
N GLY A 648 41.80 -8.41 15.69
CA GLY A 648 40.94 -8.35 16.86
C GLY A 648 39.49 -8.26 16.45
N LEU A 649 39.18 -7.23 15.67
CA LEU A 649 37.82 -7.03 15.17
C LEU A 649 37.89 -6.47 13.74
N SER A 650 37.03 -7.00 12.88
CA SER A 650 36.95 -6.55 11.50
C SER A 650 35.80 -5.54 11.35
N VAL A 651 36.01 -4.37 11.93
CA VAL A 651 35.10 -3.24 11.73
C VAL A 651 35.74 -2.20 10.81
N PHE A 652 37.07 -2.17 10.72
CA PHE A 652 37.70 -1.40 9.66
C PHE A 652 37.53 -2.08 8.30
N ARG A 653 37.20 -3.37 8.28
CA ARG A 653 36.79 -4.08 7.08
C ARG A 653 35.37 -3.74 6.64
N SER A 654 34.64 -2.95 7.42
CA SER A 654 33.26 -2.61 7.08
C SER A 654 33.18 -1.37 6.22
N PHE A 655 34.15 -0.49 6.34
CA PHE A 655 34.11 0.81 5.70
C PHE A 655 34.71 0.80 4.31
N ARG A 656 35.17 -0.35 3.84
CA ARG A 656 35.42 -0.53 2.42
C ARG A 656 34.14 -0.76 1.64
N LEU A 657 33.02 -0.95 2.32
CA LEU A 657 31.71 -0.91 1.70
C LEU A 657 31.26 0.52 1.43
N LEU A 658 31.90 1.50 2.05
CA LEU A 658 31.51 2.89 1.91
C LEU A 658 31.96 3.47 0.57
N ARG A 659 32.88 2.82 -0.13
CA ARG A 659 33.37 3.31 -1.42
C ARG A 659 32.46 2.93 -2.58
N VAL A 660 31.32 2.29 -2.30
CA VAL A 660 30.32 2.07 -3.34
C VAL A 660 29.69 3.40 -3.74
N PHE A 661 29.58 4.34 -2.81
CA PHE A 661 28.97 5.64 -3.07
C PHE A 661 29.90 6.58 -3.83
N ARG A 662 31.11 6.14 -4.19
CA ARG A 662 31.93 6.89 -5.14
C ARG A 662 31.32 6.94 -6.52
N LEU A 663 30.44 5.99 -6.85
CA LEU A 663 29.80 5.95 -8.15
C LEU A 663 28.77 7.06 -8.31
N ALA A 664 28.40 7.74 -7.22
CA ALA A 664 27.42 8.81 -7.26
C ALA A 664 27.92 10.04 -8.00
N LYS A 665 29.23 10.26 -8.10
CA LYS A 665 29.75 11.45 -8.74
C LYS A 665 30.03 11.26 -10.22
N PHE A 666 29.59 10.14 -10.79
CA PHE A 666 29.93 9.81 -12.18
C PHE A 666 28.73 9.74 -13.08
N TRP A 667 27.71 8.94 -12.74
CA TRP A 667 26.61 8.82 -13.68
C TRP A 667 25.42 9.61 -13.17
N PRO A 668 24.79 10.41 -14.03
CA PRO A 668 23.93 11.50 -13.54
C PRO A 668 22.58 11.08 -13.02
N THR A 669 22.14 9.85 -13.29
CA THR A 669 20.87 9.40 -12.74
C THR A 669 20.95 9.23 -11.23
N LEU A 670 22.03 8.60 -10.75
CA LEU A 670 22.20 8.45 -9.31
C LEU A 670 22.69 9.74 -8.68
N ASN A 671 23.26 10.64 -9.46
CA ASN A 671 23.68 11.93 -8.94
C ASN A 671 22.49 12.84 -8.70
N ASN A 672 21.54 12.87 -9.63
CA ASN A 672 20.34 13.68 -9.45
C ASN A 672 19.42 13.11 -8.39
N PHE A 673 19.57 11.84 -8.04
CA PHE A 673 18.75 11.25 -7.00
C PHE A 673 19.31 11.59 -5.62
N MET A 674 20.64 11.57 -5.48
CA MET A 674 21.28 12.00 -4.25
C MET A 674 21.06 13.47 -3.97
N SER A 675 20.94 14.29 -5.03
CA SER A 675 20.90 15.74 -4.86
C SER A 675 19.62 16.21 -4.20
N VAL A 676 18.51 15.49 -4.41
CA VAL A 676 17.23 15.93 -3.87
C VAL A 676 17.04 15.46 -2.43
N MET A 677 17.62 14.30 -2.09
CA MET A 677 17.61 13.84 -0.70
C MET A 677 18.40 14.76 0.22
N THR A 678 19.38 15.50 -0.32
CA THR A 678 20.10 16.51 0.45
C THR A 678 19.45 17.88 0.38
N LYS A 679 18.71 18.17 -0.68
CA LYS A 679 18.03 19.46 -0.77
C LYS A 679 16.85 19.52 0.18
N SER A 680 16.18 18.39 0.40
CA SER A 680 14.98 18.35 1.24
C SER A 680 15.19 17.45 2.44
N TYR A 681 16.34 17.57 3.12
CA TYR A 681 16.61 16.71 4.26
C TYR A 681 15.74 17.06 5.46
N GLY A 682 15.26 18.30 5.55
CA GLY A 682 14.44 18.67 6.69
C GLY A 682 13.05 18.06 6.64
N ALA A 683 12.57 17.70 5.46
CA ALA A 683 11.25 17.12 5.34
C ALA A 683 11.25 15.66 5.78
N PHE A 684 12.29 14.91 5.42
CA PHE A 684 12.31 13.48 5.69
C PHE A 684 12.57 13.18 7.16
N VAL A 685 13.49 13.93 7.78
CA VAL A 685 13.88 13.68 9.17
C VAL A 685 12.73 13.99 10.14
N ASN A 686 11.82 14.88 9.75
CA ASN A 686 10.63 15.11 10.58
C ASN A 686 9.70 13.91 10.58
N VAL A 687 9.39 13.37 9.41
CA VAL A 687 8.43 12.26 9.34
C VAL A 687 9.05 10.98 9.86
N MET A 688 10.37 10.81 9.68
CA MET A 688 11.06 9.69 10.29
C MET A 688 11.05 9.77 11.81
N TYR A 689 11.15 10.98 12.36
CA TYR A 689 11.13 11.11 13.81
C TYR A 689 9.73 10.93 14.37
N VAL A 690 8.70 11.38 13.64
CA VAL A 690 7.33 11.19 14.11
C VAL A 690 6.96 9.71 14.06
N MET A 691 7.37 9.00 13.00
CA MET A 691 7.07 7.57 12.88
C MET A 691 7.74 6.75 13.96
N PHE A 692 9.01 7.01 14.25
CA PHE A 692 9.64 6.29 15.34
C PHE A 692 9.27 6.82 16.72
N LEU A 693 8.56 7.94 16.81
CA LEU A 693 8.04 8.34 18.10
C LEU A 693 6.68 7.72 18.38
N LEU A 694 5.84 7.54 17.36
CA LEU A 694 4.59 6.79 17.53
C LEU A 694 4.87 5.35 17.89
N LEU A 695 5.88 4.72 17.28
CA LEU A 695 6.20 3.35 17.62
C LEU A 695 6.77 3.23 19.03
N PHE A 696 7.31 4.30 19.58
CA PHE A 696 7.72 4.27 20.98
C PHE A 696 6.54 4.41 21.92
N ILE A 697 5.53 5.22 21.54
CA ILE A 697 4.34 5.35 22.37
C ILE A 697 3.59 4.03 22.39
N PHE A 698 3.40 3.41 21.22
CA PHE A 698 2.62 2.17 21.17
C PHE A 698 3.38 0.98 21.77
N ALA A 699 4.71 1.02 21.81
CA ALA A 699 5.45 -0.09 22.38
C ALA A 699 5.31 -0.14 23.89
N ILE A 700 5.31 1.02 24.55
CA ILE A 700 5.26 1.01 26.00
C ILE A 700 3.83 0.81 26.49
N ILE A 701 2.85 1.28 25.71
CA ILE A 701 1.45 0.99 26.02
C ILE A 701 1.18 -0.50 25.89
N GLY A 702 1.70 -1.12 24.83
CA GLY A 702 1.49 -2.54 24.63
C GLY A 702 2.21 -3.39 25.65
N MET A 703 3.37 -2.93 26.12
CA MET A 703 4.14 -3.73 27.06
C MET A 703 3.52 -3.66 28.47
N GLN A 704 2.88 -2.55 28.80
CA GLN A 704 2.23 -2.45 30.10
C GLN A 704 0.88 -3.15 30.10
N LEU A 705 0.14 -3.08 29.00
CA LEU A 705 -1.17 -3.74 28.92
C LEU A 705 -1.04 -5.24 28.78
N PHE A 706 -0.29 -5.72 27.79
CA PHE A 706 -0.34 -7.11 27.40
C PHE A 706 0.86 -7.90 27.89
N GLY A 707 1.68 -7.30 28.75
CA GLY A 707 2.98 -7.89 29.06
C GLY A 707 2.90 -9.12 29.92
N MET A 708 2.18 -9.03 31.04
CA MET A 708 2.14 -10.14 31.97
C MET A 708 1.22 -11.26 31.51
N ASN A 709 0.40 -11.03 30.48
CA ASN A 709 -0.42 -12.12 29.95
C ASN A 709 0.41 -13.15 29.22
N TYR A 710 1.41 -12.71 28.46
CA TYR A 710 2.30 -13.62 27.76
C TYR A 710 3.16 -14.48 28.69
N ILE A 711 3.31 -14.11 29.95
CA ILE A 711 4.10 -14.89 30.88
C ILE A 711 3.23 -15.72 31.83
N ASP A 712 2.04 -15.22 32.19
CA ASP A 712 1.20 -15.88 33.19
C ASP A 712 0.65 -17.21 32.67
N ASN A 713 -0.04 -17.18 31.54
CA ASN A 713 -0.79 -18.34 31.03
C ASN A 713 -0.34 -18.66 29.61
N MET A 714 0.97 -18.93 29.49
CA MET A 714 1.59 -19.49 28.29
C MET A 714 0.95 -20.79 27.81
N GLU A 715 0.20 -21.49 28.66
CA GLU A 715 -0.33 -22.81 28.36
C GLU A 715 -1.33 -22.82 27.22
N ARG A 716 -1.90 -21.67 26.87
CA ARG A 716 -2.81 -21.62 25.74
C ARG A 716 -2.08 -21.77 24.42
N PHE A 717 -0.81 -21.35 24.36
CA PHE A 717 -0.07 -21.37 23.12
C PHE A 717 0.24 -22.80 22.70
N PRO A 718 0.42 -23.08 21.40
CA PRO A 718 0.84 -24.43 20.98
C PRO A 718 2.23 -24.77 21.48
N ASP A 719 2.35 -25.96 22.07
CA ASP A 719 3.54 -26.55 22.70
C ASP A 719 3.99 -25.79 23.94
N GLY A 720 3.18 -24.86 24.44
CA GLY A 720 3.44 -24.17 25.70
C GLY A 720 4.67 -23.30 25.74
N ASP A 721 5.02 -22.70 24.60
CA ASP A 721 6.20 -21.86 24.50
C ASP A 721 5.75 -20.45 24.16
N LEU A 722 6.64 -19.48 24.35
CA LEU A 722 6.36 -18.14 23.88
C LEU A 722 6.38 -18.11 22.36
N PRO A 723 5.60 -17.25 21.74
CA PRO A 723 5.81 -16.97 20.32
C PRO A 723 7.12 -16.23 20.10
N ARG A 724 7.53 -16.17 18.84
CA ARG A 724 8.72 -15.40 18.50
C ARG A 724 8.46 -13.90 18.49
N TRP A 725 7.20 -13.50 18.63
CA TRP A 725 6.78 -12.10 18.54
C TRP A 725 5.81 -11.88 19.68
N ASN A 726 6.22 -11.16 20.72
CA ASN A 726 5.38 -11.02 21.90
C ASN A 726 5.62 -9.68 22.56
N PHE A 727 4.72 -9.32 23.46
CA PHE A 727 4.83 -8.08 24.23
C PHE A 727 5.50 -8.29 25.57
N THR A 728 6.67 -8.93 25.63
CA THR A 728 7.20 -9.31 26.93
C THR A 728 8.45 -8.53 27.31
N ASP A 729 8.85 -7.57 26.50
CA ASP A 729 10.10 -6.84 26.63
C ASP A 729 9.98 -5.63 25.72
N PHE A 730 10.91 -4.68 25.83
CA PHE A 730 10.81 -3.50 24.97
C PHE A 730 11.13 -3.84 23.52
N LEU A 731 12.24 -4.54 23.30
CA LEU A 731 12.69 -4.80 21.94
C LEU A 731 11.76 -5.76 21.23
N HIS A 732 11.01 -6.57 21.96
CA HIS A 732 9.97 -7.38 21.35
C HIS A 732 8.66 -6.63 21.21
N SER A 733 8.42 -5.62 22.04
CA SER A 733 7.23 -4.80 21.84
C SER A 733 7.42 -3.83 20.71
N PHE A 734 8.65 -3.42 20.44
CA PHE A 734 8.89 -2.51 19.33
C PHE A 734 8.70 -3.21 18.00
N MET A 735 9.23 -4.42 17.86
CA MET A 735 9.14 -5.12 16.59
C MET A 735 7.76 -5.66 16.31
N ILE A 736 6.92 -5.85 17.32
CA ILE A 736 5.56 -6.31 17.07
C ILE A 736 4.63 -5.14 16.75
N VAL A 737 5.02 -3.92 17.10
CA VAL A 737 4.33 -2.73 16.65
C VAL A 737 4.84 -2.30 15.27
N PHE A 738 6.14 -2.47 15.03
CA PHE A 738 6.71 -2.11 13.74
C PHE A 738 6.23 -3.02 12.62
N ARG A 739 5.99 -4.31 12.89
CA ARG A 739 5.50 -5.13 11.80
C ARG A 739 4.01 -4.97 11.57
N ALA A 740 3.31 -4.22 12.41
CA ALA A 740 1.92 -3.86 12.16
C ALA A 740 1.78 -2.54 11.45
N LEU A 741 2.82 -1.70 11.48
CA LEU A 741 2.90 -0.57 10.59
C LEU A 741 3.24 -1.00 9.17
N CYS A 742 3.90 -2.14 9.04
CA CYS A 742 4.19 -2.74 7.74
C CYS A 742 2.99 -3.44 7.15
N GLY A 743 1.92 -3.63 7.92
CA GLY A 743 0.70 -4.21 7.39
C GLY A 743 0.19 -5.38 8.18
N GLU A 744 1.06 -6.06 8.92
CA GLU A 744 0.73 -7.35 9.49
C GLU A 744 0.29 -7.19 10.94
N TRP A 745 -1.00 -7.29 11.18
CA TRP A 745 -1.54 -7.14 12.53
C TRP A 745 -2.52 -8.22 12.93
N ILE A 746 -3.00 -9.05 12.01
CA ILE A 746 -4.06 -9.99 12.38
C ILE A 746 -3.48 -11.22 13.07
N GLU A 747 -2.27 -11.64 12.71
CA GLU A 747 -1.70 -12.83 13.31
C GLU A 747 -1.17 -12.52 14.69
N SER A 748 -0.69 -11.29 14.89
CA SER A 748 -0.28 -10.83 16.20
C SER A 748 -1.46 -10.56 17.10
N MET A 749 -2.65 -10.40 16.54
CA MET A 749 -3.81 -10.10 17.36
C MET A 749 -4.49 -11.36 17.84
N TRP A 750 -4.36 -12.46 17.10
CA TRP A 750 -4.95 -13.73 17.51
C TRP A 750 -4.31 -14.24 18.79
N ASP A 751 -2.99 -14.34 18.83
CA ASP A 751 -2.32 -14.77 20.04
C ASP A 751 -2.25 -13.70 21.11
N CYS A 752 -2.60 -12.45 20.81
CA CYS A 752 -2.84 -11.48 21.87
C CYS A 752 -4.15 -11.78 22.56
N MET A 753 -5.19 -11.98 21.77
CA MET A 753 -6.55 -12.18 22.25
C MET A 753 -6.76 -13.61 22.72
N LEU A 754 -5.89 -14.53 22.32
CA LEU A 754 -5.90 -15.89 22.87
C LEU A 754 -5.47 -15.91 24.32
N VAL A 755 -4.56 -15.03 24.69
CA VAL A 755 -3.94 -15.09 26.00
C VAL A 755 -4.50 -14.04 26.94
N GLY A 756 -5.28 -13.08 26.44
CA GLY A 756 -5.82 -12.01 27.23
C GLY A 756 -7.29 -11.76 26.97
N ASP A 757 -7.65 -10.50 26.81
CA ASP A 757 -9.04 -10.08 26.81
C ASP A 757 -9.41 -9.45 25.47
N TRP A 758 -10.59 -8.82 25.44
CA TRP A 758 -11.07 -8.13 24.25
C TRP A 758 -10.24 -6.90 23.90
N SER A 759 -9.42 -6.41 24.83
CA SER A 759 -8.77 -5.13 24.68
C SER A 759 -7.62 -5.13 23.68
N CYS A 760 -7.29 -6.27 23.09
CA CYS A 760 -6.29 -6.27 22.02
C CYS A 760 -6.80 -5.65 20.74
N ILE A 761 -8.11 -5.73 20.48
CA ILE A 761 -8.70 -5.28 19.22
C ILE A 761 -8.65 -3.76 19.05
N PRO A 762 -8.95 -2.90 20.05
CA PRO A 762 -8.75 -1.47 19.80
C PRO A 762 -7.30 -1.06 19.71
N PHE A 763 -6.38 -1.89 20.17
CA PHE A 763 -4.96 -1.55 20.09
C PHE A 763 -4.44 -1.74 18.67
N PHE A 764 -4.65 -2.91 18.07
CA PHE A 764 -4.06 -3.20 16.78
C PHE A 764 -4.78 -2.54 15.62
N VAL A 765 -5.99 -2.04 15.83
CA VAL A 765 -6.61 -1.22 14.80
C VAL A 765 -6.04 0.20 14.83
N ALA A 766 -5.84 0.74 16.03
CA ALA A 766 -5.29 2.09 16.16
C ALA A 766 -3.83 2.17 15.75
N VAL A 767 -3.08 1.07 15.78
CA VAL A 767 -1.71 1.14 15.29
C VAL A 767 -1.67 0.84 13.79
N PHE A 768 -2.67 0.16 13.25
CA PHE A 768 -2.77 0.07 11.80
C PHE A 768 -3.30 1.35 11.19
N PHE A 769 -4.29 1.97 11.83
CA PHE A 769 -4.89 3.17 11.25
C PHE A 769 -3.92 4.34 11.32
N VAL A 770 -3.29 4.53 12.47
CA VAL A 770 -2.34 5.62 12.58
C VAL A 770 -1.04 5.28 11.86
N GLY A 771 -0.54 4.06 12.04
CA GLY A 771 0.79 3.75 11.55
C GLY A 771 0.86 3.56 10.04
N ASN A 772 -0.16 2.93 9.46
CA ASN A 772 -0.05 2.50 8.08
C ASN A 772 -0.91 3.31 7.13
N LEU A 773 -2.03 3.84 7.59
CA LEU A 773 -2.93 4.59 6.72
C LEU A 773 -2.70 6.09 6.78
N VAL A 774 -1.90 6.59 7.70
CA VAL A 774 -1.62 8.01 7.82
C VAL A 774 -0.13 8.31 7.66
N ILE A 775 0.70 7.65 8.47
CA ILE A 775 2.14 7.93 8.44
C ILE A 775 2.77 7.45 7.14
N LEU A 776 2.36 6.28 6.65
CA LEU A 776 2.88 5.80 5.37
C LEU A 776 2.37 6.59 4.19
N ASN A 777 1.27 7.33 4.34
CA ASN A 777 0.76 8.14 3.26
C ASN A 777 1.28 9.57 3.29
N LEU A 778 1.68 10.08 4.46
CA LEU A 778 2.52 11.28 4.46
C LEU A 778 3.85 11.01 3.80
N LEU A 779 4.39 9.80 3.96
CA LEU A 779 5.70 9.48 3.42
C LEU A 779 5.65 9.37 1.91
N ILE A 780 4.50 8.93 1.36
CA ILE A 780 4.27 9.06 -0.08
C ILE A 780 4.15 10.52 -0.46
N ALA A 781 3.43 11.31 0.34
CA ALA A 781 3.13 12.69 0.00
C ALA A 781 4.35 13.60 0.03
N LEU A 782 5.40 13.24 0.77
CA LEU A 782 6.68 13.91 0.62
C LEU A 782 7.26 13.69 -0.76
N LEU A 783 7.14 12.47 -1.29
CA LEU A 783 7.75 12.14 -2.56
C LEU A 783 7.08 12.84 -3.72
N LEU A 784 5.79 13.14 -3.61
CA LEU A 784 5.10 13.81 -4.69
C LEU A 784 5.47 15.28 -4.78
N ASN A 785 6.06 15.86 -3.74
CA ASN A 785 6.49 17.25 -3.77
C ASN A 785 7.98 17.41 -3.99
N ASN A 786 8.80 16.47 -3.55
CA ASN A 786 10.24 16.55 -3.77
C ASN A 786 10.68 15.92 -5.08
N TYR A 787 9.95 14.90 -5.55
CA TYR A 787 10.26 14.18 -6.77
C TYR A 787 9.21 14.43 -7.84
N GLY A 788 8.70 15.65 -7.91
CA GLY A 788 7.76 16.01 -8.96
C GLY A 788 8.37 16.21 -10.33
N SER A 789 9.70 16.11 -10.44
CA SER A 789 10.39 16.23 -11.71
C SER A 789 10.67 14.85 -12.28
N ALA A 876 10.67 -1.87 -69.88
CA ALA A 876 10.27 -0.75 -70.73
C ALA A 876 8.85 -0.31 -70.41
N ARG A 877 8.64 1.02 -70.47
CA ARG A 877 7.36 1.67 -70.18
C ARG A 877 6.88 1.33 -68.77
N ASP A 878 7.62 1.88 -67.80
CA ASP A 878 7.35 1.70 -66.38
C ASP A 878 6.13 2.50 -65.89
N SER A 879 5.36 3.10 -66.80
CA SER A 879 4.04 3.63 -66.49
C SER A 879 2.91 2.68 -66.86
N SER A 880 3.18 1.64 -67.67
CA SER A 880 2.16 0.68 -68.05
C SER A 880 2.17 -0.58 -67.20
N VAL A 881 3.30 -0.93 -66.59
CA VAL A 881 3.28 -1.91 -65.51
C VAL A 881 2.82 -1.30 -64.21
N GLN A 882 2.78 0.04 -64.13
CA GLN A 882 2.34 0.73 -62.95
C GLN A 882 0.83 0.67 -62.77
N ARG A 883 0.08 0.38 -63.83
CA ARG A 883 -1.36 0.19 -63.70
C ARG A 883 -1.73 -1.27 -63.42
N MET A 884 -0.76 -2.11 -63.10
CA MET A 884 -1.01 -3.41 -62.48
C MET A 884 -0.50 -3.47 -61.04
N TRP A 885 0.65 -2.87 -60.76
CA TRP A 885 1.20 -2.93 -59.41
C TRP A 885 0.45 -1.98 -58.48
N SER A 886 0.29 -0.73 -58.90
CA SER A 886 -0.50 0.22 -58.13
C SER A 886 -2.00 0.05 -58.33
N ASN A 887 -2.43 -0.97 -59.07
CA ASN A 887 -3.83 -1.32 -59.16
C ASN A 887 -4.24 -2.20 -57.99
N ILE A 888 -3.43 -3.22 -57.69
CA ILE A 888 -3.64 -4.03 -56.48
C ILE A 888 -3.39 -3.19 -55.24
N ARG A 889 -2.34 -2.36 -55.28
CA ARG A 889 -1.96 -1.50 -54.16
C ARG A 889 -3.06 -0.52 -53.79
N ARG A 890 -3.84 -0.07 -54.77
CA ARG A 890 -4.95 0.82 -54.48
C ARG A 890 -6.16 0.08 -53.93
N VAL A 891 -6.38 -1.15 -54.37
CA VAL A 891 -7.50 -1.95 -53.86
C VAL A 891 -7.20 -2.45 -52.46
N CYS A 892 -5.97 -2.91 -52.24
CA CYS A 892 -5.61 -3.55 -50.98
C CYS A 892 -5.51 -2.53 -49.85
N PHE A 893 -5.30 -1.26 -50.18
CA PHE A 893 -5.34 -0.22 -49.15
C PHE A 893 -6.77 0.08 -48.72
N LEU A 894 -7.76 -0.25 -49.55
CA LEU A 894 -9.14 -0.04 -49.18
C LEU A 894 -9.68 -1.14 -48.27
N LEU A 895 -9.02 -2.29 -48.22
CA LEU A 895 -9.41 -3.32 -47.26
C LEU A 895 -9.05 -2.90 -45.85
N ALA A 896 -7.85 -2.34 -45.66
CA ALA A 896 -7.38 -2.00 -44.32
C ALA A 896 -8.15 -0.84 -43.70
N LYS A 897 -8.84 -0.04 -44.51
CA LYS A 897 -9.62 1.08 -43.99
C LYS A 897 -11.07 0.75 -43.73
N ASN A 898 -11.58 -0.39 -44.20
CA ASN A 898 -12.96 -0.74 -43.93
C ASN A 898 -13.16 -1.08 -42.46
N LYS A 899 -14.32 -0.71 -41.95
CA LYS A 899 -14.67 -1.02 -40.57
C LYS A 899 -15.13 -2.45 -40.39
N TYR A 900 -15.48 -3.13 -41.47
CA TYR A 900 -15.87 -4.53 -41.37
C TYR A 900 -14.69 -5.49 -41.50
N PHE A 901 -13.58 -5.06 -42.09
CA PHE A 901 -12.43 -5.95 -42.19
C PHE A 901 -11.66 -6.00 -40.88
N GLN A 902 -11.36 -4.84 -40.31
CA GLN A 902 -10.61 -4.81 -39.07
C GLN A 902 -11.46 -5.11 -37.85
N LYS A 903 -12.78 -5.26 -38.02
CA LYS A 903 -13.61 -5.89 -37.00
C LYS A 903 -13.69 -7.39 -37.21
N PHE A 904 -13.48 -7.87 -38.44
CA PHE A 904 -13.39 -9.30 -38.67
C PHE A 904 -12.13 -9.89 -38.06
N VAL A 905 -11.00 -9.22 -38.26
CA VAL A 905 -9.72 -9.70 -37.77
C VAL A 905 -9.68 -9.66 -36.25
N THR A 906 -10.36 -8.70 -35.64
CA THR A 906 -10.50 -8.68 -34.18
C THR A 906 -11.32 -9.87 -33.70
N ALA A 907 -12.36 -10.24 -34.45
CA ALA A 907 -13.22 -11.33 -34.02
C ALA A 907 -12.54 -12.68 -34.16
N VAL A 908 -11.61 -12.83 -35.09
CA VAL A 908 -10.86 -14.07 -35.21
C VAL A 908 -9.93 -14.26 -34.03
N LEU A 909 -9.20 -13.20 -33.67
CA LEU A 909 -8.19 -13.28 -32.62
C LEU A 909 -8.77 -13.47 -31.22
N VAL A 910 -10.05 -13.19 -31.01
CA VAL A 910 -10.65 -13.40 -29.71
C VAL A 910 -11.29 -14.79 -29.62
N ILE A 911 -11.86 -15.28 -30.72
CA ILE A 911 -12.34 -16.66 -30.77
C ILE A 911 -11.17 -17.64 -30.69
N THR A 912 -10.09 -17.35 -31.39
CA THR A 912 -9.01 -18.33 -31.50
C THR A 912 -8.11 -18.38 -30.27
N SER A 913 -8.32 -17.49 -29.29
CA SER A 913 -7.54 -17.51 -28.06
C SER A 913 -8.33 -18.06 -26.87
N VAL A 914 -9.66 -18.06 -26.93
CA VAL A 914 -10.43 -18.85 -25.98
C VAL A 914 -10.25 -20.34 -26.26
N LEU A 915 -9.96 -20.70 -27.51
CA LEU A 915 -9.49 -22.05 -27.82
C LEU A 915 -8.15 -22.36 -27.16
N LEU A 916 -7.37 -21.35 -26.83
CA LEU A 916 -6.07 -21.57 -26.24
C LEU A 916 -6.14 -21.69 -24.72
N ALA A 917 -7.28 -21.36 -24.13
CA ALA A 917 -7.52 -21.57 -22.71
C ALA A 917 -8.19 -22.89 -22.41
N LEU A 918 -8.32 -23.77 -23.39
CA LEU A 918 -8.87 -25.10 -23.18
C LEU A 918 -7.81 -26.19 -23.30
N GLU A 919 -6.55 -25.83 -23.41
CA GLU A 919 -5.47 -26.79 -23.50
C GLU A 919 -4.89 -26.97 -22.10
N ASP A 920 -5.50 -27.87 -21.35
CA ASP A 920 -5.15 -28.12 -19.96
C ASP A 920 -4.78 -29.59 -19.80
N ILE A 921 -4.67 -30.04 -18.55
CA ILE A 921 -4.19 -31.39 -18.28
C ILE A 921 -5.20 -32.47 -18.67
N TYR A 922 -6.45 -32.09 -18.93
CA TYR A 922 -7.45 -33.04 -19.40
C TYR A 922 -7.53 -33.10 -20.92
N LEU A 923 -6.62 -32.44 -21.62
CA LEU A 923 -6.64 -32.43 -23.07
C LEU A 923 -6.24 -33.76 -23.71
N PRO A 924 -5.18 -34.51 -23.24
CA PRO A 924 -4.92 -35.79 -23.92
C PRO A 924 -5.81 -36.93 -23.46
N GLN A 925 -7.08 -36.67 -23.23
CA GLN A 925 -8.09 -37.73 -23.22
C GLN A 925 -9.40 -37.24 -23.82
N ARG A 926 -9.46 -36.02 -24.31
CA ARG A 926 -10.61 -35.50 -25.04
C ARG A 926 -10.24 -35.51 -26.51
N PRO A 927 -10.62 -36.57 -27.25
CA PRO A 927 -10.06 -36.75 -28.59
C PRO A 927 -10.61 -35.83 -29.64
N VAL A 928 -11.80 -35.26 -29.43
CA VAL A 928 -12.35 -34.35 -30.44
C VAL A 928 -11.78 -32.94 -30.25
N LEU A 929 -11.36 -32.58 -29.05
CA LEU A 929 -10.87 -31.22 -28.82
C LEU A 929 -9.42 -31.10 -29.28
N VAL A 930 -8.68 -32.22 -29.28
CA VAL A 930 -7.31 -32.21 -29.80
C VAL A 930 -7.30 -31.95 -31.30
N ASN A 931 -8.25 -32.53 -32.03
CA ASN A 931 -8.31 -32.31 -33.47
C ASN A 931 -8.88 -30.96 -33.85
N ILE A 932 -9.65 -30.32 -32.96
CA ILE A 932 -10.09 -28.96 -33.24
C ILE A 932 -8.93 -27.99 -33.09
N THR A 933 -8.18 -28.10 -31.99
CA THR A 933 -7.05 -27.21 -31.77
C THR A 933 -5.84 -27.55 -32.64
N LEU A 934 -5.90 -28.60 -33.45
CA LEU A 934 -4.85 -28.89 -34.43
C LEU A 934 -5.13 -28.24 -35.77
N TYR A 935 -6.35 -28.36 -36.29
CA TYR A 935 -6.70 -27.74 -37.56
C TYR A 935 -7.03 -26.26 -37.43
N VAL A 936 -7.05 -25.71 -36.22
CA VAL A 936 -7.07 -24.26 -36.05
C VAL A 936 -5.66 -23.68 -36.16
N ASP A 937 -4.65 -24.44 -35.71
CA ASP A 937 -3.26 -24.02 -35.90
C ASP A 937 -2.79 -24.09 -37.34
N TYR A 938 -3.56 -24.69 -38.25
CA TYR A 938 -3.24 -24.65 -39.67
C TYR A 938 -3.99 -23.55 -40.40
N VAL A 939 -5.21 -23.23 -39.99
CA VAL A 939 -5.94 -22.12 -40.57
C VAL A 939 -5.33 -20.80 -40.10
N LEU A 940 -4.80 -20.76 -38.88
CA LEU A 940 -4.19 -19.55 -38.36
C LEU A 940 -2.88 -19.21 -39.06
N THR A 941 -2.14 -20.20 -39.56
CA THR A 941 -0.96 -19.89 -40.35
C THR A 941 -1.34 -19.31 -41.71
N ALA A 942 -2.45 -19.77 -42.28
CA ALA A 942 -2.91 -19.17 -43.53
C ALA A 942 -3.52 -17.81 -43.30
N PHE A 943 -4.09 -17.56 -42.13
CA PHE A 943 -4.67 -16.26 -41.84
C PHE A 943 -3.60 -15.22 -41.54
N PHE A 944 -2.46 -15.63 -40.98
CA PHE A 944 -1.44 -14.66 -40.60
C PHE A 944 -0.56 -14.26 -41.77
N VAL A 945 -0.36 -15.15 -42.74
CA VAL A 945 0.44 -14.80 -43.90
C VAL A 945 -0.35 -13.91 -44.85
N ILE A 946 -1.64 -14.22 -45.04
CA ILE A 946 -2.46 -13.44 -45.96
C ILE A 946 -2.74 -12.05 -45.39
N GLU A 947 -2.91 -11.94 -44.07
CA GLU A 947 -3.04 -10.63 -43.45
C GLU A 947 -1.74 -9.83 -43.52
N MET A 948 -0.59 -10.50 -43.48
CA MET A 948 0.68 -9.78 -43.57
C MET A 948 0.88 -9.22 -44.97
N ILE A 949 0.48 -9.96 -45.99
CA ILE A 949 0.63 -9.48 -47.36
C ILE A 949 -0.33 -8.33 -47.63
N ILE A 950 -1.49 -8.32 -46.97
CA ILE A 950 -2.40 -7.19 -47.11
C ILE A 950 -1.85 -5.95 -46.42
N MET A 951 -1.16 -6.11 -45.29
CA MET A 951 -0.55 -4.95 -44.65
C MET A 951 0.66 -4.44 -45.44
N LEU A 952 1.46 -5.35 -46.00
CA LEU A 952 2.60 -4.92 -46.80
C LEU A 952 2.18 -4.38 -48.16
N PHE A 953 0.96 -4.65 -48.62
CA PHE A 953 0.43 -4.00 -49.81
C PHE A 953 -0.50 -2.86 -49.47
N ALA A 954 -0.53 -2.41 -48.22
CA ALA A 954 -1.30 -1.23 -47.86
C ALA A 954 -0.43 -0.12 -47.28
N VAL A 955 0.34 -0.41 -46.23
CA VAL A 955 1.13 0.63 -45.59
C VAL A 955 2.53 0.71 -46.20
N GLY A 956 2.91 -0.25 -47.04
CA GLY A 956 4.22 -0.22 -47.65
C GLY A 956 5.29 -0.81 -46.76
N PHE A 957 6.47 -0.97 -47.34
CA PHE A 957 7.58 -1.62 -46.64
C PHE A 957 8.16 -0.72 -45.56
N LYS A 958 8.18 0.59 -45.80
CA LYS A 958 8.91 1.49 -44.91
C LYS A 958 8.15 1.73 -43.62
N LYS A 959 6.84 1.91 -43.70
CA LYS A 959 6.04 2.18 -42.51
C LYS A 959 5.54 0.92 -41.83
N TYR A 960 5.73 -0.26 -42.43
CA TYR A 960 5.45 -1.49 -41.71
C TYR A 960 6.52 -1.75 -40.66
N PHE A 961 7.77 -1.88 -41.11
CA PHE A 961 8.86 -2.32 -40.26
C PHE A 961 9.44 -1.22 -39.38
N THR A 962 8.91 0.00 -39.42
CA THR A 962 9.34 1.02 -38.47
C THR A 962 8.34 1.22 -37.34
N SER A 963 7.17 0.58 -37.39
CA SER A 963 6.15 0.75 -36.39
C SER A 963 6.22 -0.37 -35.37
N LYS A 964 5.87 -0.05 -34.12
CA LYS A 964 6.04 -1.03 -33.06
C LYS A 964 4.92 -2.06 -33.02
N TRP A 965 3.73 -1.74 -33.53
CA TRP A 965 2.67 -2.73 -33.52
C TRP A 965 2.87 -3.77 -34.61
N TYR A 966 3.41 -3.37 -35.76
CA TYR A 966 3.56 -4.31 -36.87
C TYR A 966 4.75 -5.24 -36.65
N TRP A 967 5.61 -4.93 -35.68
CA TRP A 967 6.62 -5.90 -35.29
C TRP A 967 6.05 -6.98 -34.39
N LEU A 968 4.98 -6.69 -33.65
CA LEU A 968 4.25 -7.77 -33.00
C LEU A 968 3.57 -8.66 -34.03
N ASP A 969 3.14 -8.07 -35.15
CA ASP A 969 2.56 -8.84 -36.22
C ASP A 969 3.60 -9.73 -36.88
N PHE A 970 4.81 -9.22 -37.06
CA PHE A 970 5.78 -9.94 -37.88
C PHE A 970 6.42 -11.09 -37.12
N ILE A 971 6.62 -10.94 -35.81
CA ILE A 971 7.21 -12.00 -35.01
C ILE A 971 6.27 -13.19 -34.93
N VAL A 972 4.97 -12.94 -34.91
CA VAL A 972 3.99 -14.00 -34.79
C VAL A 972 3.85 -14.77 -36.11
N VAL A 973 3.94 -14.07 -37.24
CA VAL A 973 3.91 -14.73 -38.55
C VAL A 973 5.16 -15.58 -38.74
N VAL A 974 6.31 -15.07 -38.32
CA VAL A 974 7.55 -15.87 -38.33
C VAL A 974 7.46 -17.02 -37.35
N ALA A 975 6.77 -16.83 -36.21
CA ALA A 975 6.65 -17.91 -35.24
C ALA A 975 5.73 -19.03 -35.73
N TYR A 976 4.76 -18.71 -36.59
CA TYR A 976 3.88 -19.74 -37.13
C TYR A 976 4.32 -20.27 -38.49
N LEU A 977 5.24 -19.61 -39.18
CA LEU A 977 5.88 -20.27 -40.31
C LEU A 977 6.85 -21.33 -39.83
N LEU A 978 7.48 -21.08 -38.68
CA LEU A 978 8.49 -22.00 -38.17
C LEU A 978 7.86 -23.27 -37.60
N ASN A 979 6.66 -23.20 -37.03
CA ASN A 979 5.98 -24.41 -36.61
C ASN A 979 5.41 -25.19 -37.78
N PHE A 980 5.16 -24.54 -38.91
CA PHE A 980 4.74 -25.28 -40.09
C PHE A 980 5.91 -25.95 -40.79
N VAL A 981 7.09 -25.33 -40.72
CA VAL A 981 8.30 -25.94 -41.27
C VAL A 981 8.65 -27.21 -40.49
N LEU A 982 8.57 -27.14 -39.16
CA LEU A 982 9.01 -28.26 -38.34
C LEU A 982 8.06 -29.45 -38.44
N MET A 983 6.76 -29.22 -38.58
CA MET A 983 5.84 -30.35 -38.52
C MET A 983 5.62 -30.99 -39.89
N CYS A 984 5.90 -30.29 -40.98
CA CYS A 984 6.01 -30.96 -42.27
C CYS A 984 7.25 -31.85 -42.29
N ALA A 985 8.37 -31.32 -41.84
CA ALA A 985 9.64 -32.02 -41.86
C ALA A 985 9.91 -32.63 -40.48
N GLY A 986 9.05 -33.55 -40.07
CA GLY A 986 9.36 -34.31 -38.87
C GLY A 986 8.83 -33.77 -37.56
N ILE A 987 9.66 -32.94 -36.91
CA ILE A 987 9.60 -32.63 -35.49
C ILE A 987 8.24 -32.09 -35.06
N GLU A 988 7.76 -32.55 -33.91
CA GLU A 988 6.54 -32.01 -33.32
C GLU A 988 6.74 -30.57 -32.89
N ALA A 989 5.64 -29.82 -32.88
CA ALA A 989 5.69 -28.38 -32.71
C ALA A 989 6.10 -27.98 -31.30
N LEU A 990 6.77 -26.85 -31.18
CA LEU A 990 7.12 -26.30 -29.88
C LEU A 990 5.90 -25.60 -29.31
N GLN A 991 5.50 -25.99 -28.09
CA GLN A 991 4.26 -25.49 -27.52
C GLN A 991 4.38 -24.09 -26.95
N THR A 992 5.59 -23.52 -26.89
CA THR A 992 5.78 -22.16 -26.42
C THR A 992 5.90 -21.15 -27.55
N LEU A 993 5.81 -21.60 -28.80
CA LEU A 993 5.67 -20.70 -29.93
C LEU A 993 4.23 -20.57 -30.40
N ARG A 994 3.39 -21.56 -30.10
CA ARG A 994 1.96 -21.42 -30.35
C ARG A 994 1.35 -20.36 -29.45
N LEU A 995 1.87 -20.16 -28.25
CA LEU A 995 1.26 -19.24 -27.30
C LEU A 995 1.61 -17.79 -27.57
N LEU A 996 2.13 -17.45 -28.74
CA LEU A 996 2.47 -16.07 -29.05
C LEU A 996 1.33 -15.28 -29.64
N ARG A 997 0.21 -15.90 -30.00
CA ARG A 997 -0.89 -15.10 -30.53
C ARG A 997 -1.76 -14.52 -29.43
N VAL A 998 -1.39 -14.76 -28.16
CA VAL A 998 -2.00 -14.02 -27.07
C VAL A 998 -1.52 -12.58 -27.09
N PHE A 999 -0.27 -12.36 -27.53
CA PHE A 999 0.32 -11.04 -27.64
C PHE A 999 -0.23 -10.23 -28.82
N ARG A 1000 -1.29 -10.68 -29.44
CA ARG A 1000 -1.93 -9.97 -30.52
C ARG A 1000 -3.26 -9.37 -30.08
N LEU A 1001 -3.65 -9.63 -28.84
CA LEU A 1001 -4.85 -9.07 -28.24
C LEU A 1001 -4.63 -7.69 -27.65
N PHE A 1002 -3.47 -7.11 -27.83
CA PHE A 1002 -3.20 -5.78 -27.31
C PHE A 1002 -3.46 -4.68 -28.34
N ARG A 1003 -3.55 -5.03 -29.62
CA ARG A 1003 -3.98 -4.03 -30.61
C ARG A 1003 -5.46 -3.69 -30.48
N PRO A 1004 -6.41 -4.64 -30.40
CA PRO A 1004 -7.80 -4.20 -30.18
C PRO A 1004 -8.10 -3.81 -28.75
N LEU A 1005 -7.17 -4.01 -27.82
CA LEU A 1005 -7.39 -3.60 -26.44
C LEU A 1005 -7.16 -2.11 -26.28
N SER A 1006 -6.21 -1.54 -27.01
CA SER A 1006 -5.96 -0.11 -26.94
C SER A 1006 -6.97 0.72 -27.72
N LYS A 1007 -7.92 0.10 -28.41
CA LYS A 1007 -8.96 0.81 -29.15
C LYS A 1007 -10.28 0.87 -28.39
N VAL A 1008 -10.34 0.27 -27.19
CA VAL A 1008 -11.52 0.40 -26.35
C VAL A 1008 -11.64 1.86 -25.90
N ASN A 1009 -12.87 2.30 -25.60
CA ASN A 1009 -13.21 3.72 -25.59
C ASN A 1009 -12.48 4.49 -24.49
N GLY A 1010 -12.18 3.84 -23.39
CA GLY A 1010 -11.47 4.54 -22.33
C GLY A 1010 -10.01 4.18 -22.24
N MET A 1011 -9.60 3.08 -22.87
CA MET A 1011 -8.27 2.50 -22.74
C MET A 1011 -7.18 3.29 -23.39
N GLN A 1012 -7.45 4.39 -24.07
CA GLN A 1012 -6.34 5.15 -24.65
C GLN A 1012 -5.64 5.98 -23.59
N VAL A 1013 -6.33 6.35 -22.52
CA VAL A 1013 -5.69 7.10 -21.45
C VAL A 1013 -4.84 6.18 -20.59
N VAL A 1014 -5.31 4.95 -20.37
CA VAL A 1014 -4.62 4.01 -19.49
C VAL A 1014 -3.34 3.50 -20.15
N THR A 1015 -3.43 3.13 -21.42
CA THR A 1015 -2.25 2.61 -22.10
C THR A 1015 -1.26 3.69 -22.48
N SER A 1016 -1.65 4.94 -22.50
CA SER A 1016 -0.69 5.99 -22.83
C SER A 1016 0.18 6.36 -21.64
N THR A 1017 -0.25 6.08 -20.42
CA THR A 1017 0.61 6.34 -19.27
C THR A 1017 1.53 5.18 -18.95
N LEU A 1018 1.21 3.97 -19.41
CA LEU A 1018 2.17 2.87 -19.29
C LEU A 1018 3.26 2.95 -20.33
N VAL A 1019 3.04 3.66 -21.42
CA VAL A 1019 4.06 3.85 -22.44
C VAL A 1019 4.90 5.09 -22.18
N GLU A 1020 4.27 6.15 -21.67
CA GLU A 1020 5.02 7.37 -21.39
C GLU A 1020 5.91 7.21 -20.15
N ALA A 1021 5.50 6.38 -19.20
CA ALA A 1021 6.26 6.19 -17.97
C ALA A 1021 7.17 4.97 -18.00
N VAL A 1022 7.24 4.26 -19.12
CA VAL A 1022 8.18 3.14 -19.22
C VAL A 1022 9.65 3.57 -19.24
N PRO A 1023 10.09 4.81 -19.66
CA PRO A 1023 11.50 5.13 -19.39
C PRO A 1023 11.74 5.68 -18.00
N HIS A 1024 10.69 6.14 -17.32
CA HIS A 1024 10.86 6.68 -15.98
C HIS A 1024 10.94 5.57 -14.94
N ILE A 1025 10.30 4.43 -15.17
CA ILE A 1025 10.47 3.32 -14.27
C ILE A 1025 11.86 2.70 -14.42
N PHE A 1026 12.43 2.74 -15.63
CA PHE A 1026 13.72 2.10 -15.87
C PHE A 1026 14.86 2.83 -15.18
N ASN A 1027 14.71 4.12 -14.92
CA ASN A 1027 15.67 4.80 -14.07
C ASN A 1027 15.48 4.43 -12.60
N VAL A 1028 14.24 4.21 -12.18
CA VAL A 1028 13.98 3.92 -10.78
C VAL A 1028 14.35 2.48 -10.44
N ILE A 1029 14.24 1.57 -11.39
CA ILE A 1029 14.74 0.21 -11.18
C ILE A 1029 16.25 0.21 -11.00
N LEU A 1030 16.97 0.94 -11.86
CA LEU A 1030 18.43 0.95 -11.80
C LEU A 1030 18.95 1.64 -10.54
N VAL A 1031 18.29 2.71 -10.11
CA VAL A 1031 18.64 3.31 -8.83
C VAL A 1031 18.21 2.38 -7.70
N GLY A 1032 17.16 1.59 -7.92
CA GLY A 1032 16.76 0.63 -6.91
C GLY A 1032 17.72 -0.53 -6.78
N ILE A 1033 18.29 -1.01 -7.90
CA ILE A 1033 19.28 -2.09 -7.87
C ILE A 1033 20.53 -1.67 -7.12
N PHE A 1034 20.90 -0.39 -7.20
CA PHE A 1034 22.13 0.10 -6.59
C PHE A 1034 22.05 0.10 -5.07
N PHE A 1035 21.01 0.69 -4.49
CA PHE A 1035 20.93 0.75 -3.03
C PHE A 1035 20.64 -0.61 -2.43
N TRP A 1036 19.90 -1.44 -3.14
CA TRP A 1036 19.72 -2.84 -2.76
C TRP A 1036 21.03 -3.61 -2.79
N LEU A 1037 21.98 -3.19 -3.63
CA LEU A 1037 23.24 -3.91 -3.74
C LEU A 1037 24.12 -3.66 -2.52
N VAL A 1038 24.04 -2.49 -1.90
CA VAL A 1038 24.81 -2.25 -0.70
C VAL A 1038 24.28 -3.07 0.47
N PHE A 1039 22.96 -3.21 0.58
CA PHE A 1039 22.39 -4.07 1.60
C PHE A 1039 22.62 -5.54 1.30
N ALA A 1040 22.79 -5.89 0.03
CA ALA A 1040 23.01 -7.29 -0.30
C ALA A 1040 24.45 -7.70 -0.06
N ILE A 1041 25.42 -6.85 -0.37
CA ILE A 1041 26.80 -7.22 -0.14
C ILE A 1041 27.22 -6.83 1.27
N MET A 1042 26.27 -6.36 2.07
CA MET A 1042 26.38 -6.34 3.52
C MET A 1042 25.72 -7.55 4.15
N GLY A 1043 24.59 -8.00 3.60
CA GLY A 1043 23.94 -9.18 4.12
C GLY A 1043 24.72 -10.46 3.86
N VAL A 1044 25.50 -10.50 2.78
CA VAL A 1044 26.37 -11.64 2.55
C VAL A 1044 27.46 -11.69 3.61
N GLN A 1045 28.04 -10.54 3.94
CA GLN A 1045 29.17 -10.52 4.86
C GLN A 1045 28.78 -10.76 6.29
N LEU A 1046 27.50 -10.65 6.62
CA LEU A 1046 26.99 -10.95 7.96
C LEU A 1046 26.38 -12.33 8.07
N PHE A 1047 25.82 -12.88 7.00
CA PHE A 1047 24.97 -14.05 7.11
C PHE A 1047 25.38 -15.23 6.25
N ALA A 1048 26.43 -15.14 5.45
CA ALA A 1048 26.81 -16.26 4.62
C ALA A 1048 27.46 -17.35 5.46
N GLY A 1049 27.21 -18.61 5.09
CA GLY A 1049 27.69 -19.73 5.84
C GLY A 1049 26.87 -20.08 7.04
N LYS A 1050 26.09 -19.16 7.55
CA LYS A 1050 25.13 -19.42 8.61
C LYS A 1050 23.88 -19.97 7.96
N PHE A 1051 22.79 -20.01 8.71
CA PHE A 1051 21.47 -20.51 8.32
C PHE A 1051 21.47 -22.02 8.04
N TYR A 1052 22.56 -22.71 8.35
CA TYR A 1052 22.56 -24.16 8.41
C TYR A 1052 22.12 -24.61 9.80
N LYS A 1053 21.59 -25.82 9.86
CA LYS A 1053 21.08 -26.35 11.11
C LYS A 1053 20.99 -27.86 10.97
N CYS A 1054 21.02 -28.54 12.10
CA CYS A 1054 20.95 -30.00 12.15
C CYS A 1054 19.50 -30.40 12.37
N VAL A 1055 18.90 -31.02 11.36
CA VAL A 1055 17.46 -31.28 11.38
C VAL A 1055 17.23 -32.79 11.38
N ASP A 1056 16.08 -33.19 11.91
CA ASP A 1056 15.75 -34.58 12.20
C ASP A 1056 15.24 -35.27 10.94
N GLU A 1057 14.57 -36.42 11.11
CA GLU A 1057 14.14 -37.26 10.00
C GLU A 1057 13.16 -36.53 9.09
N ASN A 1058 12.04 -36.08 9.63
CA ASN A 1058 11.02 -35.43 8.78
C ASN A 1058 11.29 -33.94 8.55
N SER A 1059 11.10 -33.10 9.57
CA SER A 1059 11.43 -31.69 9.41
C SER A 1059 11.85 -30.99 10.69
N THR A 1060 11.93 -31.66 11.83
CA THR A 1060 11.97 -30.95 13.11
C THR A 1060 13.41 -30.57 13.45
N VAL A 1061 13.63 -29.29 13.72
CA VAL A 1061 14.97 -28.78 13.98
C VAL A 1061 15.39 -29.19 15.38
N LEU A 1062 16.58 -29.77 15.49
CA LEU A 1062 17.10 -30.22 16.77
C LEU A 1062 17.45 -29.03 17.66
N SER A 1063 17.76 -29.34 18.92
CA SER A 1063 18.04 -28.34 19.92
C SER A 1063 19.53 -28.27 20.22
N HIS A 1064 19.93 -27.15 20.80
CA HIS A 1064 21.24 -27.05 21.43
C HIS A 1064 21.26 -27.94 22.67
N GLU A 1065 22.47 -28.34 23.08
CA GLU A 1065 22.89 -29.24 24.15
C GLU A 1065 22.64 -30.70 23.75
N ILE A 1066 21.95 -30.97 22.64
CA ILE A 1066 21.92 -32.29 22.04
C ILE A 1066 23.02 -32.33 20.99
N THR A 1067 22.92 -31.45 20.01
CA THR A 1067 23.97 -31.23 19.02
C THR A 1067 24.30 -29.75 18.98
N MET A 1068 25.56 -29.42 18.71
CA MET A 1068 25.95 -28.02 18.70
C MET A 1068 26.92 -27.65 17.57
N ASP A 1069 27.27 -28.57 16.69
CA ASP A 1069 28.04 -28.27 15.49
C ASP A 1069 27.79 -29.35 14.45
N ARG A 1070 28.56 -29.31 13.37
CA ARG A 1070 28.45 -30.34 12.34
C ARG A 1070 29.07 -31.66 12.78
N ASN A 1071 30.03 -31.60 13.70
CA ASN A 1071 30.63 -32.82 14.24
C ASN A 1071 29.61 -33.61 15.03
N ASP A 1072 28.82 -32.93 15.86
CA ASP A 1072 27.83 -33.62 16.67
C ASP A 1072 26.60 -34.04 15.88
N CYS A 1073 26.42 -33.53 14.67
CA CYS A 1073 25.24 -33.84 13.88
C CYS A 1073 25.44 -35.07 13.02
N LEU A 1074 26.56 -35.14 12.29
CA LEU A 1074 26.79 -36.27 11.40
C LEU A 1074 27.17 -37.52 12.18
N HIS A 1075 27.74 -37.35 13.37
CA HIS A 1075 28.10 -38.49 14.21
C HIS A 1075 26.87 -39.19 14.76
N GLU A 1076 25.76 -38.49 14.91
CA GLU A 1076 24.52 -39.11 15.36
C GLU A 1076 23.59 -39.45 14.20
N ASN A 1077 24.15 -39.53 12.98
CA ASN A 1077 23.46 -39.96 11.77
C ASN A 1077 22.26 -39.08 11.43
N TYR A 1078 22.33 -37.79 11.75
CA TYR A 1078 21.34 -36.83 11.31
C TYR A 1078 21.78 -36.22 9.99
N THR A 1079 21.12 -35.13 9.59
CA THR A 1079 21.49 -34.37 8.42
C THR A 1079 21.64 -32.89 8.79
N TRP A 1080 22.46 -32.18 8.02
CA TRP A 1080 22.83 -30.80 8.30
C TRP A 1080 22.35 -29.98 7.11
N GLU A 1081 21.12 -29.50 7.19
CA GLU A 1081 20.43 -28.89 6.07
C GLU A 1081 20.74 -27.40 6.03
N ASN A 1082 20.53 -26.79 4.86
CA ASN A 1082 20.58 -25.36 4.67
C ASN A 1082 19.17 -24.81 4.58
N SER A 1083 19.04 -23.52 4.89
CA SER A 1083 17.76 -22.84 4.75
C SER A 1083 17.46 -22.63 3.26
N PRO A 1084 16.18 -22.56 2.88
CA PRO A 1084 15.86 -22.29 1.47
C PRO A 1084 16.24 -20.90 1.01
N MET A 1085 15.85 -19.88 1.75
CA MET A 1085 16.23 -18.50 1.49
C MET A 1085 17.41 -18.12 2.35
N ASN A 1086 18.53 -17.79 1.72
CA ASN A 1086 19.76 -17.58 2.46
C ASN A 1086 20.51 -16.38 1.88
N PHE A 1087 21.74 -16.19 2.32
CA PHE A 1087 22.59 -15.06 1.98
C PHE A 1087 23.97 -15.52 1.57
N ASP A 1088 24.07 -16.61 0.80
CA ASP A 1088 25.39 -17.18 0.50
C ASP A 1088 26.15 -16.33 -0.50
N HIS A 1089 25.55 -16.00 -1.63
CA HIS A 1089 26.14 -15.06 -2.56
C HIS A 1089 25.11 -14.01 -2.89
N VAL A 1090 25.47 -13.05 -3.76
CA VAL A 1090 24.56 -11.93 -3.97
C VAL A 1090 23.40 -12.25 -4.88
N GLY A 1091 23.39 -13.40 -5.52
CA GLY A 1091 22.21 -13.83 -6.23
C GLY A 1091 21.18 -14.32 -5.25
N ASN A 1092 21.61 -15.15 -4.29
CA ASN A 1092 20.74 -15.57 -3.19
C ASN A 1092 20.37 -14.43 -2.28
N ALA A 1093 21.15 -13.36 -2.27
CA ALA A 1093 20.80 -12.21 -1.45
C ALA A 1093 19.57 -11.50 -1.98
N TYR A 1094 19.53 -11.24 -3.29
CA TYR A 1094 18.43 -10.49 -3.90
C TYR A 1094 17.10 -11.20 -3.80
N LEU A 1095 17.07 -12.53 -3.86
CA LEU A 1095 15.80 -13.21 -3.70
C LEU A 1095 15.33 -13.18 -2.26
N SER A 1096 16.25 -13.33 -1.32
CA SER A 1096 15.95 -13.24 0.10
C SER A 1096 15.67 -11.83 0.57
N LEU A 1097 16.04 -10.83 -0.22
CA LEU A 1097 15.84 -9.45 0.17
C LEU A 1097 14.61 -8.86 -0.49
N LEU A 1098 14.06 -9.53 -1.50
CA LEU A 1098 12.75 -9.21 -2.05
C LEU A 1098 11.64 -9.82 -1.22
N GLN A 1099 11.94 -10.93 -0.53
CA GLN A 1099 11.04 -11.48 0.48
C GLN A 1099 10.72 -10.45 1.54
N VAL A 1100 11.74 -9.78 2.08
CA VAL A 1100 11.50 -8.82 3.16
C VAL A 1100 11.09 -7.45 2.65
N ALA A 1101 11.16 -7.20 1.35
CA ALA A 1101 10.73 -5.91 0.85
C ALA A 1101 9.26 -5.87 0.51
N THR A 1102 8.70 -7.01 0.13
CA THR A 1102 7.27 -7.14 -0.10
C THR A 1102 6.56 -7.72 1.11
N PHE A 1103 7.29 -8.03 2.17
CA PHE A 1103 6.79 -8.55 3.45
C PHE A 1103 6.11 -9.89 3.30
N LYS A 1104 6.54 -10.72 2.35
CA LYS A 1104 5.93 -12.01 2.11
C LYS A 1104 7.02 -13.07 2.19
N GLY A 1105 7.24 -13.61 3.39
CA GLY A 1105 8.25 -14.63 3.58
C GLY A 1105 9.38 -14.14 4.43
N TRP A 1106 9.13 -13.05 5.13
CA TRP A 1106 10.14 -12.29 5.83
C TRP A 1106 10.29 -12.70 7.27
N LEU A 1107 9.38 -13.52 7.79
CA LEU A 1107 9.49 -14.00 9.15
C LEU A 1107 10.50 -15.13 9.28
N GLN A 1108 10.65 -15.97 8.26
CA GLN A 1108 11.62 -17.04 8.32
C GLN A 1108 13.04 -16.54 8.13
N ILE A 1109 13.22 -15.50 7.32
CA ILE A 1109 14.55 -14.93 7.13
C ILE A 1109 14.97 -14.15 8.36
N MET A 1110 14.04 -13.50 9.04
CA MET A 1110 14.36 -12.90 10.32
C MET A 1110 14.62 -13.94 11.39
N ASN A 1111 13.81 -14.99 11.45
CA ASN A 1111 14.05 -16.08 12.40
C ASN A 1111 15.33 -16.84 12.12
N ASP A 1112 15.84 -16.78 10.90
CA ASP A 1112 17.17 -17.30 10.63
C ASP A 1112 18.26 -16.33 11.00
N ALA A 1113 18.04 -15.04 10.80
CA ALA A 1113 19.06 -14.03 11.05
C ALA A 1113 19.29 -13.75 12.52
N ILE A 1114 18.29 -13.98 13.35
CA ILE A 1114 18.42 -13.72 14.78
C ILE A 1114 19.10 -14.90 15.47
N ASP A 1115 18.94 -16.10 14.96
CA ASP A 1115 19.48 -17.26 15.63
C ASP A 1115 20.95 -17.53 15.30
N SER A 1116 21.45 -16.98 14.21
CA SER A 1116 22.77 -17.34 13.71
C SER A 1116 23.86 -16.77 14.59
N ARG A 1117 24.88 -17.57 14.84
CA ARG A 1117 26.00 -17.09 15.64
C ARG A 1117 27.36 -17.28 14.98
N GLU A 1118 27.56 -18.38 14.25
CA GLU A 1118 28.88 -18.72 13.73
C GLU A 1118 28.63 -19.68 12.57
N VAL A 1119 29.69 -20.00 11.82
CA VAL A 1119 29.52 -20.64 10.53
C VAL A 1119 29.17 -22.12 10.66
N HIS A 1120 29.86 -22.84 11.52
CA HIS A 1120 29.60 -24.28 11.71
C HIS A 1120 29.07 -24.59 13.10
N LYS A 1121 28.15 -23.80 13.61
CA LYS A 1121 27.55 -24.06 14.90
C LYS A 1121 26.04 -24.11 14.76
N GLN A 1122 25.40 -24.81 15.68
CA GLN A 1122 23.94 -24.91 15.68
C GLN A 1122 23.34 -23.55 16.04
N PRO A 1123 22.27 -23.14 15.38
CA PRO A 1123 21.59 -21.89 15.74
C PRO A 1123 20.81 -22.05 17.04
N ILE A 1124 21.25 -21.35 18.07
CA ILE A 1124 20.47 -21.17 19.29
C ILE A 1124 19.50 -20.04 19.04
N ARG A 1125 18.24 -20.20 19.46
CA ARG A 1125 17.24 -19.19 19.14
C ARG A 1125 17.48 -17.92 19.93
N GLU A 1126 17.30 -16.79 19.23
CA GLU A 1126 17.19 -15.45 19.79
C GLU A 1126 18.50 -14.97 20.41
N THR A 1127 19.62 -15.61 20.06
CA THR A 1127 20.89 -15.28 20.69
C THR A 1127 21.54 -14.04 20.11
N ASN A 1128 21.08 -13.57 18.96
CA ASN A 1128 21.63 -12.39 18.31
C ASN A 1128 20.44 -11.51 17.95
N ILE A 1129 19.96 -10.74 18.93
CA ILE A 1129 18.67 -10.08 18.77
C ILE A 1129 18.80 -8.74 18.05
N TYR A 1130 20.00 -8.19 17.97
CA TYR A 1130 20.18 -6.87 17.39
C TYR A 1130 20.43 -6.91 15.90
N MET A 1131 20.22 -8.05 15.25
CA MET A 1131 20.21 -8.10 13.80
C MET A 1131 18.88 -7.65 13.23
N TYR A 1132 17.91 -7.34 14.08
CA TYR A 1132 16.70 -6.63 13.66
C TYR A 1132 17.02 -5.27 13.09
N LEU A 1133 18.11 -4.64 13.55
CA LEU A 1133 18.46 -3.31 13.07
C LEU A 1133 18.95 -3.31 11.63
N TYR A 1134 19.39 -4.46 11.12
CA TYR A 1134 19.68 -4.55 9.70
C TYR A 1134 18.39 -4.52 8.88
N PHE A 1135 17.31 -5.05 9.43
CA PHE A 1135 16.07 -5.13 8.68
C PHE A 1135 15.20 -3.89 8.82
N ILE A 1136 15.32 -3.15 9.92
CA ILE A 1136 14.61 -1.88 10.01
C ILE A 1136 15.22 -0.86 9.06
N PHE A 1137 16.54 -0.87 8.92
CA PHE A 1137 17.16 0.05 7.99
C PHE A 1137 17.01 -0.38 6.54
N PHE A 1138 16.60 -1.63 6.27
CA PHE A 1138 16.30 -1.98 4.90
C PHE A 1138 14.86 -1.65 4.55
N ILE A 1139 13.91 -1.89 5.46
CA ILE A 1139 12.50 -1.64 5.19
C ILE A 1139 12.24 -0.15 5.03
N VAL A 1140 12.97 0.69 5.75
CA VAL A 1140 12.80 2.13 5.59
C VAL A 1140 13.40 2.60 4.25
N PHE A 1141 14.67 2.32 4.03
CA PHE A 1141 15.33 2.82 2.83
C PHE A 1141 15.06 1.99 1.60
N GLY A 1142 14.32 0.89 1.70
CA GLY A 1142 14.15 0.04 0.53
C GLY A 1142 12.74 -0.43 0.27
N SER A 1143 11.82 -0.23 1.21
CA SER A 1143 10.41 -0.48 0.97
C SER A 1143 9.57 0.77 1.05
N PHE A 1144 9.77 1.57 2.08
CA PHE A 1144 8.96 2.77 2.27
C PHE A 1144 9.36 3.87 1.32
N PHE A 1145 10.54 3.79 0.72
CA PHE A 1145 11.12 4.86 -0.07
C PHE A 1145 11.31 4.49 -1.53
N ILE A 1146 11.98 3.36 -1.79
CA ILE A 1146 12.26 2.98 -3.18
C ILE A 1146 11.02 2.43 -3.86
N LEU A 1147 10.33 1.49 -3.21
CA LEU A 1147 9.17 0.89 -3.86
C LEU A 1147 7.93 1.78 -3.85
N LYS A 1148 7.96 2.88 -3.11
CA LYS A 1148 6.90 3.87 -3.18
C LYS A 1148 7.20 4.95 -4.20
N LEU A 1149 8.35 4.91 -4.87
CA LEU A 1149 8.58 5.81 -5.99
C LEU A 1149 7.82 5.39 -7.22
N PHE A 1150 7.37 4.14 -7.32
CA PHE A 1150 6.58 3.73 -8.46
C PHE A 1150 5.20 4.34 -8.41
N VAL A 1151 4.68 4.58 -7.20
CA VAL A 1151 3.43 5.29 -7.05
C VAL A 1151 3.61 6.75 -7.44
N CYS A 1152 4.78 7.32 -7.11
CA CYS A 1152 5.04 8.74 -7.40
C CYS A 1152 5.13 9.01 -8.88
N ILE A 1153 5.59 8.05 -9.67
CA ILE A 1153 5.69 8.26 -11.12
C ILE A 1153 4.30 8.28 -11.75
N LEU A 1154 3.48 7.28 -11.43
CA LEU A 1154 2.20 7.12 -12.13
C LEU A 1154 1.21 8.21 -11.77
N ILE A 1155 1.36 8.83 -10.60
CA ILE A 1155 0.51 9.96 -10.26
C ILE A 1155 0.90 11.18 -11.09
N ASP A 1156 2.19 11.35 -11.34
CA ASP A 1156 2.66 12.49 -12.11
C ASP A 1156 2.32 12.36 -13.59
N ILE A 1157 2.46 11.16 -14.15
CA ILE A 1157 2.30 11.00 -15.59
C ILE A 1157 0.83 10.96 -15.98
N PHE A 1158 -0.01 10.32 -15.18
CA PHE A 1158 -1.43 10.27 -15.50
C PHE A 1158 -2.09 11.63 -15.41
N ARG A 1159 -1.61 12.49 -14.52
CA ARG A 1159 -2.19 13.81 -14.35
C ARG A 1159 -1.97 14.68 -15.59
N GLN A 1160 -0.92 14.42 -16.35
CA GLN A 1160 -0.64 15.19 -17.55
C GLN A 1160 -0.97 14.48 -18.84
N GLN A 1161 -1.27 13.18 -18.81
CA GLN A 1161 -1.79 12.48 -19.98
C GLN A 1161 -3.31 12.55 -20.05
N ARG A 1162 -3.98 12.67 -18.90
CA ARG A 1162 -5.41 12.91 -18.90
C ARG A 1162 -5.72 14.30 -19.46
N ARG A 1163 -4.82 15.25 -19.23
CA ARG A 1163 -5.01 16.60 -19.78
C ARG A 1163 -4.87 16.60 -21.29
N LYS A 1164 -3.97 15.77 -21.84
CA LYS A 1164 -3.86 15.66 -23.28
C LYS A 1164 -5.06 14.93 -23.88
N ALA A 1165 -5.60 13.94 -23.16
CA ALA A 1165 -6.71 13.17 -23.68
C ALA A 1165 -8.04 13.87 -23.55
N GLU A 1166 -8.15 14.84 -22.65
CA GLU A 1166 -9.34 15.68 -22.56
C GLU A 1166 -9.29 16.83 -23.55
N GLY A 1167 -8.28 16.89 -24.40
CA GLY A 1167 -8.15 17.94 -25.39
C GLY A 1167 -7.69 19.27 -24.86
N LEU A 1168 -7.38 19.37 -23.57
CA LEU A 1168 -7.03 20.63 -22.96
C LEU A 1168 -5.63 21.08 -23.37
N SER A 1169 -5.39 22.38 -23.25
CA SER A 1169 -4.09 22.94 -23.57
C SER A 1169 -3.09 22.56 -22.49
N ALA A 1170 -1.94 22.06 -22.92
CA ALA A 1170 -0.86 21.77 -21.98
C ALA A 1170 -0.26 23.08 -21.48
N THR A 1171 0.02 23.11 -20.17
CA THR A 1171 0.59 24.26 -19.45
C THR A 1171 -0.26 25.52 -19.65
N ASP A 1172 -1.55 25.41 -19.38
CA ASP A 1172 -2.43 26.56 -19.55
C ASP A 1172 -2.31 27.46 -18.33
N SER A 1173 -2.75 26.97 -17.17
CA SER A 1173 -2.75 27.70 -15.90
C SER A 1173 -3.18 26.73 -14.81
N ARG A 1174 -3.18 27.24 -13.59
CA ARG A 1174 -3.71 26.50 -12.45
C ARG A 1174 -5.17 26.83 -12.19
N THR A 1175 -5.57 28.06 -12.50
CA THR A 1175 -6.92 28.52 -12.22
C THR A 1175 -7.77 28.75 -13.46
N GLN A 1176 -7.16 28.98 -14.62
CA GLN A 1176 -7.94 29.22 -15.83
C GLN A 1176 -8.67 27.96 -16.30
N LEU A 1177 -8.11 26.79 -16.00
CA LEU A 1177 -8.80 25.54 -16.29
C LEU A 1177 -9.99 25.32 -15.37
N ILE A 1178 -10.01 25.95 -14.19
CA ILE A 1178 -11.20 25.90 -13.35
C ILE A 1178 -12.32 26.72 -13.97
N TYR A 1179 -11.98 27.77 -14.71
CA TYR A 1179 -12.98 28.56 -15.40
C TYR A 1179 -13.39 27.95 -16.73
N ARG A 1180 -12.51 27.16 -17.35
CA ARG A 1180 -12.89 26.50 -18.59
C ARG A 1180 -13.85 25.36 -18.33
N ARG A 1181 -13.65 24.62 -17.24
CA ARG A 1181 -14.53 23.51 -16.90
C ARG A 1181 -15.88 23.98 -16.39
N ALA A 1182 -16.05 25.27 -16.11
CA ALA A 1182 -17.36 25.81 -15.77
C ALA A 1182 -18.10 26.32 -16.99
N VAL A 1183 -17.40 26.75 -18.03
CA VAL A 1183 -18.07 27.17 -19.26
C VAL A 1183 -18.38 25.96 -20.13
N MET A 1184 -17.45 25.01 -20.25
CA MET A 1184 -17.67 23.81 -21.05
C MET A 1184 -18.73 22.89 -20.46
N ARG A 1185 -19.10 23.07 -19.21
CA ARG A 1185 -20.20 22.33 -18.63
C ARG A 1185 -21.52 23.10 -18.74
N THR A 1186 -21.45 24.39 -19.05
CA THR A 1186 -22.65 25.19 -19.33
C THR A 1186 -23.21 24.88 -20.72
N MET A 1187 -22.34 24.80 -21.73
CA MET A 1187 -22.75 24.63 -23.12
C MET A 1187 -23.45 23.31 -23.40
N SER A 1188 -23.23 22.29 -22.58
CA SER A 1188 -23.71 20.94 -22.87
C SER A 1188 -24.77 20.48 -21.88
N ALA A 1189 -25.67 21.38 -21.47
CA ALA A 1189 -26.68 21.05 -20.47
C ALA A 1189 -28.05 21.54 -20.92
N LYS A 1190 -29.06 20.73 -20.66
CA LYS A 1190 -30.44 20.99 -21.06
C LYS A 1190 -31.35 20.69 -19.89
N PRO A 1191 -32.54 21.28 -19.86
CA PRO A 1191 -33.52 20.92 -18.81
C PRO A 1191 -34.04 19.50 -18.97
N VAL A 1192 -34.78 19.07 -17.95
CA VAL A 1192 -35.32 17.71 -17.87
C VAL A 1192 -36.84 17.83 -17.78
N LYS A 1193 -37.55 17.03 -18.58
CA LYS A 1193 -39.00 17.04 -18.57
C LYS A 1193 -39.53 16.50 -17.24
N ARG A 1194 -40.48 17.23 -16.64
CA ARG A 1194 -41.16 16.73 -15.47
C ARG A 1194 -42.12 15.62 -15.89
N ILE A 1195 -42.39 14.70 -14.98
CA ILE A 1195 -43.20 13.51 -15.30
C ILE A 1195 -44.65 13.93 -15.53
N PRO A 1196 -45.24 13.59 -16.67
CA PRO A 1196 -46.62 14.04 -16.96
C PRO A 1196 -47.64 13.23 -16.19
N LYS A 1197 -48.41 13.90 -15.35
CA LYS A 1197 -49.40 13.17 -14.56
C LYS A 1197 -50.63 12.88 -15.41
N PRO A 1198 -51.08 11.64 -15.47
CA PRO A 1198 -52.31 11.34 -16.22
C PRO A 1198 -53.55 11.62 -15.38
N THR A 1199 -54.73 11.53 -15.98
CA THR A 1199 -55.99 11.96 -15.35
C THR A 1199 -56.96 10.79 -15.26
N CYS A 1200 -56.88 10.03 -14.16
CA CYS A 1200 -57.89 9.04 -13.80
C CYS A 1200 -58.05 9.06 -12.30
N HIS A 1201 -59.05 8.34 -11.81
CA HIS A 1201 -59.22 8.15 -10.37
C HIS A 1201 -58.17 7.24 -9.74
N PRO A 1202 -57.62 6.21 -10.43
CA PRO A 1202 -56.37 5.62 -9.89
C PRO A 1202 -55.15 6.50 -10.09
N GLN A 1203 -55.02 7.11 -11.26
CA GLN A 1203 -53.75 7.72 -11.64
C GLN A 1203 -53.45 9.00 -10.88
N SER A 1204 -54.46 9.80 -10.56
CA SER A 1204 -54.21 11.10 -9.97
C SER A 1204 -53.84 11.01 -8.50
N LEU A 1205 -54.36 10.01 -7.78
CA LEU A 1205 -54.14 9.89 -6.35
C LEU A 1205 -53.11 8.84 -6.00
N MET A 1206 -52.51 8.18 -7.00
CA MET A 1206 -51.27 7.45 -6.76
C MET A 1206 -50.08 8.36 -6.99
N TYR A 1207 -50.12 9.14 -8.08
CA TYR A 1207 -49.04 10.08 -8.41
C TYR A 1207 -48.89 11.17 -7.36
N ASP A 1208 -49.96 11.47 -6.62
CA ASP A 1208 -49.86 12.41 -5.51
C ASP A 1208 -48.94 11.88 -4.42
N ILE A 1209 -49.03 10.57 -4.14
CA ILE A 1209 -48.22 9.97 -3.09
C ILE A 1209 -46.97 9.28 -3.65
N SER A 1210 -46.89 9.08 -4.96
CA SER A 1210 -45.69 8.48 -5.55
C SER A 1210 -44.59 9.47 -5.84
N VAL A 1211 -44.70 10.72 -5.41
CA VAL A 1211 -43.71 11.72 -5.80
C VAL A 1211 -43.27 12.51 -4.58
N ASN A 1212 -43.94 12.31 -3.44
CA ASN A 1212 -43.66 13.09 -2.24
C ASN A 1212 -42.31 12.75 -1.65
N ARG A 1213 -41.61 13.77 -1.16
CA ARG A 1213 -40.34 13.55 -0.49
C ARG A 1213 -40.55 12.93 0.89
N LYS A 1214 -41.75 13.05 1.45
CA LYS A 1214 -42.09 12.30 2.64
C LYS A 1214 -42.24 10.82 2.34
N PHE A 1215 -42.76 10.48 1.16
CA PHE A 1215 -42.93 9.08 0.81
C PHE A 1215 -41.64 8.43 0.34
N GLU A 1216 -40.70 9.22 -0.18
CA GLU A 1216 -39.39 8.66 -0.52
C GLU A 1216 -38.59 8.37 0.73
N TYR A 1217 -38.83 9.10 1.82
CA TYR A 1217 -38.08 8.84 3.04
C TYR A 1217 -38.65 7.65 3.79
N THR A 1218 -39.98 7.56 3.88
CA THR A 1218 -40.59 6.50 4.66
C THR A 1218 -40.57 5.16 3.95
N MET A 1219 -40.25 5.13 2.67
CA MET A 1219 -39.91 3.90 1.98
C MET A 1219 -38.42 3.68 1.90
N MET A 1220 -37.63 4.57 2.49
CA MET A 1220 -36.20 4.37 2.63
C MET A 1220 -35.82 3.96 4.04
N ILE A 1221 -36.53 4.46 5.05
CA ILE A 1221 -36.27 4.03 6.42
C ILE A 1221 -36.74 2.59 6.64
N LEU A 1222 -37.61 2.07 5.77
CA LEU A 1222 -38.02 0.68 5.85
C LEU A 1222 -37.07 -0.26 5.13
N ILE A 1223 -36.35 0.23 4.12
CA ILE A 1223 -35.29 -0.56 3.51
C ILE A 1223 -34.15 -0.78 4.50
N ILE A 1224 -33.85 0.24 5.31
CA ILE A 1224 -32.76 0.15 6.28
C ILE A 1224 -33.11 -0.80 7.40
N LEU A 1225 -34.34 -0.75 7.88
CA LEU A 1225 -34.78 -1.72 8.87
C LEU A 1225 -35.04 -3.10 8.29
N ASN A 1226 -35.07 -3.24 6.96
CA ASN A 1226 -35.13 -4.57 6.37
C ASN A 1226 -33.78 -5.25 6.40
N VAL A 1227 -32.70 -4.50 6.59
CA VAL A 1227 -31.35 -5.01 6.49
C VAL A 1227 -30.64 -5.07 7.84
N ALA A 1228 -30.97 -4.16 8.76
CA ALA A 1228 -30.51 -4.28 10.13
C ALA A 1228 -31.10 -5.49 10.84
N VAL A 1229 -32.24 -6.01 10.38
CA VAL A 1229 -32.77 -7.26 10.89
C VAL A 1229 -31.92 -8.43 10.40
N MET A 1230 -31.31 -8.31 9.23
CA MET A 1230 -30.46 -9.38 8.70
C MET A 1230 -29.12 -9.49 9.41
N ALA A 1231 -28.77 -8.53 10.26
CA ALA A 1231 -27.52 -8.55 10.99
C ALA A 1231 -27.63 -9.24 12.34
N ILE A 1232 -28.82 -9.68 12.74
CA ILE A 1232 -28.97 -10.43 13.98
C ILE A 1232 -29.23 -11.90 13.72
N ASP A 1233 -29.02 -12.36 12.48
CA ASP A 1233 -28.89 -13.79 12.23
C ASP A 1233 -27.52 -14.27 12.70
N HIS A 1234 -27.50 -15.42 13.34
CA HIS A 1234 -26.26 -16.05 13.76
C HIS A 1234 -26.40 -17.55 13.64
N TYR A 1235 -25.29 -18.25 13.76
CA TYR A 1235 -25.25 -19.67 13.43
C TYR A 1235 -25.84 -20.51 14.54
N GLY A 1236 -26.83 -21.33 14.18
CA GLY A 1236 -27.49 -22.20 15.13
C GLY A 1236 -28.28 -21.40 16.15
N GLN A 1237 -29.07 -20.44 15.67
CA GLN A 1237 -29.71 -19.47 16.52
C GLN A 1237 -30.74 -20.06 17.49
N SER A 1238 -31.89 -20.50 16.97
CA SER A 1238 -32.85 -21.43 17.59
C SER A 1238 -33.99 -21.61 16.59
N MET A 1239 -35.00 -22.40 16.95
CA MET A 1239 -36.19 -22.45 16.14
C MET A 1239 -37.19 -21.35 16.49
N GLU A 1240 -37.26 -20.94 17.76
CA GLU A 1240 -38.15 -19.87 18.16
C GLU A 1240 -37.64 -18.50 17.74
N PHE A 1241 -36.34 -18.37 17.44
CA PHE A 1241 -35.80 -17.10 17.01
C PHE A 1241 -36.02 -16.87 15.53
N SER A 1242 -36.02 -17.94 14.75
CA SER A 1242 -36.36 -17.87 13.33
C SER A 1242 -37.85 -17.99 13.07
N GLU A 1243 -38.67 -17.95 14.12
CA GLU A 1243 -40.12 -17.82 13.99
C GLU A 1243 -40.53 -16.35 14.02
N VAL A 1244 -39.83 -15.55 14.83
CA VAL A 1244 -40.01 -14.10 14.79
C VAL A 1244 -39.46 -13.55 13.48
N LEU A 1245 -38.20 -13.88 13.18
CA LEU A 1245 -37.50 -13.28 12.06
C LEU A 1245 -37.95 -13.80 10.70
N ASP A 1246 -38.81 -14.80 10.65
CA ASP A 1246 -39.45 -15.18 9.40
C ASP A 1246 -40.80 -14.50 9.22
N TYR A 1247 -41.56 -14.34 10.30
CA TYR A 1247 -42.80 -13.59 10.24
C TYR A 1247 -42.55 -12.10 10.10
N LEU A 1248 -41.42 -11.61 10.62
CA LEU A 1248 -41.05 -10.22 10.41
C LEU A 1248 -40.58 -10.00 8.98
N ASN A 1249 -40.10 -11.04 8.32
CA ASN A 1249 -39.77 -11.00 6.89
C ASN A 1249 -41.00 -11.20 6.01
N LEU A 1250 -42.18 -11.31 6.60
CA LEU A 1250 -43.42 -11.30 5.84
C LEU A 1250 -44.13 -9.97 5.93
N ILE A 1251 -43.83 -9.17 6.95
CA ILE A 1251 -44.40 -7.83 7.04
C ILE A 1251 -43.72 -6.89 6.04
N PHE A 1252 -42.39 -6.95 5.97
CA PHE A 1252 -41.66 -6.10 5.04
C PHE A 1252 -41.81 -6.55 3.60
N ILE A 1253 -42.17 -7.82 3.36
CA ILE A 1253 -42.25 -8.31 1.99
C ILE A 1253 -43.53 -7.87 1.31
N ILE A 1254 -44.50 -7.37 2.08
CA ILE A 1254 -45.77 -6.94 1.53
C ILE A 1254 -45.91 -5.43 1.50
N ILE A 1255 -45.15 -4.70 2.32
CA ILE A 1255 -45.07 -3.26 2.20
C ILE A 1255 -44.35 -2.89 0.92
N PHE A 1256 -43.32 -3.65 0.57
CA PHE A 1256 -42.59 -3.44 -0.67
C PHE A 1256 -43.34 -3.95 -1.88
N PHE A 1257 -44.44 -4.68 -1.69
CA PHE A 1257 -45.34 -4.96 -2.80
C PHE A 1257 -46.31 -3.84 -3.04
N VAL A 1258 -46.75 -3.15 -1.98
CA VAL A 1258 -47.64 -2.01 -2.12
C VAL A 1258 -46.91 -0.84 -2.77
N GLU A 1259 -45.68 -0.58 -2.30
CA GLU A 1259 -44.82 0.45 -2.88
C GLU A 1259 -44.54 0.20 -4.35
N CYS A 1260 -44.39 -1.06 -4.73
CA CYS A 1260 -44.13 -1.38 -6.12
C CYS A 1260 -45.39 -1.38 -6.97
N VAL A 1261 -46.57 -1.28 -6.36
CA VAL A 1261 -47.80 -1.08 -7.09
C VAL A 1261 -48.13 0.40 -7.21
N ILE A 1262 -47.93 1.16 -6.12
CA ILE A 1262 -48.20 2.59 -6.11
C ILE A 1262 -47.29 3.33 -7.08
N LYS A 1263 -46.00 2.99 -7.08
CA LYS A 1263 -45.04 3.67 -7.94
C LYS A 1263 -45.09 3.20 -9.39
N VAL A 1264 -45.98 2.28 -9.75
CA VAL A 1264 -46.24 1.96 -11.15
C VAL A 1264 -47.63 2.41 -11.58
N SER A 1265 -48.61 2.32 -10.69
CA SER A 1265 -49.93 2.90 -10.94
C SER A 1265 -49.85 4.41 -11.08
N GLY A 1266 -48.92 5.05 -10.39
CA GLY A 1266 -48.76 6.49 -10.49
C GLY A 1266 -47.68 6.93 -11.47
N LEU A 1267 -46.85 5.99 -11.91
CA LEU A 1267 -45.78 6.28 -12.88
C LEU A 1267 -45.81 5.16 -13.91
N ARG A 1268 -46.35 5.45 -15.10
CA ARG A 1268 -46.67 4.44 -16.10
C ARG A 1268 -45.46 3.68 -16.61
N HIS A 1269 -44.57 4.37 -17.31
CA HIS A 1269 -43.35 3.76 -17.82
C HIS A 1269 -42.11 4.45 -17.27
N HIS A 1270 -42.28 5.48 -16.45
CA HIS A 1270 -41.16 6.21 -15.91
C HIS A 1270 -40.52 5.47 -14.75
N TYR A 1271 -41.22 4.48 -14.19
CA TYR A 1271 -40.69 3.71 -13.06
C TYR A 1271 -39.50 2.87 -13.48
N PHE A 1272 -39.52 2.34 -14.69
CA PHE A 1272 -38.48 1.42 -15.15
C PHE A 1272 -37.23 2.12 -15.64
N LYS A 1273 -37.17 3.45 -15.57
CA LYS A 1273 -35.99 4.18 -16.01
C LYS A 1273 -34.96 4.33 -14.90
N ASP A 1274 -35.35 4.20 -13.65
CA ASP A 1274 -34.46 4.40 -12.51
C ASP A 1274 -33.83 3.05 -12.15
N PRO A 1275 -32.51 2.94 -12.13
CA PRO A 1275 -31.88 1.64 -11.81
C PRO A 1275 -32.15 1.13 -10.41
N TRP A 1276 -32.46 2.00 -9.46
CA TRP A 1276 -32.83 1.54 -8.13
C TRP A 1276 -34.31 1.24 -8.01
N ASN A 1277 -35.05 1.27 -9.11
CA ASN A 1277 -36.41 0.78 -9.13
C ASN A 1277 -36.58 -0.55 -9.83
N ILE A 1278 -35.71 -0.86 -10.81
CA ILE A 1278 -35.77 -2.19 -11.41
C ILE A 1278 -35.21 -3.23 -10.44
N ILE A 1279 -34.27 -2.85 -9.58
CA ILE A 1279 -33.77 -3.76 -8.55
C ILE A 1279 -34.81 -3.94 -7.45
N ASP A 1280 -35.55 -2.87 -7.14
CA ASP A 1280 -36.68 -3.01 -6.22
C ASP A 1280 -37.81 -3.80 -6.87
N PHE A 1281 -37.92 -3.75 -8.20
CA PHE A 1281 -38.92 -4.56 -8.88
C PHE A 1281 -38.51 -6.02 -8.94
N LEU A 1282 -37.25 -6.30 -9.24
CA LEU A 1282 -36.79 -7.68 -9.32
C LEU A 1282 -36.77 -8.38 -7.98
N TYR A 1283 -36.71 -7.64 -6.87
CA TYR A 1283 -36.77 -8.30 -5.59
C TYR A 1283 -38.18 -8.75 -5.25
N VAL A 1284 -39.18 -7.91 -5.48
CA VAL A 1284 -40.54 -8.25 -5.08
C VAL A 1284 -41.10 -9.35 -5.98
N VAL A 1285 -40.63 -9.44 -7.22
CA VAL A 1285 -41.01 -10.56 -8.09
C VAL A 1285 -40.45 -11.87 -7.54
N LEU A 1286 -39.16 -11.90 -7.23
CA LEU A 1286 -38.56 -13.14 -6.74
C LEU A 1286 -38.96 -13.48 -5.32
N ALA A 1287 -39.44 -12.51 -4.55
CA ALA A 1287 -39.82 -12.79 -3.18
C ALA A 1287 -41.31 -13.06 -3.01
N ILE A 1288 -42.15 -12.66 -3.96
CA ILE A 1288 -43.52 -13.17 -3.97
C ILE A 1288 -43.55 -14.56 -4.57
N ALA A 1289 -42.71 -14.83 -5.58
CA ALA A 1289 -42.60 -16.17 -6.15
C ALA A 1289 -42.02 -17.18 -5.19
N GLY A 1290 -41.31 -16.75 -4.15
CA GLY A 1290 -40.78 -17.66 -3.16
C GLY A 1290 -41.81 -18.07 -2.13
N LEU A 1291 -42.79 -17.22 -1.88
CA LEU A 1291 -43.82 -17.49 -0.87
C LEU A 1291 -45.06 -18.13 -1.51
N MET A 1292 -45.71 -17.40 -2.42
CA MET A 1292 -46.73 -18.03 -3.25
C MET A 1292 -46.08 -18.62 -4.49
N LEU A 1293 -46.66 -19.71 -4.99
CA LEU A 1293 -46.06 -20.57 -6.01
C LEU A 1293 -44.69 -21.05 -5.55
N SER A 1294 -44.61 -21.53 -4.31
CA SER A 1294 -43.35 -22.00 -3.73
C SER A 1294 -42.89 -23.29 -4.37
N ASP A 1295 -43.70 -24.33 -4.25
CA ASP A 1295 -43.35 -25.68 -4.72
C ASP A 1295 -43.80 -25.89 -6.17
N VAL A 1296 -43.25 -25.07 -7.06
CA VAL A 1296 -43.57 -25.20 -8.48
C VAL A 1296 -42.85 -26.41 -9.09
N ILE A 1297 -41.52 -26.38 -9.11
CA ILE A 1297 -40.71 -27.58 -9.35
C ILE A 1297 -39.71 -27.63 -8.20
N GLU A 1298 -39.35 -26.44 -7.71
CA GLU A 1298 -38.42 -26.13 -6.61
C GLU A 1298 -37.14 -26.97 -6.57
N LYS A 1299 -36.62 -27.35 -7.74
CA LYS A 1299 -35.29 -27.98 -7.81
C LYS A 1299 -34.21 -26.99 -7.39
N TYR A 1300 -33.97 -25.99 -8.25
CA TYR A 1300 -33.25 -24.78 -7.84
C TYR A 1300 -33.67 -23.66 -8.80
N PHE A 1301 -34.65 -22.87 -8.36
CA PHE A 1301 -35.10 -21.72 -9.15
C PHE A 1301 -35.05 -20.42 -8.36
N ILE A 1302 -35.60 -20.43 -7.16
CA ILE A 1302 -35.80 -19.24 -6.33
C ILE A 1302 -34.95 -19.47 -5.08
N SER A 1303 -33.76 -20.05 -5.30
CA SER A 1303 -32.78 -20.41 -4.28
C SER A 1303 -32.52 -19.24 -3.32
N PRO A 1304 -32.57 -19.46 -2.01
CA PRO A 1304 -32.65 -18.34 -1.06
C PRO A 1304 -31.35 -17.56 -0.91
N THR A 1305 -30.26 -17.99 -1.52
CA THR A 1305 -29.08 -17.14 -1.58
C THR A 1305 -29.32 -15.92 -2.46
N LEU A 1306 -29.95 -16.12 -3.61
CA LEU A 1306 -30.13 -15.03 -4.56
C LEU A 1306 -31.16 -14.00 -4.08
N LEU A 1307 -32.03 -14.36 -3.15
CA LEU A 1307 -32.90 -13.36 -2.55
C LEU A 1307 -32.20 -12.59 -1.44
N ARG A 1308 -31.26 -13.23 -0.75
CA ARG A 1308 -30.49 -12.53 0.26
C ARG A 1308 -29.57 -11.50 -0.37
N ILE A 1309 -29.06 -11.77 -1.57
CA ILE A 1309 -28.20 -10.81 -2.24
C ILE A 1309 -29.00 -9.59 -2.69
N LEU A 1310 -30.29 -9.76 -2.97
CA LEU A 1310 -31.10 -8.65 -3.44
C LEU A 1310 -31.75 -7.84 -2.33
N ARG A 1311 -31.83 -8.36 -1.11
CA ARG A 1311 -32.26 -7.52 0.01
C ARG A 1311 -31.18 -6.52 0.38
N ILE A 1312 -29.94 -6.96 0.38
CA ILE A 1312 -28.83 -6.11 0.82
C ILE A 1312 -28.46 -5.13 -0.27
N LEU A 1313 -28.75 -5.45 -1.53
CA LEU A 1313 -28.33 -4.61 -2.63
C LEU A 1313 -29.19 -3.37 -2.78
N ARG A 1314 -30.34 -3.31 -2.13
CA ARG A 1314 -31.17 -2.13 -2.21
C ARG A 1314 -30.76 -1.02 -1.26
N VAL A 1315 -29.75 -1.24 -0.42
CA VAL A 1315 -29.30 -0.19 0.49
C VAL A 1315 -28.51 0.85 -0.28
N GLY A 1316 -28.03 0.51 -1.48
CA GLY A 1316 -27.32 1.44 -2.33
C GLY A 1316 -28.09 2.65 -2.83
N ARG A 1317 -29.39 2.73 -2.53
CA ARG A 1317 -30.12 3.98 -2.77
C ARG A 1317 -29.68 5.08 -1.82
N LEU A 1318 -29.07 4.72 -0.68
CA LEU A 1318 -28.50 5.74 0.22
C LEU A 1318 -27.41 6.56 -0.44
N LEU A 1319 -26.69 6.00 -1.40
CA LEU A 1319 -25.69 6.76 -2.14
C LEU A 1319 -26.30 7.87 -2.98
N ARG A 1320 -27.56 7.73 -3.37
CA ARG A 1320 -28.28 8.76 -4.10
C ARG A 1320 -29.36 9.36 -3.20
N TYR A 1321 -29.04 9.50 -1.91
CA TYR A 1321 -30.02 9.98 -0.95
C TYR A 1321 -29.58 11.27 -0.29
N PHE A 1322 -28.41 11.30 0.34
CA PHE A 1322 -28.02 12.46 1.11
C PHE A 1322 -27.30 13.48 0.24
N GLN A 1323 -27.72 14.74 0.36
CA GLN A 1323 -27.03 15.86 -0.24
C GLN A 1323 -26.67 16.92 0.78
N SER A 1324 -27.21 16.84 2.00
CA SER A 1324 -26.82 17.75 3.07
C SER A 1324 -25.42 17.45 3.58
N ALA A 1325 -24.91 16.26 3.31
CA ALA A 1325 -23.52 15.93 3.65
C ALA A 1325 -22.67 16.28 2.43
N ARG A 1326 -22.24 17.54 2.36
CA ARG A 1326 -21.41 17.97 1.25
C ARG A 1326 -20.02 17.37 1.31
N GLY A 1327 -19.57 16.97 2.51
CA GLY A 1327 -18.29 16.30 2.61
C GLY A 1327 -18.28 14.90 2.03
N MET A 1328 -19.44 14.24 1.98
CA MET A 1328 -19.50 12.91 1.38
C MET A 1328 -19.75 12.96 -0.11
N ARG A 1329 -20.55 13.91 -0.58
CA ARG A 1329 -20.88 14.00 -2.00
C ARG A 1329 -19.72 14.51 -2.84
N LEU A 1330 -18.69 15.05 -2.21
CA LEU A 1330 -17.44 15.32 -2.90
C LEU A 1330 -16.59 14.07 -3.07
N LEU A 1331 -16.93 12.98 -2.40
CA LEU A 1331 -16.29 11.69 -2.65
C LEU A 1331 -17.14 10.73 -3.46
N LEU A 1332 -18.46 10.86 -3.43
CA LEU A 1332 -19.27 10.04 -4.32
C LEU A 1332 -19.24 10.57 -5.74
N LEU A 1333 -19.10 11.88 -5.92
CA LEU A 1333 -19.02 12.43 -7.27
C LEU A 1333 -17.64 12.25 -7.87
N ALA A 1334 -16.60 12.25 -7.03
CA ALA A 1334 -15.27 11.95 -7.52
C ALA A 1334 -15.13 10.48 -7.86
N LEU A 1335 -15.91 9.62 -7.20
CA LEU A 1335 -15.91 8.21 -7.52
C LEU A 1335 -16.56 7.95 -8.88
N ARG A 1336 -17.74 8.55 -9.12
CA ARG A 1336 -18.51 8.27 -10.33
C ARG A 1336 -17.81 8.76 -11.59
N LYS A 1337 -17.02 9.81 -11.50
CA LYS A 1337 -16.30 10.26 -12.68
C LYS A 1337 -15.07 9.43 -12.97
N ALA A 1338 -14.75 8.45 -12.13
CA ALA A 1338 -13.61 7.60 -12.35
C ALA A 1338 -13.96 6.15 -12.66
N LEU A 1339 -15.23 5.73 -12.49
CA LEU A 1339 -15.55 4.32 -12.70
C LEU A 1339 -15.36 3.87 -14.12
N ARG A 1340 -15.53 4.75 -15.11
CA ARG A 1340 -15.30 4.31 -16.48
C ARG A 1340 -13.83 4.07 -16.74
N THR A 1341 -12.95 4.88 -16.15
CA THR A 1341 -11.51 4.69 -16.31
C THR A 1341 -10.90 3.87 -15.19
N LEU A 1342 -11.69 3.37 -14.24
CA LEU A 1342 -11.24 2.32 -13.34
C LEU A 1342 -11.74 0.96 -13.75
N PHE A 1343 -12.70 0.89 -14.67
CA PHE A 1343 -13.01 -0.38 -15.31
C PHE A 1343 -11.97 -0.73 -16.36
N ASN A 1344 -11.32 0.26 -16.94
CA ASN A 1344 -10.31 -0.02 -17.94
C ASN A 1344 -8.98 -0.44 -17.32
N VAL A 1345 -8.70 -0.05 -16.08
CA VAL A 1345 -7.47 -0.50 -15.45
C VAL A 1345 -7.58 -1.96 -15.04
N SER A 1346 -8.76 -2.39 -14.59
CA SER A 1346 -8.97 -3.79 -14.29
C SER A 1346 -9.11 -4.64 -15.53
N PHE A 1347 -9.66 -4.08 -16.61
CA PHE A 1347 -9.78 -4.84 -17.85
C PHE A 1347 -8.44 -4.99 -18.54
N LEU A 1348 -7.48 -4.12 -18.27
CA LEU A 1348 -6.11 -4.38 -18.65
C LEU A 1348 -5.46 -5.38 -17.72
N LEU A 1349 -5.92 -5.47 -16.48
CA LEU A 1349 -5.35 -6.44 -15.55
C LEU A 1349 -5.83 -7.85 -15.84
N PHE A 1350 -7.06 -7.99 -16.32
CA PHE A 1350 -7.56 -9.32 -16.68
C PHE A 1350 -6.87 -9.86 -17.93
N VAL A 1351 -6.48 -8.98 -18.85
CA VAL A 1351 -5.74 -9.45 -20.02
C VAL A 1351 -4.34 -9.91 -19.64
N ILE A 1352 -3.70 -9.21 -18.70
CA ILE A 1352 -2.39 -9.64 -18.23
C ILE A 1352 -2.49 -10.94 -17.42
N MET A 1353 -3.52 -11.06 -16.60
CA MET A 1353 -3.82 -12.33 -15.96
C MET A 1353 -4.22 -13.41 -16.95
N PHE A 1354 -4.72 -13.04 -18.13
CA PHE A 1354 -5.00 -14.04 -19.14
C PHE A 1354 -3.72 -14.52 -19.81
N VAL A 1355 -2.74 -13.63 -19.98
CA VAL A 1355 -1.51 -14.00 -20.66
C VAL A 1355 -0.70 -14.97 -19.80
N TYR A 1356 -0.53 -14.67 -18.52
CA TYR A 1356 0.33 -15.56 -17.74
C TYR A 1356 -0.38 -16.83 -17.32
N ALA A 1357 -1.71 -16.85 -17.33
CA ALA A 1357 -2.42 -18.09 -17.01
C ALA A 1357 -2.29 -19.10 -18.12
N VAL A 1358 -2.03 -18.66 -19.34
CA VAL A 1358 -1.84 -19.58 -20.45
C VAL A 1358 -0.39 -20.05 -20.50
N PHE A 1359 0.56 -19.15 -20.24
CA PHE A 1359 1.95 -19.55 -20.11
C PHE A 1359 2.20 -20.36 -18.85
N GLY A 1360 1.43 -20.12 -17.80
CA GLY A 1360 1.60 -20.87 -16.58
C GLY A 1360 1.09 -22.29 -16.69
N MET A 1361 0.05 -22.51 -17.50
CA MET A 1361 -0.40 -23.88 -17.73
C MET A 1361 0.53 -24.65 -18.62
N GLU A 1362 1.42 -24.00 -19.37
CA GLU A 1362 2.40 -24.78 -20.11
C GLU A 1362 3.57 -25.15 -19.22
N PHE A 1363 4.14 -24.16 -18.55
CA PHE A 1363 5.38 -24.36 -17.80
C PHE A 1363 5.12 -25.18 -16.54
N PHE A 1364 4.14 -24.80 -15.74
CA PHE A 1364 4.06 -25.27 -14.37
C PHE A 1364 2.83 -26.12 -14.10
N MET A 1365 2.50 -27.04 -14.99
CA MET A 1365 1.29 -27.81 -14.88
C MET A 1365 1.47 -29.15 -14.20
N HIS A 1366 2.64 -29.77 -14.35
CA HIS A 1366 2.86 -31.10 -13.81
C HIS A 1366 3.67 -31.07 -12.53
N ILE A 1367 3.79 -29.91 -11.88
CA ILE A 1367 4.61 -29.73 -10.69
C ILE A 1367 4.05 -30.58 -9.55
N ARG A 1368 4.94 -31.18 -8.76
CA ARG A 1368 4.46 -31.96 -7.64
C ARG A 1368 4.09 -31.06 -6.47
N ASP A 1369 3.29 -31.61 -5.56
CA ASP A 1369 2.58 -30.83 -4.55
C ASP A 1369 3.54 -30.47 -3.40
N ALA A 1370 3.83 -29.18 -3.25
CA ALA A 1370 4.81 -28.76 -2.26
C ALA A 1370 4.51 -27.35 -1.78
N GLY A 1371 4.13 -27.21 -0.52
CA GLY A 1371 3.96 -25.92 0.11
C GLY A 1371 2.63 -25.24 -0.13
N ALA A 1372 2.46 -24.63 -1.29
CA ALA A 1372 1.23 -23.92 -1.61
C ALA A 1372 0.49 -24.50 -2.79
N ILE A 1373 1.18 -25.15 -3.71
CA ILE A 1373 0.54 -25.81 -4.85
C ILE A 1373 0.10 -27.18 -4.40
N ASP A 1374 -1.21 -27.44 -4.50
CA ASP A 1374 -1.80 -28.67 -4.01
C ASP A 1374 -2.88 -29.16 -4.96
N ASP A 1375 -3.75 -30.03 -4.47
CA ASP A 1375 -4.83 -30.59 -5.28
C ASP A 1375 -5.95 -29.60 -5.61
N VAL A 1376 -5.97 -28.42 -5.01
CA VAL A 1376 -7.02 -27.44 -5.24
C VAL A 1376 -6.49 -26.18 -5.92
N TYR A 1377 -5.38 -25.64 -5.42
CA TYR A 1377 -4.80 -24.41 -5.97
C TYR A 1377 -3.52 -24.78 -6.71
N ASN A 1378 -3.58 -24.79 -8.04
CA ASN A 1378 -2.47 -25.19 -8.88
C ASN A 1378 -2.65 -24.59 -10.26
N PHE A 1379 -1.85 -25.05 -11.23
CA PHE A 1379 -1.87 -24.51 -12.59
C PHE A 1379 -2.38 -25.52 -13.61
N LYS A 1380 -3.33 -26.37 -13.24
CA LYS A 1380 -3.74 -27.43 -14.16
C LYS A 1380 -4.75 -26.94 -15.19
N THR A 1381 -5.91 -26.49 -14.76
CA THR A 1381 -6.90 -25.98 -15.68
C THR A 1381 -6.80 -24.47 -15.75
N PHE A 1382 -7.61 -23.86 -16.61
CA PHE A 1382 -7.64 -22.41 -16.68
C PHE A 1382 -8.37 -21.81 -15.50
N GLY A 1383 -9.28 -22.56 -14.89
CA GLY A 1383 -9.93 -22.07 -13.68
C GLY A 1383 -8.96 -21.94 -12.53
N GLN A 1384 -8.18 -22.99 -12.26
CA GLN A 1384 -7.22 -22.96 -11.16
C GLN A 1384 -6.09 -21.97 -11.38
N SER A 1385 -5.81 -21.58 -12.62
CA SER A 1385 -4.76 -20.58 -12.84
C SER A 1385 -5.21 -19.18 -12.50
N ILE A 1386 -6.48 -18.84 -12.73
CA ILE A 1386 -6.96 -17.50 -12.42
C ILE A 1386 -7.14 -17.31 -10.93
N ILE A 1387 -7.49 -18.39 -10.20
CA ILE A 1387 -7.61 -18.33 -8.75
C ILE A 1387 -6.27 -18.00 -8.10
N LEU A 1388 -5.17 -18.49 -8.65
CA LEU A 1388 -3.86 -18.17 -8.10
C LEU A 1388 -3.35 -16.82 -8.56
N LEU A 1389 -3.53 -16.47 -9.82
CA LEU A 1389 -2.98 -15.22 -10.32
C LEU A 1389 -3.75 -14.00 -9.86
N PHE A 1390 -4.96 -14.17 -9.35
CA PHE A 1390 -5.63 -13.06 -8.68
C PHE A 1390 -5.06 -12.86 -7.28
N GLN A 1391 -4.71 -13.96 -6.61
CA GLN A 1391 -4.05 -13.90 -5.32
C GLN A 1391 -2.68 -13.24 -5.42
N LEU A 1392 -1.90 -13.63 -6.42
CA LEU A 1392 -0.55 -13.16 -6.64
C LEU A 1392 -0.50 -11.79 -7.29
N ALA A 1393 -1.64 -11.23 -7.68
CA ALA A 1393 -1.68 -9.87 -8.19
C ALA A 1393 -1.39 -8.86 -7.09
N THR A 1394 -1.75 -9.19 -5.85
CA THR A 1394 -1.47 -8.35 -4.69
C THR A 1394 -0.25 -8.82 -3.93
N SER A 1395 0.56 -9.68 -4.56
CA SER A 1395 1.74 -10.35 -4.02
C SER A 1395 1.46 -11.16 -2.77
N ALA A 1396 0.23 -11.57 -2.55
CA ALA A 1396 -0.14 -12.28 -1.33
C ALA A 1396 0.32 -13.73 -1.45
N GLY A 1397 1.43 -14.04 -0.79
CA GLY A 1397 1.89 -15.40 -0.76
C GLY A 1397 2.55 -15.88 -2.02
N TRP A 1398 3.40 -15.06 -2.63
CA TRP A 1398 4.22 -15.56 -3.72
C TRP A 1398 5.43 -16.32 -3.22
N ASP A 1399 5.68 -16.33 -1.91
CA ASP A 1399 6.76 -17.13 -1.37
C ASP A 1399 6.44 -18.61 -1.39
N GLY A 1400 5.18 -18.97 -1.13
CA GLY A 1400 4.80 -20.36 -1.20
C GLY A 1400 4.57 -20.85 -2.60
N VAL A 1401 4.30 -19.96 -3.54
CA VAL A 1401 4.18 -20.35 -4.93
C VAL A 1401 5.56 -20.53 -5.54
N TYR A 1402 6.52 -19.71 -5.11
CA TYR A 1402 7.90 -19.84 -5.56
C TYR A 1402 8.54 -21.13 -5.10
N PHE A 1403 8.20 -21.58 -3.90
CA PHE A 1403 8.83 -22.76 -3.33
C PHE A 1403 8.41 -24.04 -4.04
N ALA A 1404 7.29 -24.02 -4.74
CA ALA A 1404 6.84 -25.17 -5.50
C ALA A 1404 7.34 -25.13 -6.95
N ILE A 1405 7.17 -23.99 -7.61
CA ILE A 1405 7.49 -23.92 -9.04
C ILE A 1405 8.97 -23.77 -9.31
N ALA A 1406 9.79 -23.63 -8.27
CA ALA A 1406 11.24 -23.57 -8.39
C ALA A 1406 11.88 -24.62 -7.51
N ASN A 1407 11.37 -25.85 -7.59
CA ASN A 1407 11.84 -26.94 -6.75
C ASN A 1407 12.46 -27.99 -7.66
N GLU A 1408 13.77 -28.21 -7.52
CA GLU A 1408 14.53 -29.09 -8.39
C GLU A 1408 15.16 -30.25 -7.64
N GLU A 1409 14.62 -30.59 -6.47
CA GLU A 1409 15.16 -31.66 -5.64
C GLU A 1409 14.09 -32.72 -5.43
N ASP A 1410 14.48 -33.98 -5.62
CA ASP A 1410 13.62 -35.16 -5.50
C ASP A 1410 12.43 -35.06 -6.45
N CYS A 1411 12.76 -35.02 -7.74
CA CYS A 1411 11.77 -34.92 -8.81
C CYS A 1411 12.11 -35.96 -9.87
N ARG A 1412 11.08 -36.53 -10.47
CA ARG A 1412 11.33 -37.47 -11.55
C ARG A 1412 11.63 -36.73 -12.86
N ALA A 1413 12.00 -37.49 -13.86
CA ALA A 1413 12.49 -36.92 -15.09
C ALA A 1413 11.56 -37.23 -16.26
N PRO A 1414 11.46 -36.36 -17.25
CA PRO A 1414 10.58 -36.63 -18.40
C PRO A 1414 11.17 -37.69 -19.32
N ASP A 1415 10.52 -38.85 -19.37
CA ASP A 1415 10.95 -39.96 -20.22
C ASP A 1415 10.13 -39.90 -21.51
N HIS A 1416 10.54 -38.99 -22.41
CA HIS A 1416 9.72 -38.61 -23.56
C HIS A 1416 9.49 -39.76 -24.54
N GLU A 1417 10.38 -40.75 -24.56
CA GLU A 1417 10.18 -41.92 -25.40
C GLU A 1417 9.12 -42.87 -24.87
N LEU A 1418 8.62 -42.63 -23.66
CA LEU A 1418 7.50 -43.37 -23.07
C LEU A 1418 6.29 -42.49 -22.80
N GLY A 1419 6.51 -41.28 -22.32
CA GLY A 1419 5.44 -40.42 -21.85
C GLY A 1419 5.92 -39.65 -20.64
N TYR A 1420 5.07 -39.48 -19.62
CA TYR A 1420 5.39 -39.02 -18.28
C TYR A 1420 6.18 -37.71 -18.25
N PRO A 1421 5.52 -36.55 -18.38
CA PRO A 1421 6.25 -35.28 -18.50
C PRO A 1421 7.06 -34.87 -17.27
N GLY A 1422 6.89 -35.52 -16.13
CA GLY A 1422 7.85 -35.40 -15.05
C GLY A 1422 7.58 -34.26 -14.09
N ASN A 1423 7.47 -34.56 -12.81
CA ASN A 1423 7.02 -33.59 -11.82
C ASN A 1423 8.12 -32.67 -11.32
N CYS A 1424 8.84 -32.02 -12.20
CA CYS A 1424 10.00 -31.28 -11.75
C CYS A 1424 9.88 -29.80 -12.13
N GLY A 1425 10.15 -28.94 -11.16
CA GLY A 1425 10.07 -27.50 -11.37
C GLY A 1425 11.35 -26.96 -11.94
N SER A 1426 11.35 -25.66 -12.25
CA SER A 1426 12.49 -24.98 -12.82
C SER A 1426 12.88 -23.81 -11.94
N ARG A 1427 14.16 -23.72 -11.57
CA ARG A 1427 14.64 -22.60 -10.77
C ARG A 1427 14.74 -21.33 -11.57
N ALA A 1428 15.31 -21.37 -12.77
CA ALA A 1428 15.49 -20.17 -13.58
C ALA A 1428 14.21 -19.69 -14.22
N LEU A 1429 13.36 -20.60 -14.70
CA LEU A 1429 12.09 -20.20 -15.27
C LEU A 1429 11.09 -19.78 -14.20
N GLY A 1430 11.25 -20.28 -12.97
CA GLY A 1430 10.36 -19.88 -11.90
C GLY A 1430 10.63 -18.50 -11.37
N ILE A 1431 11.88 -18.06 -11.41
CA ILE A 1431 12.21 -16.71 -10.98
C ILE A 1431 11.72 -15.70 -11.99
N ALA A 1432 11.99 -15.93 -13.28
CA ALA A 1432 11.60 -14.99 -14.32
C ALA A 1432 10.08 -14.91 -14.50
N TYR A 1433 9.35 -15.93 -14.09
CA TYR A 1433 7.90 -15.89 -14.17
C TYR A 1433 7.32 -15.00 -13.07
N LEU A 1434 7.77 -15.17 -11.83
CA LEU A 1434 7.19 -14.44 -10.71
C LEU A 1434 7.71 -13.02 -10.61
N VAL A 1435 9.03 -12.83 -10.72
CA VAL A 1435 9.64 -11.52 -10.53
C VAL A 1435 9.19 -10.56 -11.62
N SER A 1436 8.97 -11.06 -12.84
CA SER A 1436 8.38 -10.22 -13.87
C SER A 1436 6.91 -9.97 -13.60
N TYR A 1437 6.23 -10.88 -12.92
CA TYR A 1437 4.82 -10.65 -12.64
C TYR A 1437 4.61 -9.61 -11.56
N LEU A 1438 5.47 -9.58 -10.54
CA LEU A 1438 5.29 -8.63 -9.45
C LEU A 1438 5.63 -7.21 -9.88
N ILE A 1439 6.50 -7.04 -10.88
CA ILE A 1439 6.79 -5.70 -11.39
C ILE A 1439 5.81 -5.28 -12.48
N ILE A 1440 4.81 -6.10 -12.80
CA ILE A 1440 3.75 -5.72 -13.72
C ILE A 1440 2.45 -5.45 -12.97
N THR A 1441 1.93 -6.44 -12.26
CA THR A 1441 0.69 -6.17 -11.56
C THR A 1441 0.93 -5.43 -10.26
N CYS A 1442 1.80 -5.92 -9.38
CA CYS A 1442 1.82 -5.43 -8.01
C CYS A 1442 2.55 -4.11 -7.88
N LEU A 1443 3.29 -3.67 -8.89
CA LEU A 1443 3.97 -2.40 -8.78
C LEU A 1443 3.54 -1.35 -9.80
N VAL A 1444 3.03 -1.73 -10.98
CA VAL A 1444 2.62 -0.69 -11.92
C VAL A 1444 1.23 -0.89 -12.50
N VAL A 1445 0.40 -1.76 -11.91
CA VAL A 1445 -1.00 -1.80 -12.31
C VAL A 1445 -1.87 -1.62 -11.07
N ILE A 1446 -1.51 -2.27 -9.97
CA ILE A 1446 -2.18 -2.01 -8.71
C ILE A 1446 -1.94 -0.58 -8.25
N ASN A 1447 -0.77 -0.02 -8.56
CA ASN A 1447 -0.49 1.38 -8.27
C ASN A 1447 -1.09 2.32 -9.30
N MET A 1448 -1.81 1.81 -10.30
CA MET A 1448 -2.51 2.65 -11.26
C MET A 1448 -3.88 3.09 -10.76
N TYR A 1449 -4.51 2.31 -9.89
CA TYR A 1449 -5.79 2.73 -9.31
C TYR A 1449 -5.60 3.96 -8.43
N ALA A 1450 -4.50 4.02 -7.69
CA ALA A 1450 -4.27 5.16 -6.82
C ALA A 1450 -3.93 6.42 -7.60
N ALA A 1451 -3.40 6.27 -8.81
CA ALA A 1451 -3.11 7.41 -9.66
C ALA A 1451 -4.36 8.00 -10.29
N VAL A 1452 -5.40 7.18 -10.44
CA VAL A 1452 -6.66 7.65 -11.00
C VAL A 1452 -7.51 8.32 -9.93
N ILE A 1453 -7.57 7.71 -8.75
CA ILE A 1453 -8.35 8.26 -7.63
C ILE A 1453 -7.79 9.61 -7.20
N LEU A 1454 -6.47 9.71 -7.06
CA LEU A 1454 -5.87 10.96 -6.65
C LEU A 1454 -5.97 12.04 -7.72
N ASP A 1455 -6.20 11.68 -8.97
CA ASP A 1455 -6.35 12.71 -9.98
C ASP A 1455 -7.75 13.32 -9.95
N TYR A 1456 -8.79 12.48 -9.84
CA TYR A 1456 -10.15 12.98 -9.87
C TYR A 1456 -10.61 13.60 -8.56
N VAL A 1457 -10.16 13.08 -7.42
CA VAL A 1457 -10.49 13.68 -6.13
C VAL A 1457 -9.90 15.07 -6.02
N LEU A 1458 -8.68 15.24 -6.51
CA LEU A 1458 -8.02 16.54 -6.46
C LEU A 1458 -8.65 17.54 -7.42
N GLU A 1459 -9.36 17.08 -8.44
CA GLU A 1459 -10.11 17.98 -9.30
C GLU A 1459 -11.42 18.41 -8.66
N VAL A 1460 -12.11 17.49 -7.99
CA VAL A 1460 -13.40 17.78 -7.38
C VAL A 1460 -13.25 18.76 -6.23
N TYR A 1461 -12.20 18.62 -5.43
CA TYR A 1461 -11.96 19.61 -4.38
C TYR A 1461 -11.51 20.95 -4.92
N GLU A 1462 -10.98 21.00 -6.14
CA GLU A 1462 -10.70 22.28 -6.78
C GLU A 1462 -11.91 22.86 -7.49
N ASP A 1463 -13.11 22.37 -7.19
CA ASP A 1463 -14.34 22.95 -7.65
C ASP A 1463 -15.28 23.33 -6.52
N SER A 1464 -14.99 22.94 -5.29
CA SER A 1464 -15.76 23.42 -4.16
C SER A 1464 -15.12 24.64 -3.53
N LYS A 1465 -13.81 24.79 -3.69
CA LYS A 1465 -13.10 25.94 -3.16
C LYS A 1465 -12.85 27.00 -4.21
N GLU A 1466 -13.13 26.72 -5.48
CA GLU A 1466 -13.05 27.73 -6.52
C GLU A 1466 -14.27 27.76 -7.44
N GLY A 1467 -15.25 26.87 -7.24
CA GLY A 1467 -16.51 27.21 -7.91
C GLY A 1467 -17.14 26.16 -8.78
N LEU A 1468 -18.42 25.90 -8.50
CA LEU A 1468 -19.36 25.17 -9.35
C LEU A 1468 -18.99 23.72 -9.67
N THR A 1469 -19.16 22.83 -8.70
CA THR A 1469 -19.06 21.40 -8.94
C THR A 1469 -20.18 20.92 -9.87
N ASP A 1470 -20.12 19.64 -10.22
CA ASP A 1470 -21.08 19.09 -11.17
C ASP A 1470 -22.44 18.89 -10.54
N ASP A 1471 -22.52 18.79 -9.22
CA ASP A 1471 -23.81 18.70 -8.53
C ASP A 1471 -24.45 20.07 -8.38
N ASP A 1472 -23.73 21.15 -8.65
CA ASP A 1472 -24.31 22.48 -8.62
C ASP A 1472 -25.18 22.72 -9.85
N TYR A 1473 -24.73 22.23 -11.02
CA TYR A 1473 -25.55 22.34 -12.22
C TYR A 1473 -26.78 21.45 -12.14
N ASP A 1474 -26.65 20.28 -11.56
CA ASP A 1474 -27.77 19.36 -11.45
C ASP A 1474 -28.79 19.76 -10.40
N MET A 1475 -28.56 20.85 -9.67
CA MET A 1475 -29.61 21.40 -8.82
C MET A 1475 -30.35 22.55 -9.48
N PHE A 1476 -29.66 23.32 -10.32
CA PHE A 1476 -30.33 24.39 -11.08
C PHE A 1476 -31.40 23.83 -11.99
N PHE A 1477 -31.11 22.73 -12.68
CA PHE A 1477 -32.14 22.14 -13.53
C PHE A 1477 -33.17 21.34 -12.75
N GLU A 1478 -32.96 21.14 -11.46
CA GLU A 1478 -33.97 20.53 -10.60
C GLU A 1478 -34.98 21.56 -10.11
N VAL A 1479 -34.52 22.78 -9.85
CA VAL A 1479 -35.43 23.88 -9.50
C VAL A 1479 -35.92 24.61 -10.75
N TRP A 1480 -35.36 24.31 -11.91
CA TRP A 1480 -35.87 24.87 -13.15
C TRP A 1480 -37.19 24.24 -13.56
N GLN A 1481 -37.36 22.93 -13.33
CA GLN A 1481 -38.61 22.30 -13.70
C GLN A 1481 -39.70 22.54 -12.68
N GLN A 1482 -39.37 23.10 -11.51
CA GLN A 1482 -40.41 23.52 -10.58
C GLN A 1482 -41.11 24.78 -11.07
N PHE A 1483 -40.49 25.54 -11.98
CA PHE A 1483 -41.12 26.66 -12.64
C PHE A 1483 -41.44 26.39 -14.10
N ASP A 1484 -40.74 25.45 -14.74
CA ASP A 1484 -40.98 25.06 -16.13
C ASP A 1484 -41.18 23.56 -16.21
N PRO A 1485 -42.40 23.08 -15.94
CA PRO A 1485 -42.62 21.62 -15.98
C PRO A 1485 -42.94 21.09 -17.36
N GLU A 1486 -42.22 21.51 -18.40
CA GLU A 1486 -42.53 21.10 -19.76
C GLU A 1486 -41.24 20.91 -20.54
N ALA A 1487 -41.40 20.63 -21.83
CA ALA A 1487 -40.29 20.51 -22.76
C ALA A 1487 -39.75 21.87 -23.22
N THR A 1488 -40.38 22.97 -22.81
CA THR A 1488 -39.88 24.29 -23.17
C THR A 1488 -38.58 24.59 -22.44
N GLN A 1489 -37.90 25.63 -22.89
CA GLN A 1489 -36.66 26.07 -22.29
C GLN A 1489 -36.73 27.53 -21.85
N TYR A 1490 -37.92 28.11 -21.84
CA TYR A 1490 -38.15 29.49 -21.49
C TYR A 1490 -39.07 29.55 -20.28
N ILE A 1491 -38.99 30.64 -19.53
CA ILE A 1491 -39.93 30.90 -18.44
C ILE A 1491 -40.45 32.32 -18.55
N ARG A 1492 -41.22 32.75 -17.56
CA ARG A 1492 -41.73 34.11 -17.49
C ARG A 1492 -40.76 34.98 -16.71
N TYR A 1493 -40.61 36.23 -17.14
CA TYR A 1493 -39.69 37.18 -16.51
C TYR A 1493 -40.14 37.56 -15.11
N ASP A 1494 -41.41 37.35 -14.77
CA ASP A 1494 -41.89 37.53 -13.40
C ASP A 1494 -41.23 36.55 -12.45
N GLN A 1495 -41.08 35.30 -12.88
CA GLN A 1495 -40.67 34.22 -11.99
C GLN A 1495 -39.19 34.25 -11.64
N LEU A 1496 -38.41 35.21 -12.18
CA LEU A 1496 -36.97 35.22 -11.98
C LEU A 1496 -36.62 35.51 -10.52
N SER A 1497 -37.49 36.24 -9.81
CA SER A 1497 -37.23 36.55 -8.41
C SER A 1497 -37.45 35.34 -7.52
N GLU A 1498 -38.11 34.30 -8.05
CA GLU A 1498 -38.34 33.12 -7.24
C GLU A 1498 -37.41 31.97 -7.64
N LEU A 1499 -36.74 32.10 -8.79
CA LEU A 1499 -35.65 31.19 -9.10
C LEU A 1499 -34.51 31.41 -8.12
N LEU A 1500 -34.13 32.67 -7.95
CA LEU A 1500 -32.89 33.04 -7.26
C LEU A 1500 -33.07 33.01 -5.75
N GLU A 1501 -34.25 32.62 -5.27
CA GLU A 1501 -34.55 32.52 -3.85
C GLU A 1501 -34.79 31.09 -3.39
N ALA A 1502 -35.24 30.21 -4.28
CA ALA A 1502 -35.63 28.85 -3.92
C ALA A 1502 -34.46 27.86 -3.90
N LEU A 1503 -33.47 28.07 -4.76
CA LEU A 1503 -32.36 27.12 -4.85
C LEU A 1503 -31.39 27.29 -3.68
N GLN A 1504 -30.34 26.45 -3.65
CA GLN A 1504 -29.37 26.50 -2.56
C GLN A 1504 -28.13 27.27 -2.99
N PRO A 1505 -27.27 27.73 -2.06
CA PRO A 1505 -25.98 28.28 -2.46
C PRO A 1505 -25.10 27.20 -3.06
N PRO A 1506 -24.08 27.56 -3.87
CA PRO A 1506 -23.55 28.89 -4.20
C PRO A 1506 -24.18 29.61 -5.39
N LEU A 1507 -25.50 29.60 -5.55
CA LEU A 1507 -26.12 30.35 -6.64
C LEU A 1507 -27.24 31.27 -6.18
N GLN A 1508 -27.46 31.42 -4.87
CA GLN A 1508 -28.59 32.20 -4.39
C GLN A 1508 -28.33 33.69 -4.50
N VAL A 1509 -29.43 34.44 -4.64
CA VAL A 1509 -29.44 35.89 -4.48
C VAL A 1509 -30.65 36.22 -3.62
N GLN A 1510 -30.43 36.73 -2.42
CA GLN A 1510 -31.52 36.96 -1.47
C GLN A 1510 -32.28 38.24 -1.84
N LYS A 1511 -33.19 38.63 -0.97
CA LYS A 1511 -34.07 39.77 -1.18
C LYS A 1511 -33.49 41.02 -0.53
N PRO A 1512 -33.65 42.20 -1.15
CA PRO A 1512 -34.26 42.46 -2.45
C PRO A 1512 -33.29 42.22 -3.62
N ASN A 1513 -33.69 41.36 -4.54
CA ASN A 1513 -32.80 40.95 -5.61
C ASN A 1513 -32.92 41.80 -6.86
N LYS A 1514 -33.92 42.68 -6.94
CA LYS A 1514 -34.24 43.36 -8.20
C LYS A 1514 -33.18 44.37 -8.62
N TYR A 1515 -32.31 44.82 -7.71
CA TYR A 1515 -31.17 45.63 -8.11
C TYR A 1515 -29.94 44.79 -8.44
N LYS A 1516 -29.97 43.50 -8.15
CA LYS A 1516 -28.92 42.59 -8.58
C LYS A 1516 -29.21 41.98 -9.95
N ILE A 1517 -30.42 42.16 -10.46
CA ILE A 1517 -30.80 41.61 -11.74
C ILE A 1517 -30.69 42.66 -12.86
N LEU A 1518 -30.90 43.93 -12.52
CA LEU A 1518 -30.70 45.03 -13.45
C LEU A 1518 -29.26 45.08 -13.95
N SER A 1519 -28.31 44.99 -13.01
CA SER A 1519 -26.90 44.96 -13.39
C SER A 1519 -26.49 43.63 -14.00
N MET A 1520 -27.32 42.59 -13.86
CA MET A 1520 -26.95 41.27 -14.32
C MET A 1520 -27.08 41.14 -15.84
N ASN A 1521 -28.02 41.91 -16.42
CA ASN A 1521 -28.16 42.12 -17.87
C ASN A 1521 -28.43 40.80 -18.61
N ILE A 1522 -29.59 40.23 -18.30
CA ILE A 1522 -30.08 39.03 -18.99
C ILE A 1522 -30.81 39.49 -20.25
N PRO A 1523 -30.51 38.92 -21.42
CA PRO A 1523 -31.20 39.37 -22.65
C PRO A 1523 -32.65 38.93 -22.72
N ILE A 1524 -33.56 39.89 -22.50
CA ILE A 1524 -34.98 39.63 -22.47
C ILE A 1524 -35.46 39.41 -23.91
N CYS A 1525 -35.91 38.19 -24.21
CA CYS A 1525 -36.56 37.96 -25.49
C CYS A 1525 -38.00 38.45 -25.43
N LYS A 1526 -38.66 38.46 -26.59
CA LYS A 1526 -39.97 39.09 -26.72
C LYS A 1526 -41.04 38.32 -25.97
N ASP A 1527 -42.15 39.03 -25.70
CA ASP A 1527 -43.32 38.55 -24.96
C ASP A 1527 -42.98 38.09 -23.54
N ASP A 1528 -41.96 38.73 -22.95
CA ASP A 1528 -41.48 38.48 -21.58
C ASP A 1528 -41.09 37.01 -21.38
N HIS A 1529 -40.06 36.62 -22.10
CA HIS A 1529 -39.49 35.29 -21.95
C HIS A 1529 -37.98 35.39 -21.93
N ILE A 1530 -37.36 34.61 -21.05
CA ILE A 1530 -35.91 34.53 -20.91
C ILE A 1530 -35.49 33.09 -21.14
N PHE A 1531 -34.24 32.92 -21.53
CA PHE A 1531 -33.73 31.62 -21.91
C PHE A 1531 -32.83 31.09 -20.80
N TYR A 1532 -32.80 29.76 -20.65
CA TYR A 1532 -32.13 29.18 -19.48
C TYR A 1532 -30.62 29.32 -19.57
N LYS A 1533 -30.08 29.36 -20.79
CA LYS A 1533 -28.65 29.51 -20.97
C LYS A 1533 -28.20 30.90 -20.51
N ASP A 1534 -28.98 31.92 -20.86
CA ASP A 1534 -28.64 33.29 -20.52
C ASP A 1534 -28.92 33.64 -19.06
N VAL A 1535 -29.45 32.72 -18.28
CA VAL A 1535 -29.62 32.91 -16.85
C VAL A 1535 -28.57 32.05 -16.16
N LEU A 1536 -28.24 30.91 -16.76
CA LEU A 1536 -27.20 30.05 -16.20
C LEU A 1536 -25.84 30.68 -16.37
N GLU A 1537 -25.58 31.31 -17.52
CA GLU A 1537 -24.33 32.05 -17.72
C GLU A 1537 -24.23 33.24 -16.78
N ALA A 1538 -25.35 33.86 -16.45
CA ALA A 1538 -25.33 35.00 -15.55
C ALA A 1538 -25.18 34.57 -14.10
N LEU A 1539 -25.68 33.40 -13.73
CA LEU A 1539 -25.39 32.87 -12.40
C LEU A 1539 -24.00 32.28 -12.29
N VAL A 1540 -23.34 31.98 -13.42
CA VAL A 1540 -21.93 31.61 -13.37
C VAL A 1540 -21.07 32.83 -13.06
N LYS A 1541 -21.28 33.91 -13.82
CA LYS A 1541 -20.46 35.10 -13.69
C LYS A 1541 -20.74 35.90 -12.43
N ASP A 1542 -21.77 35.54 -11.66
CA ASP A 1542 -21.96 36.14 -10.35
C ASP A 1542 -21.05 35.47 -9.32
N VAL A 1543 -20.83 34.16 -9.46
CA VAL A 1543 -20.03 33.42 -8.49
C VAL A 1543 -18.56 33.76 -8.64
N PHE A 1544 -18.08 33.82 -9.88
CA PHE A 1544 -16.67 34.08 -10.10
C PHE A 1544 -16.29 35.53 -9.76
N SER A 1545 -17.25 36.45 -9.83
CA SER A 1545 -16.97 37.83 -9.45
C SER A 1545 -16.86 37.97 -7.94
N ARG A 1546 -17.75 37.34 -7.20
CA ARG A 1546 -17.78 37.53 -5.75
C ARG A 1546 -16.71 36.74 -5.02
N ARG A 1547 -15.98 35.86 -5.70
CA ARG A 1547 -14.89 35.13 -5.09
C ARG A 1547 -13.53 35.50 -5.67
N GLY A 1548 -13.37 35.38 -6.99
CA GLY A 1548 -12.14 35.77 -7.64
C GLY A 1548 -12.19 37.19 -8.16
N SER A 1549 -11.52 38.11 -7.46
CA SER A 1549 -11.68 39.54 -7.72
C SER A 1549 -11.08 39.97 -9.06
N PRO A 1550 -9.76 39.92 -9.22
CA PRO A 1550 -9.17 40.40 -10.47
C PRO A 1550 -8.84 39.28 -11.44
N VAL A 1551 -8.97 38.03 -10.99
CA VAL A 1551 -8.61 36.87 -11.80
C VAL A 1551 -9.84 36.19 -12.39
N GLU A 1552 -11.03 36.77 -12.22
CA GLU A 1552 -12.23 36.15 -12.80
C GLU A 1552 -13.19 37.12 -13.46
N ALA A 1553 -13.01 38.44 -13.36
CA ALA A 1553 -13.86 39.36 -14.08
C ALA A 1553 -13.52 39.35 -15.57
N GLY A 1554 -12.29 39.69 -15.90
CA GLY A 1554 -11.84 39.72 -17.27
C GLY A 1554 -11.37 38.40 -17.83
N ASP A 1555 -11.53 37.31 -17.09
CA ASP A 1555 -11.13 35.98 -17.55
C ASP A 1555 -12.33 35.08 -17.80
N VAL A 1556 -13.29 35.03 -16.87
CA VAL A 1556 -14.46 34.17 -17.05
C VAL A 1556 -15.45 34.70 -18.06
N GLN A 1557 -15.34 35.98 -18.44
CA GLN A 1557 -16.13 36.52 -19.54
C GLN A 1557 -15.37 36.44 -20.87
N ALA A 1558 -14.05 36.45 -20.82
CA ALA A 1558 -13.21 36.31 -22.01
C ALA A 1558 -13.31 34.90 -22.55
N PRO A 1559 -13.48 33.89 -21.68
CA PRO A 1559 -13.57 32.51 -22.16
C PRO A 1559 -14.92 32.20 -22.79
N ASN A 1560 -15.99 32.77 -22.22
CA ASN A 1560 -17.32 32.54 -22.74
C ASN A 1560 -17.53 33.23 -24.07
N VAL A 1561 -16.82 34.33 -24.32
CA VAL A 1561 -16.86 34.96 -25.64
C VAL A 1561 -16.04 34.16 -26.64
N ASP A 1562 -15.07 33.38 -26.16
CA ASP A 1562 -14.22 32.59 -27.05
C ASP A 1562 -14.94 31.36 -27.58
N GLU A 1563 -16.03 30.94 -26.95
CA GLU A 1563 -16.83 29.82 -27.45
C GLU A 1563 -18.10 30.29 -28.16
N ALA A 1564 -18.84 31.20 -27.55
CA ALA A 1564 -20.06 31.72 -28.14
C ALA A 1564 -19.76 32.67 -29.31
N SER B 1 41.93 -49.97 7.66
CA SER B 1 40.83 -50.92 7.78
C SER B 1 39.65 -50.30 8.55
N ALA B 2 39.43 -49.01 8.29
CA ALA B 2 38.40 -48.18 8.95
C ALA B 2 38.56 -48.24 10.48
N LYS B 3 39.82 -48.17 10.93
CA LYS B 3 40.13 -48.42 12.34
C LYS B 3 39.68 -47.26 13.22
N ASP B 4 39.93 -46.03 12.77
CA ASP B 4 39.56 -44.83 13.50
C ASP B 4 39.29 -43.76 12.46
N GLY B 5 39.29 -42.49 12.86
CA GLY B 5 39.35 -41.45 11.87
C GLY B 5 40.72 -41.48 11.21
N ASP B 6 40.78 -42.00 10.00
CA ASP B 6 42.03 -42.31 9.35
C ASP B 6 41.99 -41.82 7.91
N VAL B 7 43.14 -41.40 7.41
CA VAL B 7 43.24 -40.72 6.12
C VAL B 7 44.34 -41.39 5.31
N GLU B 8 44.10 -41.53 4.01
CA GLU B 8 45.10 -42.03 3.08
C GLU B 8 45.56 -40.92 2.15
N GLY B 9 46.84 -40.94 1.81
CA GLY B 9 47.42 -39.96 0.93
C GLY B 9 48.93 -39.95 1.03
N PRO B 10 49.55 -38.85 0.61
CA PRO B 10 51.01 -38.75 0.68
C PRO B 10 51.49 -38.34 2.06
N ALA B 11 52.80 -38.11 2.19
CA ALA B 11 53.35 -37.53 3.39
C ALA B 11 53.02 -36.04 3.45
N GLY B 12 53.15 -35.46 4.64
CA GLY B 12 52.72 -34.09 4.83
C GLY B 12 51.23 -33.92 4.76
N CYS B 13 50.48 -34.94 5.15
CA CYS B 13 49.03 -34.96 5.01
C CYS B 13 48.40 -34.05 6.06
N LYS B 14 47.53 -33.16 5.60
CA LYS B 14 46.76 -32.29 6.48
C LYS B 14 45.33 -32.79 6.55
N LYS B 15 44.88 -33.08 7.76
CA LYS B 15 43.62 -33.77 8.00
C LYS B 15 42.46 -32.78 7.82
N TYR B 16 41.24 -33.27 8.00
CA TYR B 16 40.04 -32.44 7.92
C TYR B 16 40.04 -31.35 8.98
N ASP B 17 39.45 -30.21 8.63
CA ASP B 17 39.26 -29.03 9.48
C ASP B 17 40.61 -28.45 9.93
N VAL B 18 41.62 -28.55 9.07
CA VAL B 18 42.95 -28.01 9.32
C VAL B 18 43.29 -27.09 8.16
N GLU B 19 43.97 -25.97 8.45
CA GLU B 19 44.27 -24.96 7.44
C GLU B 19 45.20 -25.48 6.37
N CYS B 20 44.89 -25.15 5.11
CA CYS B 20 45.60 -25.65 3.95
C CYS B 20 45.99 -24.50 3.03
N ASP B 21 46.85 -24.81 2.06
CA ASP B 21 47.27 -23.80 1.09
C ASP B 21 47.55 -24.50 -0.24
N SER B 22 46.53 -24.52 -1.11
CA SER B 22 46.63 -24.78 -2.55
C SER B 22 47.24 -26.14 -2.85
N GLY B 23 46.53 -27.17 -2.43
CA GLY B 23 46.94 -28.52 -2.75
C GLY B 23 47.63 -29.27 -1.64
N GLU B 24 47.82 -28.66 -0.47
CA GLU B 24 48.33 -29.37 0.70
C GLU B 24 47.20 -29.93 1.56
N CYS B 25 46.23 -30.58 0.93
CA CYS B 25 45.28 -31.46 1.58
C CYS B 25 45.62 -32.89 1.20
N CYS B 26 44.75 -33.81 1.57
CA CYS B 26 44.99 -35.22 1.36
C CYS B 26 43.99 -35.76 0.35
N GLN B 27 44.16 -37.02 -0.01
CA GLN B 27 43.34 -37.61 -1.06
C GLN B 27 41.92 -37.85 -0.57
N LYS B 28 41.78 -38.55 0.54
CA LYS B 28 40.50 -39.05 1.02
C LYS B 28 40.59 -39.47 2.47
N GLN B 29 39.60 -39.09 3.29
CA GLN B 29 39.60 -39.37 4.72
C GLN B 29 38.32 -40.08 5.11
N TYR B 30 38.45 -41.08 5.96
CA TYR B 30 37.31 -41.77 6.57
C TYR B 30 36.95 -41.00 7.82
N LEU B 31 35.90 -40.19 7.76
CA LEU B 31 35.58 -39.31 8.88
C LEU B 31 34.18 -39.53 9.48
N TRP B 32 33.13 -39.60 8.67
CA TRP B 32 31.77 -39.78 9.20
C TRP B 32 31.14 -40.94 8.46
N TYR B 33 31.50 -42.15 8.89
CA TYR B 33 30.99 -43.45 8.45
C TYR B 33 31.18 -43.72 6.95
N LYS B 34 31.95 -42.90 6.23
CA LYS B 34 32.21 -43.09 4.81
C LYS B 34 33.62 -42.60 4.51
N TRP B 35 34.07 -42.92 3.30
CA TRP B 35 35.30 -42.37 2.75
C TRP B 35 34.94 -41.19 1.86
N ARG B 36 35.44 -40.01 2.21
CA ARG B 36 35.08 -38.80 1.50
C ARG B 36 36.32 -38.08 0.99
N PRO B 37 36.29 -37.54 -0.22
CA PRO B 37 37.41 -36.76 -0.73
C PRO B 37 37.53 -35.42 -0.04
N LEU B 38 38.67 -34.76 -0.23
CA LEU B 38 38.94 -33.50 0.44
C LEU B 38 39.57 -32.52 -0.54
N ASP B 39 39.00 -31.33 -0.65
CA ASP B 39 39.62 -30.22 -1.34
C ASP B 39 40.10 -29.20 -0.32
N CYS B 40 40.59 -28.07 -0.81
CA CYS B 40 41.07 -26.98 0.05
C CYS B 40 40.18 -25.77 -0.23
N ARG B 41 39.06 -25.71 0.49
CA ARG B 41 38.09 -24.65 0.29
C ARG B 41 38.45 -23.45 1.16
N CYS B 42 37.72 -22.35 0.97
CA CYS B 42 37.94 -21.14 1.77
C CYS B 42 36.58 -20.63 2.23
N LEU B 43 36.41 -20.52 3.53
CA LEU B 43 35.12 -20.23 4.15
C LEU B 43 34.98 -18.73 4.35
N LYS B 44 33.99 -18.31 5.14
CA LYS B 44 33.71 -16.92 5.44
C LYS B 44 33.84 -16.69 6.94
N SER B 45 34.50 -15.59 7.33
CA SER B 45 34.66 -15.27 8.75
C SER B 45 34.87 -13.77 8.87
N GLY B 46 33.81 -13.05 9.27
CA GLY B 46 33.90 -11.61 9.37
C GLY B 46 33.73 -10.96 8.03
N PHE B 47 33.81 -9.63 8.01
CA PHE B 47 33.66 -8.91 6.75
C PHE B 47 34.90 -9.09 5.90
N PHE B 48 34.69 -9.59 4.69
CA PHE B 48 35.67 -9.60 3.59
C PHE B 48 36.93 -10.39 3.94
N SER B 49 36.79 -11.40 4.79
CA SER B 49 37.92 -12.16 5.31
C SER B 49 37.61 -13.63 5.18
N SER B 50 38.40 -14.34 4.39
CA SER B 50 38.22 -15.76 4.17
C SER B 50 39.30 -16.54 4.91
N LYS B 51 38.92 -17.68 5.47
CA LYS B 51 39.82 -18.55 6.21
C LYS B 51 39.76 -19.93 5.56
N CYS B 52 40.90 -20.40 5.05
CA CYS B 52 40.94 -21.55 4.17
C CYS B 52 41.29 -22.83 4.94
N VAL B 53 40.53 -23.88 4.68
CA VAL B 53 40.46 -25.09 5.51
C VAL B 53 40.20 -26.28 4.59
N CYS B 54 40.87 -27.41 4.85
CA CYS B 54 40.53 -28.67 4.17
C CYS B 54 39.10 -29.07 4.51
N ARG B 55 38.26 -29.19 3.49
CA ARG B 55 36.86 -29.52 3.65
C ARG B 55 36.54 -30.75 2.82
N ASP B 56 35.55 -31.52 3.26
CA ASP B 56 35.08 -32.60 2.42
C ASP B 56 34.18 -32.09 1.32
N VAL B 57 34.02 -32.91 0.29
CA VAL B 57 33.20 -32.51 -0.85
C VAL B 57 31.96 -33.38 -0.93
#